data_1M7S
#
_entry.id   1M7S
#
_cell.length_a   60.630
_cell.length_b   153.870
_cell.length_c   109.190
_cell.angle_alpha   90.00
_cell.angle_beta   102.80
_cell.angle_gamma   90.00
#
_symmetry.space_group_name_H-M   'P 1 21 1'
#
loop_
_entity.id
_entity.type
_entity.pdbx_description
1 polymer Catalase
2 non-polymer 'PROTOPORPHYRIN IX CONTAINING FE'
3 water water
#
_entity_poly.entity_id   1
_entity_poly.type   'polypeptide(L)'
_entity_poly.pdbx_seq_one_letter_code
;TDTLTRDNGAVVGDNQNSQTAGAQGPVLLQDVQLLQKLQRFDRERIPERVVHARGTGVKGEFTASADISDLSKATVFKSG
EKTPVFVRFSSVVHGNHSPETLRDPHGFATKFYTADGNWDLVGNNFPTFFIRDAIKFPDMVHAFKPDPRTNLDNDSRRFD
FFSHVPEATRTLTLLYSNEGTPAGYRFMDGNGVHAYKLVNAKGEVHYVKFHWKSLQGIKNLDPKEVAQVQSKDYSHLTND
LVGAIKKGDFPKWDLYVQVLKPEELAKFDFDPLDATKIWPDVPEKKIGQMVLNKNVDNFFQETEQVAMAPANLVPGIEPS
EDRLLQGRVFSYADTQMYRLGANGLSLPVNQPKVAVNNGNQDGALNTGHTTSGVNYEPSRLEPRPADDKARYSELPLSGT
TQQAKITREQNFKQAGDLYRSYSAKEKTDLVQKFGESLADTLTESKNIMLSYLYKEDPNYGTRVAEVAKGDLSKVKSLAA
SLKD
;
_entity_poly.pdbx_strand_id   A,B,C,D
#
# COMPACT_ATOMS: atom_id res chain seq x y z
N THR A 1 16.00 -33.98 -8.69
CA THR A 1 14.88 -33.02 -8.68
C THR A 1 15.31 -31.64 -9.15
N ASP A 2 14.36 -30.85 -9.66
CA ASP A 2 14.65 -29.54 -10.19
C ASP A 2 15.36 -28.66 -9.16
N THR A 3 16.39 -27.97 -9.61
CA THR A 3 17.15 -27.07 -8.76
C THR A 3 16.31 -25.89 -8.24
N LEU A 4 16.58 -25.54 -7.00
CA LEU A 4 15.96 -24.37 -6.36
C LEU A 4 16.43 -23.16 -7.15
N THR A 5 15.59 -22.17 -7.38
CA THR A 5 15.92 -20.96 -8.07
C THR A 5 15.51 -19.70 -7.27
N ARG A 6 16.05 -18.59 -7.67
CA ARG A 6 15.65 -17.26 -7.21
C ARG A 6 14.46 -16.83 -8.08
N ASP A 7 13.81 -15.71 -7.79
CA ASP A 7 12.64 -15.22 -8.55
C ASP A 7 12.96 -14.80 -9.99
N ASN A 8 14.22 -14.51 -10.34
CA ASN A 8 14.62 -14.28 -11.75
C ASN A 8 14.99 -15.57 -12.49
N GLY A 9 14.78 -16.72 -11.89
CA GLY A 9 15.09 -18.01 -12.48
C GLY A 9 16.53 -18.52 -12.30
N ALA A 10 17.43 -17.73 -11.75
CA ALA A 10 18.82 -18.19 -11.57
C ALA A 10 18.88 -19.23 -10.46
N VAL A 11 19.60 -20.33 -10.71
CA VAL A 11 19.74 -21.41 -9.75
C VAL A 11 20.47 -20.92 -8.51
N VAL A 12 20.13 -21.49 -7.37
CA VAL A 12 20.78 -21.20 -6.09
C VAL A 12 21.88 -22.20 -5.79
N GLY A 13 23.02 -21.69 -5.30
CA GLY A 13 24.13 -22.62 -5.00
C GLY A 13 24.12 -23.20 -3.60
N ASP A 14 23.68 -22.43 -2.60
CA ASP A 14 23.66 -22.95 -1.23
C ASP A 14 22.44 -22.30 -0.53
N ASN A 15 21.49 -23.14 -0.12
CA ASN A 15 20.31 -22.56 0.55
C ASN A 15 20.37 -22.73 2.05
N GLN A 16 21.48 -23.24 2.59
CA GLN A 16 21.61 -23.53 4.00
C GLN A 16 22.51 -22.55 4.74
N ASN A 17 23.42 -21.88 4.06
CA ASN A 17 24.33 -20.97 4.73
C ASN A 17 24.35 -19.61 4.07
N SER A 18 24.25 -18.52 4.85
CA SER A 18 24.39 -17.21 4.27
C SER A 18 25.87 -16.99 3.88
N GLN A 19 26.07 -15.99 3.04
CA GLN A 19 27.49 -15.71 2.65
C GLN A 19 28.11 -14.86 3.74
N THR A 20 29.24 -15.24 4.30
CA THR A 20 29.91 -14.50 5.37
C THR A 20 31.36 -14.14 5.04
N ALA A 21 31.90 -13.16 5.76
CA ALA A 21 33.26 -12.68 5.59
C ALA A 21 34.20 -13.50 6.47
N GLY A 22 34.54 -14.68 5.99
CA GLY A 22 35.31 -15.67 6.70
C GLY A 22 34.38 -16.50 7.60
N ALA A 23 34.97 -17.53 8.19
CA ALA A 23 34.16 -18.45 9.04
C ALA A 23 33.62 -17.77 10.27
N GLN A 24 34.31 -16.79 10.80
CA GLN A 24 33.83 -16.09 11.99
C GLN A 24 33.32 -14.68 11.72
N GLY A 25 33.15 -14.37 10.45
CA GLY A 25 32.77 -12.99 10.07
C GLY A 25 31.28 -12.79 9.91
N PRO A 26 30.93 -11.52 9.70
CA PRO A 26 29.60 -11.03 9.46
C PRO A 26 29.06 -11.40 8.08
N VAL A 27 27.75 -11.32 7.95
CA VAL A 27 27.03 -11.62 6.71
C VAL A 27 27.16 -10.50 5.70
N LEU A 28 27.31 -10.86 4.40
CA LEU A 28 27.48 -9.80 3.41
C LEU A 28 26.17 -9.33 2.78
N LEU A 29 26.10 -8.04 2.51
CA LEU A 29 24.94 -7.44 1.84
C LEU A 29 24.71 -8.00 0.44
N GLN A 30 25.78 -8.43 -0.27
CA GLN A 30 25.59 -8.96 -1.63
C GLN A 30 24.98 -10.33 -1.72
N ASP A 31 24.61 -10.98 -0.60
CA ASP A 31 23.97 -12.28 -0.64
C ASP A 31 22.53 -12.05 -1.12
N VAL A 32 22.34 -12.05 -2.43
CA VAL A 32 21.03 -11.80 -3.02
C VAL A 32 20.01 -12.89 -2.70
N GLN A 33 20.41 -14.14 -2.48
CA GLN A 33 19.43 -15.17 -2.11
C GLN A 33 18.92 -14.87 -0.70
N LEU A 34 19.83 -14.63 0.24
CA LEU A 34 19.33 -14.29 1.59
C LEU A 34 18.34 -13.13 1.52
N LEU A 35 18.71 -12.02 0.89
CA LEU A 35 17.90 -10.80 0.85
C LEU A 35 16.58 -11.00 0.12
N GLN A 36 16.57 -11.77 -0.99
CA GLN A 36 15.28 -11.97 -1.64
C GLN A 36 14.32 -12.78 -0.80
N LYS A 37 14.79 -13.91 -0.21
CA LYS A 37 13.95 -14.75 0.59
C LYS A 37 13.42 -13.95 1.77
N LEU A 38 14.26 -13.13 2.39
CA LEU A 38 13.77 -12.37 3.55
C LEU A 38 12.78 -11.28 3.10
N GLN A 39 13.04 -10.59 2.00
CA GLN A 39 12.08 -9.55 1.59
C GLN A 39 10.76 -10.11 1.20
N ARG A 40 10.74 -11.29 0.50
CA ARG A 40 9.47 -11.88 0.16
C ARG A 40 8.74 -12.31 1.44
N PHE A 41 9.45 -13.00 2.34
CA PHE A 41 8.88 -13.47 3.59
C PHE A 41 8.24 -12.29 4.35
N ASP A 42 9.00 -11.22 4.42
CA ASP A 42 8.64 -10.03 5.19
C ASP A 42 7.37 -9.35 4.69
N ARG A 43 6.86 -9.74 3.50
CA ARG A 43 5.74 -9.13 2.83
C ARG A 43 4.63 -10.14 2.52
N GLU A 44 4.70 -11.31 3.16
CA GLU A 44 3.64 -12.28 2.93
C GLU A 44 2.22 -11.85 3.34
N ARG A 45 2.03 -11.11 4.43
CA ARG A 45 0.69 -10.90 4.95
C ARG A 45 -0.04 -9.72 4.33
N ILE A 46 -1.36 -9.77 4.21
CA ILE A 46 -2.17 -8.65 3.72
C ILE A 46 -3.15 -8.39 4.85
N PRO A 47 -3.89 -7.30 4.82
CA PRO A 47 -4.87 -7.02 5.87
C PRO A 47 -5.92 -8.12 5.93
N GLU A 48 -6.26 -8.59 7.14
CA GLU A 48 -7.41 -9.52 7.22
C GLU A 48 -8.72 -8.78 6.93
N ARG A 49 -9.81 -9.50 6.64
CA ARG A 49 -11.09 -8.85 6.41
C ARG A 49 -11.47 -8.10 7.72
N VAL A 50 -12.07 -6.91 7.57
CA VAL A 50 -12.43 -6.07 8.72
C VAL A 50 -13.48 -6.77 9.57
N VAL A 51 -14.30 -7.64 8.98
CA VAL A 51 -15.20 -8.51 9.66
C VAL A 51 -15.13 -9.88 8.85
N HIS A 52 -15.58 -10.92 9.52
CA HIS A 52 -15.53 -12.28 8.90
C HIS A 52 -14.10 -12.62 8.47
N ALA A 53 -13.08 -12.27 9.29
CA ALA A 53 -11.71 -12.60 8.96
C ALA A 53 -11.43 -14.09 9.09
N ARG A 54 -12.07 -14.80 9.99
CA ARG A 54 -11.88 -16.23 10.22
C ARG A 54 -12.79 -17.01 9.22
N GLY A 55 -12.18 -17.68 8.25
CA GLY A 55 -13.11 -18.28 7.24
C GLY A 55 -12.53 -19.57 6.63
N THR A 56 -13.40 -20.30 5.93
CA THR A 56 -13.08 -21.54 5.27
C THR A 56 -13.69 -21.53 3.85
N GLY A 57 -12.90 -21.86 2.83
CA GLY A 57 -13.42 -21.79 1.46
C GLY A 57 -13.37 -23.19 0.86
N VAL A 58 -14.41 -23.45 0.06
CA VAL A 58 -14.56 -24.70 -0.66
C VAL A 58 -15.23 -24.38 -2.01
N LYS A 59 -15.24 -25.40 -2.88
CA LYS A 59 -15.77 -25.18 -4.23
C LYS A 59 -16.86 -26.20 -4.54
N GLY A 60 -17.76 -25.91 -5.46
CA GLY A 60 -18.80 -26.95 -5.73
C GLY A 60 -19.55 -26.43 -7.01
N GLU A 61 -20.83 -26.81 -7.03
CA GLU A 61 -21.63 -26.40 -8.21
C GLU A 61 -23.08 -26.21 -7.79
N PHE A 62 -23.77 -25.32 -8.51
CA PHE A 62 -25.18 -25.13 -8.20
C PHE A 62 -25.96 -25.51 -9.50
N THR A 63 -27.03 -26.22 -9.30
CA THR A 63 -27.83 -26.58 -10.50
C THR A 63 -29.25 -26.06 -10.31
N ALA A 64 -29.73 -25.18 -11.19
CA ALA A 64 -31.11 -24.74 -11.05
C ALA A 64 -32.12 -25.82 -11.48
N SER A 65 -33.34 -25.70 -10.93
CA SER A 65 -34.33 -26.73 -11.23
C SER A 65 -35.76 -26.24 -11.43
N ALA A 66 -36.01 -24.95 -11.58
CA ALA A 66 -37.41 -24.54 -11.73
C ALA A 66 -37.51 -23.49 -12.82
N ASP A 67 -38.76 -23.21 -13.19
CA ASP A 67 -39.02 -22.17 -14.17
C ASP A 67 -39.31 -20.89 -13.40
N ILE A 68 -38.35 -19.98 -13.31
CA ILE A 68 -38.61 -18.70 -12.65
C ILE A 68 -38.29 -17.57 -13.62
N SER A 69 -38.54 -17.79 -14.94
CA SER A 69 -38.34 -16.75 -15.96
C SER A 69 -39.24 -15.54 -15.75
N ASP A 70 -40.38 -15.75 -15.12
CA ASP A 70 -41.38 -14.81 -14.67
C ASP A 70 -40.84 -13.84 -13.61
N LEU A 71 -39.87 -14.30 -12.81
CA LEU A 71 -39.23 -13.50 -11.79
C LEU A 71 -37.90 -12.90 -12.28
N SER A 72 -37.07 -13.69 -12.95
CA SER A 72 -35.74 -13.17 -13.32
C SER A 72 -35.30 -13.67 -14.69
N LYS A 73 -34.66 -12.79 -15.40
CA LYS A 73 -34.03 -13.14 -16.67
C LYS A 73 -32.64 -13.75 -16.47
N ALA A 74 -32.09 -13.79 -15.26
CA ALA A 74 -30.71 -14.28 -15.11
C ALA A 74 -30.52 -15.74 -15.48
N THR A 75 -29.48 -16.01 -16.27
CA THR A 75 -29.16 -17.39 -16.68
C THR A 75 -28.90 -18.38 -15.59
N VAL A 76 -28.35 -17.96 -14.42
CA VAL A 76 -28.09 -18.86 -13.30
C VAL A 76 -29.33 -19.58 -12.81
N PHE A 77 -30.55 -19.04 -13.00
CA PHE A 77 -31.78 -19.64 -12.59
C PHE A 77 -32.47 -20.48 -13.69
N LYS A 78 -31.90 -20.55 -14.87
CA LYS A 78 -32.54 -21.36 -15.94
C LYS A 78 -32.49 -22.83 -15.61
N SER A 79 -33.61 -23.54 -15.61
CA SER A 79 -33.70 -24.93 -15.27
C SER A 79 -32.67 -25.82 -15.98
N GLY A 80 -31.93 -26.57 -15.16
CA GLY A 80 -30.83 -27.42 -15.60
C GLY A 80 -29.51 -26.69 -15.80
N GLU A 81 -29.49 -25.35 -15.61
CA GLU A 81 -28.22 -24.65 -15.78
C GLU A 81 -27.30 -25.04 -14.62
N LYS A 82 -26.06 -25.39 -14.94
CA LYS A 82 -25.10 -25.76 -13.88
C LYS A 82 -24.06 -24.67 -13.82
N THR A 83 -23.84 -24.15 -12.59
CA THR A 83 -22.92 -23.05 -12.41
C THR A 83 -21.88 -23.39 -11.32
N PRO A 84 -20.63 -23.30 -11.62
CA PRO A 84 -19.59 -23.54 -10.59
C PRO A 84 -19.74 -22.45 -9.51
N VAL A 85 -19.41 -22.79 -8.28
CA VAL A 85 -19.39 -21.82 -7.20
C VAL A 85 -18.09 -21.90 -6.39
N PHE A 86 -17.88 -20.86 -5.58
CA PHE A 86 -16.84 -20.86 -4.56
C PHE A 86 -17.64 -20.43 -3.32
N VAL A 87 -17.55 -21.14 -2.20
CA VAL A 87 -18.29 -20.73 -1.00
C VAL A 87 -17.25 -20.39 0.10
N ARG A 88 -17.41 -19.28 0.80
CA ARG A 88 -16.52 -19.03 1.96
C ARG A 88 -17.51 -18.96 3.16
N PHE A 89 -17.22 -19.79 4.18
CA PHE A 89 -17.99 -19.83 5.41
C PHE A 89 -17.16 -19.03 6.44
N SER A 90 -17.79 -18.46 7.46
CA SER A 90 -16.91 -17.70 8.40
C SER A 90 -17.58 -17.38 9.70
N SER A 91 -16.80 -16.90 10.69
CA SER A 91 -17.46 -16.29 11.87
C SER A 91 -17.37 -14.80 11.60
N VAL A 92 -17.61 -13.89 12.54
CA VAL A 92 -17.78 -12.49 12.18
C VAL A 92 -16.80 -11.53 12.87
N VAL A 93 -16.81 -11.63 14.20
CA VAL A 93 -16.12 -10.65 15.02
C VAL A 93 -14.64 -10.85 15.22
N HIS A 94 -14.18 -12.06 15.52
CA HIS A 94 -12.76 -12.18 15.88
C HIS A 94 -11.83 -12.41 14.70
N GLY A 95 -10.52 -12.42 14.93
N GLY A 95 -10.55 -12.39 15.03
CA GLY A 95 -9.55 -12.52 13.86
CA GLY A 95 -9.47 -12.51 14.10
C GLY A 95 -9.16 -13.93 13.42
C GLY A 95 -9.32 -13.85 13.39
N ASN A 96 -8.13 -13.99 12.56
N ASN A 96 -8.35 -13.86 12.47
CA ASN A 96 -7.68 -15.30 12.10
CA ASN A 96 -8.11 -15.04 11.65
C ASN A 96 -7.18 -16.13 13.29
C ASN A 96 -7.79 -16.37 12.29
N HIS A 97 -7.48 -17.42 13.12
N HIS A 97 -7.27 -16.62 13.48
CA HIS A 97 -7.12 -18.37 14.13
CA HIS A 97 -7.06 -17.94 14.07
C HIS A 97 -7.86 -18.05 15.41
N SER A 98 -8.95 -17.31 15.46
CA SER A 98 -9.79 -17.26 16.64
C SER A 98 -10.55 -18.59 16.69
N PRO A 99 -10.91 -19.07 17.87
CA PRO A 99 -11.63 -20.29 18.06
C PRO A 99 -12.92 -20.26 17.27
N GLU A 100 -13.22 -21.33 16.53
CA GLU A 100 -14.43 -21.39 15.74
C GLU A 100 -15.63 -21.69 16.62
N THR A 101 -15.45 -21.99 17.93
CA THR A 101 -16.48 -22.12 18.93
C THR A 101 -16.98 -20.81 19.51
N LEU A 102 -16.41 -19.66 19.14
CA LEU A 102 -16.88 -18.39 19.71
C LEU A 102 -18.29 -18.08 19.22
N ARG A 103 -19.11 -17.61 20.13
CA ARG A 103 -20.52 -17.29 19.84
C ARG A 103 -20.62 -16.18 18.81
N ASP A 104 -21.35 -16.38 17.70
CA ASP A 104 -21.46 -15.33 16.69
C ASP A 104 -22.42 -15.85 15.61
N PRO A 105 -22.88 -14.96 14.75
CA PRO A 105 -23.57 -15.36 13.52
C PRO A 105 -22.45 -15.96 12.66
N HIS A 106 -22.77 -16.71 11.63
CA HIS A 106 -21.76 -17.27 10.72
C HIS A 106 -22.10 -16.88 9.29
N GLY A 107 -21.07 -16.46 8.57
CA GLY A 107 -21.24 -16.08 7.15
C GLY A 107 -21.39 -17.33 6.28
N PHE A 108 -22.04 -17.14 5.16
CA PHE A 108 -22.27 -18.18 4.13
C PHE A 108 -22.35 -17.45 2.81
N ALA A 109 -21.20 -17.15 2.20
CA ALA A 109 -21.06 -16.36 0.98
C ALA A 109 -20.79 -17.27 -0.23
N THR A 110 -21.59 -17.08 -1.27
CA THR A 110 -21.49 -17.95 -2.47
C THR A 110 -21.18 -17.09 -3.68
N LYS A 111 -20.06 -17.33 -4.36
CA LYS A 111 -19.71 -16.68 -5.59
C LYS A 111 -20.19 -17.63 -6.73
N PHE A 112 -21.16 -17.15 -7.51
CA PHE A 112 -21.63 -18.05 -8.60
C PHE A 112 -20.95 -17.61 -9.89
N TYR A 113 -20.20 -18.45 -10.57
CA TYR A 113 -19.46 -18.02 -11.75
C TYR A 113 -20.42 -18.26 -12.96
N THR A 114 -21.41 -17.41 -13.05
CA THR A 114 -22.48 -17.64 -14.05
C THR A 114 -22.02 -17.28 -15.45
N ALA A 115 -22.90 -17.74 -16.38
CA ALA A 115 -22.66 -17.46 -17.80
C ALA A 115 -22.93 -16.03 -18.17
N ASP A 116 -23.44 -15.16 -17.31
CA ASP A 116 -23.65 -13.76 -17.48
C ASP A 116 -22.69 -12.91 -16.61
N GLY A 117 -21.78 -13.55 -15.93
CA GLY A 117 -20.85 -12.82 -15.04
C GLY A 117 -20.95 -13.42 -13.64
N ASN A 118 -20.08 -12.93 -12.74
CA ASN A 118 -20.13 -13.46 -11.37
C ASN A 118 -21.19 -12.71 -10.53
N TRP A 119 -22.03 -13.49 -9.90
CA TRP A 119 -23.02 -13.03 -8.98
C TRP A 119 -22.65 -13.57 -7.60
N ASP A 120 -22.57 -12.71 -6.59
CA ASP A 120 -22.26 -13.16 -5.22
C ASP A 120 -23.48 -13.02 -4.33
N LEU A 121 -23.86 -14.10 -3.72
CA LEU A 121 -24.94 -14.08 -2.74
C LEU A 121 -24.26 -14.11 -1.35
N VAL A 122 -24.08 -12.98 -0.70
CA VAL A 122 -23.32 -12.91 0.57
C VAL A 122 -24.28 -12.96 1.75
N GLY A 123 -24.45 -14.17 2.30
CA GLY A 123 -25.47 -14.31 3.34
C GLY A 123 -24.87 -14.72 4.70
N ASN A 124 -25.70 -15.13 5.63
CA ASN A 124 -25.42 -15.58 6.95
C ASN A 124 -26.36 -16.71 7.32
N ASN A 125 -26.03 -17.47 8.37
CA ASN A 125 -26.99 -18.49 8.82
C ASN A 125 -28.17 -17.76 9.45
N PHE A 126 -28.01 -16.62 10.16
CA PHE A 126 -29.20 -15.99 10.75
C PHE A 126 -29.99 -15.28 9.67
N PRO A 127 -31.31 -15.38 9.69
CA PRO A 127 -32.09 -14.77 8.59
C PRO A 127 -32.37 -13.30 8.72
N THR A 128 -31.96 -12.71 9.88
CA THR A 128 -32.20 -11.31 10.17
C THR A 128 -30.87 -10.73 10.68
N PHE A 129 -30.80 -9.41 10.75
CA PHE A 129 -29.57 -8.75 11.24
C PHE A 129 -29.91 -7.85 12.43
N PHE A 130 -28.91 -7.35 13.14
CA PHE A 130 -29.16 -6.57 14.33
C PHE A 130 -29.59 -5.15 14.00
N ILE A 131 -29.14 -4.62 12.85
CA ILE A 131 -29.49 -3.22 12.60
C ILE A 131 -30.17 -3.08 11.24
N ARG A 132 -30.79 -1.92 10.95
CA ARG A 132 -31.49 -1.88 9.67
C ARG A 132 -31.00 -0.80 8.73
N ASP A 133 -29.94 -0.06 9.13
CA ASP A 133 -29.44 0.98 8.24
C ASP A 133 -27.92 0.88 8.26
N ALA A 134 -27.26 0.84 7.14
CA ALA A 134 -25.80 0.68 7.06
C ALA A 134 -25.02 1.83 7.67
N ILE A 135 -25.63 3.03 7.85
CA ILE A 135 -24.86 4.06 8.57
C ILE A 135 -24.50 3.61 9.97
N LYS A 136 -25.18 2.67 10.64
CA LYS A 136 -24.85 2.16 11.95
C LYS A 136 -23.86 1.00 11.97
N PHE A 137 -23.45 0.48 10.78
CA PHE A 137 -22.62 -0.72 10.76
C PHE A 137 -21.28 -0.56 11.47
N PRO A 138 -20.55 0.48 11.21
CA PRO A 138 -19.26 0.72 11.88
C PRO A 138 -19.46 0.83 13.38
N ASP A 139 -20.54 1.49 13.82
CA ASP A 139 -20.80 1.62 15.26
C ASP A 139 -21.07 0.24 15.89
N MET A 140 -21.96 -0.51 15.23
CA MET A 140 -22.32 -1.86 15.67
C MET A 140 -21.13 -2.79 15.76
N VAL A 141 -20.30 -2.85 14.71
CA VAL A 141 -19.08 -3.69 14.77
C VAL A 141 -18.18 -3.19 15.89
N HIS A 142 -17.90 -1.88 15.96
CA HIS A 142 -17.02 -1.41 17.04
C HIS A 142 -17.54 -1.82 18.41
N ALA A 143 -18.83 -1.78 18.65
CA ALA A 143 -19.42 -2.19 19.93
C ALA A 143 -19.29 -3.68 20.16
N PHE A 144 -19.50 -4.54 19.14
CA PHE A 144 -19.33 -5.97 19.28
C PHE A 144 -17.88 -6.44 19.44
N LYS A 145 -16.93 -5.78 18.77
CA LYS A 145 -15.55 -6.23 18.77
C LYS A 145 -14.94 -6.09 20.20
N PRO A 146 -13.80 -6.68 20.45
CA PRO A 146 -13.08 -6.56 21.70
C PRO A 146 -12.84 -5.09 22.03
N ASP A 147 -12.72 -4.81 23.32
CA ASP A 147 -12.50 -3.41 23.79
C ASP A 147 -11.24 -2.87 23.13
N PRO A 148 -11.26 -1.65 22.66
CA PRO A 148 -10.15 -1.01 21.95
C PRO A 148 -8.96 -0.72 22.86
N ARG A 149 -9.20 -0.68 24.16
CA ARG A 149 -8.10 -0.44 25.08
C ARG A 149 -7.34 -1.73 25.36
N THR A 150 -7.95 -2.91 25.27
CA THR A 150 -7.27 -4.13 25.72
C THR A 150 -7.24 -5.33 24.79
N ASN A 151 -7.99 -5.28 23.72
CA ASN A 151 -8.16 -6.47 22.86
C ASN A 151 -8.82 -7.60 23.59
N LEU A 152 -9.65 -7.39 24.63
CA LEU A 152 -10.38 -8.43 25.33
C LEU A 152 -11.87 -8.18 25.15
N ASP A 153 -12.63 -9.25 25.17
CA ASP A 153 -14.09 -9.16 25.02
C ASP A 153 -14.63 -8.41 26.24
N ASN A 154 -15.64 -7.57 26.05
CA ASN A 154 -16.20 -6.75 27.14
C ASN A 154 -17.62 -6.47 26.69
N ASP A 155 -18.55 -7.37 27.07
CA ASP A 155 -19.92 -7.23 26.57
C ASP A 155 -20.70 -6.08 27.14
N SER A 156 -20.23 -5.34 28.15
CA SER A 156 -20.91 -4.11 28.54
C SER A 156 -20.97 -3.15 27.38
N ARG A 157 -19.98 -3.15 26.47
CA ARG A 157 -19.90 -2.22 25.37
C ARG A 157 -21.02 -2.44 24.35
N ARG A 158 -21.27 -3.68 23.96
CA ARG A 158 -22.35 -3.92 22.98
C ARG A 158 -23.72 -3.60 23.62
N PHE A 159 -23.81 -3.72 24.95
CA PHE A 159 -25.15 -3.47 25.54
C PHE A 159 -25.40 -2.01 25.83
N ASP A 160 -24.36 -1.21 25.95
CA ASP A 160 -24.52 0.25 25.97
C ASP A 160 -25.05 0.65 24.59
N PHE A 161 -24.46 0.14 23.51
CA PHE A 161 -24.93 0.45 22.15
C PHE A 161 -26.35 -0.04 21.91
N PHE A 162 -26.57 -1.34 22.13
CA PHE A 162 -27.85 -1.96 21.79
C PHE A 162 -29.01 -1.53 22.68
N SER A 163 -28.75 -0.95 23.85
CA SER A 163 -29.79 -0.29 24.65
C SER A 163 -30.44 0.88 23.89
N HIS A 164 -29.83 1.48 22.86
CA HIS A 164 -30.46 2.47 22.02
C HIS A 164 -31.03 1.87 20.74
N VAL A 165 -30.99 0.53 20.59
CA VAL A 165 -31.34 -0.16 19.35
C VAL A 165 -32.32 -1.32 19.58
N PRO A 166 -33.59 -1.02 19.80
CA PRO A 166 -34.67 -1.95 20.05
C PRO A 166 -34.90 -2.89 18.85
N GLU A 167 -34.50 -2.45 17.66
CA GLU A 167 -34.59 -3.30 16.48
C GLU A 167 -33.62 -4.49 16.50
N ALA A 168 -32.59 -4.49 17.36
CA ALA A 168 -31.69 -5.64 17.51
C ALA A 168 -32.18 -6.82 18.35
N THR A 169 -33.38 -6.68 18.94
CA THR A 169 -33.91 -7.70 19.84
C THR A 169 -34.05 -9.05 19.20
N ARG A 170 -34.62 -9.11 17.98
CA ARG A 170 -34.81 -10.47 17.40
C ARG A 170 -33.47 -11.12 17.11
N THR A 171 -32.53 -10.43 16.49
CA THR A 171 -31.25 -11.08 16.18
C THR A 171 -30.37 -11.34 17.39
N LEU A 172 -30.40 -10.53 18.46
CA LEU A 172 -29.71 -10.87 19.68
C LEU A 172 -30.30 -12.12 20.30
N THR A 173 -31.58 -12.39 20.10
CA THR A 173 -32.22 -13.64 20.60
C THR A 173 -31.62 -14.80 19.84
N LEU A 174 -31.41 -14.68 18.52
CA LEU A 174 -30.74 -15.78 17.82
C LEU A 174 -29.28 -15.98 18.30
N LEU A 175 -28.58 -14.85 18.44
CA LEU A 175 -27.17 -14.85 18.84
C LEU A 175 -26.92 -15.60 20.16
N TYR A 176 -27.76 -15.37 21.16
CA TYR A 176 -27.57 -15.94 22.49
C TYR A 176 -28.25 -17.30 22.61
N SER A 177 -28.98 -17.76 21.62
CA SER A 177 -29.56 -19.09 21.59
C SER A 177 -28.42 -20.01 21.14
N ASN A 178 -28.68 -21.34 21.10
CA ASN A 178 -27.65 -22.25 20.59
C ASN A 178 -27.39 -22.19 19.10
N GLU A 179 -28.11 -21.39 18.32
CA GLU A 179 -27.82 -21.13 16.91
C GLU A 179 -26.54 -20.31 16.77
N GLY A 180 -26.19 -19.61 17.85
CA GLY A 180 -24.93 -18.85 17.93
C GLY A 180 -23.70 -19.74 17.97
N THR A 181 -23.82 -21.06 18.23
CA THR A 181 -22.66 -21.95 18.21
C THR A 181 -22.96 -23.27 17.48
N PRO A 182 -22.85 -23.26 16.17
CA PRO A 182 -23.09 -24.41 15.29
C PRO A 182 -22.09 -25.55 15.50
N ALA A 183 -22.52 -26.77 15.22
CA ALA A 183 -21.60 -27.92 15.29
C ALA A 183 -20.78 -28.04 14.01
N GLY A 184 -21.27 -27.46 12.92
CA GLY A 184 -20.50 -27.50 11.67
C GLY A 184 -21.19 -26.57 10.66
N TYR A 185 -20.45 -26.10 9.70
CA TYR A 185 -21.02 -25.26 8.63
C TYR A 185 -21.98 -26.10 7.76
N ARG A 186 -21.74 -27.42 7.75
CA ARG A 186 -22.62 -28.33 7.04
C ARG A 186 -23.97 -28.47 7.73
N PHE A 187 -24.11 -28.12 8.99
CA PHE A 187 -25.29 -28.24 9.80
C PHE A 187 -25.91 -26.89 10.13
N MET A 188 -25.87 -25.99 9.17
CA MET A 188 -26.53 -24.71 9.32
C MET A 188 -27.23 -24.35 8.00
N ASP A 189 -28.23 -23.51 8.12
CA ASP A 189 -28.87 -22.99 6.90
C ASP A 189 -28.12 -21.72 6.49
N GLY A 190 -28.51 -21.16 5.34
CA GLY A 190 -27.95 -19.90 4.89
C GLY A 190 -29.14 -19.03 4.44
N ASN A 191 -28.98 -17.72 4.61
CA ASN A 191 -30.04 -16.79 4.23
C ASN A 191 -29.43 -15.55 3.60
N GLY A 192 -30.10 -14.92 2.61
CA GLY A 192 -29.65 -13.67 2.02
C GLY A 192 -29.89 -12.50 2.95
N VAL A 193 -30.79 -12.68 3.91
CA VAL A 193 -31.29 -11.69 4.83
C VAL A 193 -32.20 -10.66 4.15
N HIS A 194 -31.68 -9.89 3.24
CA HIS A 194 -32.47 -8.87 2.56
C HIS A 194 -33.35 -9.46 1.47
N ALA A 195 -34.37 -8.70 1.10
CA ALA A 195 -35.09 -8.99 -0.13
C ALA A 195 -34.19 -8.39 -1.23
N TYR A 196 -34.00 -9.15 -2.31
CA TYR A 196 -33.28 -8.74 -3.49
C TYR A 196 -34.41 -8.49 -4.55
N LYS A 197 -34.07 -7.71 -5.54
CA LYS A 197 -35.06 -7.39 -6.56
C LYS A 197 -34.69 -8.20 -7.80
N LEU A 198 -35.58 -9.08 -8.21
CA LEU A 198 -35.38 -9.85 -9.43
C LEU A 198 -36.14 -9.15 -10.58
N VAL A 199 -35.49 -9.05 -11.71
CA VAL A 199 -36.12 -8.34 -12.84
C VAL A 199 -36.19 -9.30 -14.03
N ASN A 200 -37.38 -9.31 -14.62
CA ASN A 200 -37.62 -10.26 -15.72
C ASN A 200 -37.39 -9.60 -17.06
N ALA A 201 -37.54 -10.39 -18.15
CA ALA A 201 -37.29 -9.80 -19.48
C ALA A 201 -38.26 -8.71 -19.85
N LYS A 202 -39.44 -8.56 -19.23
CA LYS A 202 -40.30 -7.41 -19.52
C LYS A 202 -39.98 -6.20 -18.67
N GLY A 203 -39.04 -6.30 -17.74
CA GLY A 203 -38.64 -5.15 -16.90
C GLY A 203 -39.43 -5.11 -15.60
N GLU A 204 -40.29 -6.09 -15.38
CA GLU A 204 -41.11 -6.15 -14.19
C GLU A 204 -40.28 -6.67 -13.01
N VAL A 205 -40.63 -6.19 -11.83
CA VAL A 205 -39.81 -6.51 -10.65
C VAL A 205 -40.55 -7.33 -9.63
N HIS A 206 -39.86 -8.19 -8.86
CA HIS A 206 -40.40 -8.92 -7.76
C HIS A 206 -39.34 -8.83 -6.61
N TYR A 207 -39.82 -8.78 -5.38
CA TYR A 207 -38.88 -8.76 -4.25
C TYR A 207 -38.74 -10.20 -3.75
N VAL A 208 -37.51 -10.66 -3.59
CA VAL A 208 -37.34 -12.08 -3.20
C VAL A 208 -36.35 -12.25 -2.06
N LYS A 209 -36.66 -13.15 -1.15
CA LYS A 209 -35.72 -13.56 -0.13
C LYS A 209 -35.17 -14.94 -0.50
N PHE A 210 -33.88 -15.19 -0.26
CA PHE A 210 -33.23 -16.46 -0.56
C PHE A 210 -32.86 -17.23 0.70
N HIS A 211 -33.02 -18.53 0.70
CA HIS A 211 -32.81 -19.41 1.82
C HIS A 211 -32.13 -20.71 1.36
N TRP A 212 -30.96 -20.96 1.93
CA TRP A 212 -30.28 -22.22 1.66
C TRP A 212 -30.71 -23.18 2.76
N LYS A 213 -31.45 -24.24 2.41
CA LYS A 213 -31.90 -25.20 3.39
C LYS A 213 -30.93 -26.37 3.46
N SER A 214 -30.31 -26.54 4.63
CA SER A 214 -29.36 -27.64 4.80
C SER A 214 -30.00 -29.03 4.65
N LEU A 215 -29.44 -29.83 3.77
CA LEU A 215 -29.91 -31.19 3.55
C LEU A 215 -29.26 -32.13 4.54
N GLN A 216 -28.37 -31.62 5.42
CA GLN A 216 -27.78 -32.44 6.48
C GLN A 216 -28.52 -32.19 7.78
N GLY A 217 -29.41 -31.20 7.80
CA GLY A 217 -30.14 -30.85 9.01
C GLY A 217 -29.35 -29.75 9.77
N ILE A 218 -29.97 -29.30 10.83
CA ILE A 218 -29.42 -28.30 11.74
C ILE A 218 -28.88 -28.98 13.00
N LYS A 219 -27.61 -28.67 13.31
CA LYS A 219 -27.03 -29.22 14.53
C LYS A 219 -26.23 -28.12 15.22
N ASN A 220 -26.58 -27.82 16.46
CA ASN A 220 -25.89 -26.82 17.25
C ASN A 220 -25.32 -27.44 18.53
N LEU A 221 -24.34 -26.74 19.09
CA LEU A 221 -23.73 -27.13 20.35
C LEU A 221 -24.38 -26.32 21.47
N ASP A 222 -24.56 -26.91 22.64
CA ASP A 222 -25.07 -26.11 23.77
C ASP A 222 -23.83 -25.65 24.51
N PRO A 223 -23.96 -24.76 25.47
CA PRO A 223 -22.84 -24.13 26.16
C PRO A 223 -21.80 -25.10 26.71
N LYS A 224 -22.21 -26.18 27.35
CA LYS A 224 -21.30 -27.20 27.86
C LYS A 224 -20.58 -27.93 26.76
N GLU A 225 -21.24 -28.20 25.63
CA GLU A 225 -20.57 -28.86 24.51
C GLU A 225 -19.56 -27.91 23.85
N VAL A 226 -19.90 -26.63 23.80
CA VAL A 226 -18.96 -25.65 23.25
C VAL A 226 -17.63 -25.68 24.00
N ALA A 227 -17.71 -25.66 25.33
CA ALA A 227 -16.47 -25.63 26.14
C ALA A 227 -15.68 -26.90 25.93
N GLN A 228 -16.37 -28.07 25.91
CA GLN A 228 -15.70 -29.34 25.65
C GLN A 228 -15.01 -29.36 24.30
N VAL A 229 -15.61 -28.84 23.23
CA VAL A 229 -14.99 -28.79 21.91
C VAL A 229 -13.80 -27.85 21.90
N GLN A 230 -14.01 -26.67 22.49
CA GLN A 230 -12.99 -25.61 22.52
C GLN A 230 -11.76 -26.03 23.31
N SER A 231 -11.96 -26.93 24.26
CA SER A 231 -10.84 -27.43 25.07
C SER A 231 -9.75 -28.09 24.23
N LYS A 232 -10.12 -28.74 23.15
CA LYS A 232 -9.22 -29.43 22.27
C LYS A 232 -9.20 -28.94 20.82
N ASP A 233 -10.14 -28.12 20.34
CA ASP A 233 -10.14 -27.85 18.90
C ASP A 233 -10.55 -26.40 18.69
N TYR A 234 -9.64 -25.54 18.26
CA TYR A 234 -10.05 -24.15 18.01
C TYR A 234 -10.43 -24.01 16.56
N SER A 235 -10.44 -25.10 15.76
CA SER A 235 -10.81 -24.99 14.34
C SER A 235 -11.83 -26.10 14.02
N HIS A 236 -12.86 -26.18 14.86
CA HIS A 236 -13.82 -27.30 14.70
C HIS A 236 -14.67 -27.18 13.44
N LEU A 237 -14.98 -25.98 13.03
CA LEU A 237 -15.81 -25.84 11.82
C LEU A 237 -14.95 -26.11 10.60
N THR A 238 -13.71 -25.62 10.56
CA THR A 238 -12.88 -25.91 9.37
C THR A 238 -12.61 -27.42 9.25
N ASN A 239 -12.25 -28.01 10.38
CA ASN A 239 -11.94 -29.44 10.39
C ASN A 239 -13.12 -30.29 9.92
N ASP A 240 -14.30 -30.00 10.44
CA ASP A 240 -15.53 -30.70 10.07
C ASP A 240 -15.81 -30.63 8.58
N LEU A 241 -15.64 -29.46 7.99
CA LEU A 241 -15.95 -29.26 6.57
C LEU A 241 -14.89 -29.86 5.67
N VAL A 242 -13.61 -29.54 5.91
CA VAL A 242 -12.54 -30.05 5.07
C VAL A 242 -12.50 -31.58 5.18
N GLY A 243 -12.69 -32.09 6.37
CA GLY A 243 -12.80 -33.49 6.69
C GLY A 243 -13.87 -34.22 5.88
N ALA A 244 -15.09 -33.68 5.90
CA ALA A 244 -16.21 -34.29 5.18
C ALA A 244 -15.92 -34.36 3.71
N ILE A 245 -15.37 -33.27 3.12
CA ILE A 245 -15.09 -33.27 1.72
C ILE A 245 -14.00 -34.29 1.41
N LYS A 246 -12.94 -34.35 2.23
CA LYS A 246 -11.95 -35.41 2.00
C LYS A 246 -12.57 -36.80 2.07
N LYS A 247 -13.56 -37.08 2.91
CA LYS A 247 -14.18 -38.40 2.95
C LYS A 247 -15.24 -38.62 1.87
N GLY A 248 -15.48 -37.69 0.94
CA GLY A 248 -16.49 -37.85 -0.09
C GLY A 248 -17.91 -37.53 0.32
N ASP A 249 -18.13 -37.11 1.55
CA ASP A 249 -19.43 -36.80 2.12
C ASP A 249 -19.82 -35.32 1.91
N PHE A 250 -20.13 -35.03 0.65
CA PHE A 250 -20.38 -33.65 0.23
C PHE A 250 -21.68 -33.08 0.73
N PRO A 251 -21.57 -31.96 1.45
CA PRO A 251 -22.74 -31.27 1.99
C PRO A 251 -23.51 -30.60 0.87
N LYS A 252 -24.84 -30.64 1.02
CA LYS A 252 -25.74 -30.00 0.09
C LYS A 252 -26.79 -29.10 0.73
N TRP A 253 -27.21 -28.11 -0.10
CA TRP A 253 -28.27 -27.21 0.33
C TRP A 253 -29.25 -26.95 -0.85
N ASP A 254 -30.53 -27.01 -0.56
CA ASP A 254 -31.58 -26.68 -1.52
C ASP A 254 -31.80 -25.16 -1.40
N LEU A 255 -31.88 -24.49 -2.55
CA LEU A 255 -32.17 -23.05 -2.56
C LEU A 255 -33.65 -22.80 -2.74
N TYR A 256 -34.22 -22.04 -1.80
CA TYR A 256 -35.60 -21.60 -1.87
C TYR A 256 -35.76 -20.08 -1.98
N VAL A 257 -36.87 -19.66 -2.63
CA VAL A 257 -37.20 -18.24 -2.70
C VAL A 257 -38.58 -17.95 -2.11
N GLN A 258 -38.73 -16.74 -1.51
CA GLN A 258 -40.00 -16.21 -1.00
C GLN A 258 -40.23 -14.99 -1.87
N VAL A 259 -41.41 -14.86 -2.47
CA VAL A 259 -41.63 -13.81 -3.46
C VAL A 259 -42.75 -12.88 -3.12
N LEU A 260 -42.53 -11.57 -3.25
CA LEU A 260 -43.58 -10.59 -3.07
C LEU A 260 -43.51 -9.56 -4.20
N LYS A 261 -44.70 -9.15 -4.69
CA LYS A 261 -44.79 -8.09 -5.69
C LYS A 261 -44.67 -6.74 -4.96
N PRO A 262 -44.18 -5.72 -5.66
CA PRO A 262 -43.97 -4.36 -5.19
C PRO A 262 -45.20 -3.74 -4.55
N GLU A 263 -46.36 -3.95 -5.12
CA GLU A 263 -47.66 -3.48 -4.67
C GLU A 263 -48.20 -4.17 -3.43
N GLU A 264 -47.57 -5.25 -2.97
CA GLU A 264 -47.98 -5.95 -1.78
C GLU A 264 -47.26 -5.48 -0.50
N LEU A 265 -46.14 -4.79 -0.61
CA LEU A 265 -45.37 -4.48 0.59
C LEU A 265 -46.06 -3.63 1.64
N ALA A 266 -46.90 -2.70 1.16
CA ALA A 266 -47.51 -1.78 2.11
C ALA A 266 -48.57 -2.47 2.96
N LYS A 267 -49.06 -3.64 2.56
CA LYS A 267 -50.11 -4.30 3.37
C LYS A 267 -49.63 -4.91 4.68
N PHE A 268 -48.34 -5.15 4.88
CA PHE A 268 -47.83 -5.78 6.10
C PHE A 268 -47.72 -4.80 7.25
N ASP A 269 -47.80 -5.27 8.51
CA ASP A 269 -47.61 -4.42 9.68
C ASP A 269 -46.15 -4.13 9.99
N PHE A 270 -45.23 -4.81 9.37
CA PHE A 270 -43.79 -4.55 9.48
C PHE A 270 -43.35 -4.09 8.09
N ASP A 271 -42.17 -3.56 7.92
CA ASP A 271 -41.67 -3.19 6.58
C ASP A 271 -40.97 -4.42 6.05
N PRO A 272 -41.38 -4.97 4.92
CA PRO A 272 -40.76 -6.13 4.33
C PRO A 272 -39.31 -5.88 3.92
N LEU A 273 -38.87 -4.63 3.74
CA LEU A 273 -37.47 -4.39 3.42
C LEU A 273 -36.65 -4.00 4.65
N ASP A 274 -37.16 -4.35 5.83
CA ASP A 274 -36.43 -4.14 7.09
C ASP A 274 -35.59 -5.39 7.38
N ALA A 275 -34.24 -5.26 7.36
CA ALA A 275 -33.35 -6.41 7.58
C ALA A 275 -33.47 -7.12 8.91
N THR A 276 -34.18 -6.53 9.90
CA THR A 276 -34.46 -7.19 11.15
C THR A 276 -35.72 -8.06 11.11
N LYS A 277 -36.26 -8.33 9.89
CA LYS A 277 -37.47 -9.11 9.81
C LYS A 277 -37.42 -10.28 8.85
N ILE A 278 -38.10 -11.34 9.26
CA ILE A 278 -38.33 -12.46 8.33
C ILE A 278 -39.73 -12.22 7.71
N TRP A 279 -40.13 -12.99 6.73
CA TRP A 279 -41.49 -12.86 6.19
C TRP A 279 -42.22 -14.16 6.59
N PRO A 280 -42.93 -14.11 7.70
CA PRO A 280 -43.47 -15.30 8.33
C PRO A 280 -44.43 -16.12 7.51
N ASP A 281 -45.33 -15.52 6.75
CA ASP A 281 -46.29 -16.38 6.05
C ASP A 281 -46.13 -16.48 4.55
N VAL A 282 -45.08 -15.93 3.95
CA VAL A 282 -44.96 -16.06 2.49
C VAL A 282 -44.39 -17.44 2.20
N PRO A 283 -45.00 -18.17 1.29
CA PRO A 283 -44.60 -19.51 0.94
C PRO A 283 -43.21 -19.55 0.31
N GLU A 284 -42.48 -20.67 0.44
CA GLU A 284 -41.18 -20.84 -0.21
C GLU A 284 -41.26 -21.78 -1.42
N LYS A 285 -40.51 -21.56 -2.48
CA LYS A 285 -40.46 -22.37 -3.68
C LYS A 285 -39.01 -22.80 -3.95
N LYS A 286 -38.77 -24.09 -4.11
CA LYS A 286 -37.39 -24.54 -4.37
C LYS A 286 -36.96 -24.20 -5.78
N ILE A 287 -35.76 -23.63 -5.98
CA ILE A 287 -35.30 -23.27 -7.31
C ILE A 287 -33.98 -23.89 -7.72
N GLY A 288 -33.39 -24.72 -6.88
CA GLY A 288 -32.11 -25.34 -7.28
C GLY A 288 -31.47 -26.04 -6.06
N GLN A 289 -30.25 -26.50 -6.31
CA GLN A 289 -29.52 -27.27 -5.31
C GLN A 289 -28.03 -27.05 -5.51
N MET A 290 -27.34 -26.85 -4.35
CA MET A 290 -25.88 -26.65 -4.43
C MET A 290 -25.18 -27.78 -3.68
N VAL A 291 -24.09 -28.28 -4.22
CA VAL A 291 -23.31 -29.32 -3.55
C VAL A 291 -21.89 -28.78 -3.45
N LEU A 292 -21.24 -28.90 -2.30
CA LEU A 292 -19.87 -28.42 -2.14
C LEU A 292 -18.98 -29.68 -2.12
N ASN A 293 -18.11 -29.76 -3.13
CA ASN A 293 -17.41 -31.07 -3.16
C ASN A 293 -15.95 -31.01 -3.49
N LYS A 294 -15.32 -29.84 -3.30
CA LYS A 294 -13.89 -29.80 -3.58
C LYS A 294 -13.19 -28.84 -2.58
N ASN A 295 -12.12 -29.31 -1.96
CA ASN A 295 -11.32 -28.40 -1.13
C ASN A 295 -10.45 -27.54 -2.01
N VAL A 296 -10.02 -26.38 -1.49
CA VAL A 296 -9.13 -25.50 -2.27
C VAL A 296 -7.72 -26.08 -2.40
N ASP A 297 -6.95 -25.55 -3.34
CA ASP A 297 -5.57 -26.04 -3.49
C ASP A 297 -4.62 -25.21 -2.61
N ASN A 298 -4.92 -23.91 -2.52
CA ASN A 298 -4.03 -23.04 -1.66
C ASN A 298 -4.89 -22.06 -0.88
N PHE A 299 -4.85 -22.10 0.45
CA PHE A 299 -5.70 -21.28 1.29
C PHE A 299 -5.58 -19.80 1.00
N PHE A 300 -4.31 -19.32 0.85
CA PHE A 300 -4.10 -17.90 0.65
C PHE A 300 -4.66 -17.45 -0.71
N GLN A 301 -4.23 -18.16 -1.78
CA GLN A 301 -4.56 -17.73 -3.14
C GLN A 301 -6.06 -17.74 -3.39
N GLU A 302 -6.76 -18.66 -2.76
CA GLU A 302 -8.19 -18.82 -2.95
C GLU A 302 -9.03 -18.29 -1.79
N THR A 303 -8.97 -18.90 -0.62
CA THR A 303 -9.89 -18.48 0.46
C THR A 303 -9.56 -17.08 0.96
N GLU A 304 -8.28 -16.75 1.15
CA GLU A 304 -7.98 -15.43 1.68
C GLU A 304 -8.29 -14.37 0.63
N GLN A 305 -7.85 -14.60 -0.63
CA GLN A 305 -8.04 -13.59 -1.65
C GLN A 305 -9.41 -13.51 -2.32
N VAL A 306 -10.35 -14.39 -2.04
CA VAL A 306 -11.64 -14.27 -2.70
C VAL A 306 -12.32 -12.99 -2.28
N ALA A 307 -13.01 -12.33 -3.21
CA ALA A 307 -13.66 -11.04 -3.03
C ALA A 307 -15.17 -11.21 -3.22
N MET A 308 -15.88 -11.40 -2.11
CA MET A 308 -17.34 -11.57 -2.18
C MET A 308 -17.99 -10.19 -2.07
N ALA A 309 -18.89 -9.80 -2.97
CA ALA A 309 -19.48 -8.47 -2.83
C ALA A 309 -20.90 -8.45 -3.39
N PRO A 310 -21.82 -7.88 -2.67
CA PRO A 310 -23.20 -7.73 -3.13
C PRO A 310 -23.21 -6.92 -4.40
N ALA A 311 -22.20 -6.06 -4.70
CA ALA A 311 -22.13 -5.30 -5.92
C ALA A 311 -21.89 -6.23 -7.13
N ASN A 312 -21.46 -7.47 -6.97
CA ASN A 312 -21.21 -8.28 -8.17
C ASN A 312 -22.60 -8.87 -8.53
N LEU A 313 -23.26 -8.20 -9.45
CA LEU A 313 -24.61 -8.52 -9.89
C LEU A 313 -24.63 -8.83 -11.39
N VAL A 314 -25.68 -9.54 -11.78
CA VAL A 314 -25.83 -9.83 -13.24
C VAL A 314 -27.20 -9.26 -13.61
N PRO A 315 -27.45 -9.05 -14.88
CA PRO A 315 -28.74 -8.55 -15.39
C PRO A 315 -29.81 -9.51 -14.91
N GLY A 316 -30.86 -9.02 -14.29
CA GLY A 316 -31.92 -9.87 -13.75
C GLY A 316 -31.91 -9.87 -12.22
N ILE A 317 -30.85 -9.32 -11.61
CA ILE A 317 -30.75 -9.37 -10.15
C ILE A 317 -30.26 -8.01 -9.72
N GLU A 318 -30.98 -7.35 -8.82
CA GLU A 318 -30.55 -6.01 -8.39
C GLU A 318 -30.80 -5.95 -6.87
N PRO A 319 -30.20 -4.98 -6.23
CA PRO A 319 -30.47 -4.65 -4.83
C PRO A 319 -31.86 -4.03 -4.65
N SER A 320 -32.49 -4.38 -3.53
CA SER A 320 -33.77 -3.74 -3.19
C SER A 320 -33.41 -2.46 -2.42
N GLU A 321 -34.39 -1.71 -1.94
CA GLU A 321 -34.21 -0.49 -1.20
C GLU A 321 -34.02 -0.70 0.28
N ASP A 322 -33.76 -1.94 0.74
CA ASP A 322 -33.44 -2.23 2.12
C ASP A 322 -32.23 -1.36 2.43
N ARG A 323 -32.35 -0.50 3.44
CA ARG A 323 -31.28 0.41 3.72
C ARG A 323 -29.97 -0.15 4.25
N LEU A 324 -29.95 -1.35 4.76
CA LEU A 324 -28.73 -2.00 5.17
C LEU A 324 -28.02 -2.52 3.91
N LEU A 325 -28.85 -3.12 3.02
CA LEU A 325 -28.29 -3.65 1.78
C LEU A 325 -27.63 -2.59 0.90
N GLN A 326 -28.28 -1.44 0.76
CA GLN A 326 -27.79 -0.32 -0.01
C GLN A 326 -26.34 0.00 0.38
N GLY A 327 -26.06 0.11 1.68
CA GLY A 327 -24.67 0.33 2.14
C GLY A 327 -23.72 -0.79 1.74
N ARG A 328 -24.20 -2.03 1.71
CA ARG A 328 -23.37 -3.20 1.39
C ARG A 328 -23.00 -3.18 -0.09
N VAL A 329 -23.86 -2.56 -0.93
CA VAL A 329 -23.47 -2.45 -2.36
C VAL A 329 -22.21 -1.62 -2.54
N PHE A 330 -21.92 -0.70 -1.65
CA PHE A 330 -20.74 0.14 -1.68
C PHE A 330 -19.56 -0.52 -0.94
N SER A 331 -19.84 -0.96 0.28
CA SER A 331 -18.71 -1.32 1.18
C SER A 331 -17.80 -2.47 0.85
N TYR A 332 -18.35 -3.52 0.25
CA TYR A 332 -17.45 -4.71 0.01
C TYR A 332 -16.53 -4.35 -1.12
N ALA A 333 -17.06 -3.73 -2.19
CA ALA A 333 -16.17 -3.40 -3.32
C ALA A 333 -15.11 -2.42 -2.86
N ASP A 334 -15.51 -1.50 -1.97
CA ASP A 334 -14.55 -0.53 -1.45
C ASP A 334 -13.46 -1.16 -0.58
N THR A 335 -13.85 -1.99 0.38
CA THR A 335 -12.78 -2.60 1.22
C THR A 335 -11.89 -3.51 0.38
N GLN A 336 -12.38 -4.11 -0.71
CA GLN A 336 -11.55 -5.02 -1.52
C GLN A 336 -10.53 -4.24 -2.33
N MET A 337 -10.86 -2.97 -2.68
CA MET A 337 -9.89 -2.13 -3.39
C MET A 337 -8.68 -1.97 -2.47
N TYR A 338 -8.93 -1.90 -1.15
CA TYR A 338 -7.85 -1.73 -0.18
C TYR A 338 -7.18 -3.04 0.20
N ARG A 339 -7.95 -4.04 0.62
CA ARG A 339 -7.45 -5.34 1.09
C ARG A 339 -6.71 -6.11 0.00
N LEU A 340 -7.26 -6.10 -1.19
CA LEU A 340 -6.65 -6.75 -2.34
C LEU A 340 -5.90 -5.74 -3.21
N GLY A 341 -6.62 -4.73 -3.71
CA GLY A 341 -5.97 -3.79 -4.62
C GLY A 341 -6.95 -3.52 -5.78
N ALA A 342 -6.58 -2.48 -6.58
CA ALA A 342 -7.40 -2.14 -7.75
C ALA A 342 -7.52 -3.32 -8.69
N ASN A 343 -6.49 -4.17 -8.83
CA ASN A 343 -6.58 -5.34 -9.74
C ASN A 343 -7.07 -6.60 -9.08
N GLY A 344 -7.66 -6.51 -7.87
CA GLY A 344 -8.10 -7.68 -7.12
C GLY A 344 -9.08 -8.57 -7.88
N LEU A 345 -9.98 -8.00 -8.68
CA LEU A 345 -10.94 -8.82 -9.41
C LEU A 345 -10.32 -9.54 -10.61
N SER A 346 -9.07 -9.27 -10.94
CA SER A 346 -8.40 -10.06 -11.97
C SER A 346 -7.63 -11.24 -11.39
N LEU A 347 -7.62 -11.49 -10.07
CA LEU A 347 -6.96 -12.66 -9.51
C LEU A 347 -7.72 -13.90 -9.96
N PRO A 348 -7.09 -15.03 -10.14
CA PRO A 348 -7.71 -16.28 -10.55
C PRO A 348 -9.03 -16.59 -9.89
N VAL A 349 -9.15 -16.53 -8.58
CA VAL A 349 -10.37 -16.90 -7.88
C VAL A 349 -11.50 -15.89 -8.11
N ASN A 350 -11.15 -14.67 -8.45
CA ASN A 350 -12.18 -13.67 -8.62
C ASN A 350 -12.60 -13.47 -10.08
N GLN A 351 -11.86 -14.08 -11.02
CA GLN A 351 -12.23 -13.82 -12.43
C GLN A 351 -13.55 -14.48 -12.80
N PRO A 352 -14.32 -13.87 -13.70
CA PRO A 352 -15.56 -14.44 -14.19
C PRO A 352 -15.19 -15.51 -15.23
N LYS A 353 -16.16 -16.30 -15.63
CA LYS A 353 -15.98 -17.34 -16.61
C LYS A 353 -16.37 -16.81 -18.01
N VAL A 354 -16.60 -15.54 -18.18
CA VAL A 354 -16.96 -14.86 -19.40
C VAL A 354 -15.95 -13.72 -19.58
N ALA A 355 -15.97 -13.12 -20.77
CA ALA A 355 -15.01 -12.07 -21.14
C ALA A 355 -15.22 -10.76 -20.40
N VAL A 356 -14.14 -10.05 -20.11
CA VAL A 356 -14.19 -8.71 -19.50
C VAL A 356 -13.71 -7.74 -20.57
N ASN A 357 -14.48 -6.74 -20.88
CA ASN A 357 -14.18 -5.78 -21.95
C ASN A 357 -14.58 -4.38 -21.54
N ASN A 358 -13.58 -3.60 -21.11
CA ASN A 358 -13.83 -2.24 -20.69
C ASN A 358 -12.55 -1.45 -20.76
N GLY A 359 -12.64 -0.19 -20.36
CA GLY A 359 -11.53 0.72 -20.31
C GLY A 359 -10.89 0.85 -18.92
N ASN A 360 -11.17 -0.07 -17.98
CA ASN A 360 -10.53 0.08 -16.67
C ASN A 360 -9.06 -0.28 -16.85
N GLN A 361 -8.11 0.48 -16.31
CA GLN A 361 -6.71 0.11 -16.58
C GLN A 361 -5.72 0.40 -15.46
N ASP A 362 -4.48 0.00 -15.75
CA ASP A 362 -3.31 0.26 -14.91
C ASP A 362 -3.57 -0.21 -13.46
N GLY A 363 -3.17 0.57 -12.48
CA GLY A 363 -3.31 0.13 -11.08
C GLY A 363 -2.13 -0.79 -10.72
N ALA A 364 -1.84 -0.95 -9.42
CA ALA A 364 -0.73 -1.78 -8.98
C ALA A 364 -0.85 -3.23 -9.45
N LEU A 365 0.26 -3.80 -9.94
CA LEU A 365 0.41 -5.17 -10.38
C LEU A 365 -0.59 -5.55 -11.47
N ASN A 366 -0.54 -4.73 -12.54
CA ASN A 366 -1.43 -5.01 -13.67
C ASN A 366 -0.79 -6.12 -14.51
N THR A 367 -1.46 -7.26 -14.61
CA THR A 367 -0.88 -8.41 -15.31
C THR A 367 -1.44 -8.59 -16.72
N GLY A 368 -2.11 -7.59 -17.29
CA GLY A 368 -2.67 -7.78 -18.60
C GLY A 368 -1.63 -7.64 -19.72
N HIS A 369 -2.20 -7.81 -20.92
CA HIS A 369 -1.40 -7.61 -22.15
C HIS A 369 -2.24 -6.79 -23.12
N THR A 370 -2.31 -5.49 -22.92
CA THR A 370 -3.14 -4.62 -23.76
C THR A 370 -2.34 -4.19 -24.99
N THR A 371 -2.93 -4.20 -26.17
CA THR A 371 -2.24 -3.73 -27.38
C THR A 371 -2.98 -2.54 -27.97
N SER A 372 -4.26 -2.35 -27.64
CA SER A 372 -5.01 -1.22 -28.18
C SER A 372 -4.63 0.14 -27.65
N GLY A 373 -4.94 1.18 -28.44
CA GLY A 373 -4.76 2.59 -28.09
C GLY A 373 -6.10 3.14 -27.56
N VAL A 374 -7.18 2.39 -27.71
CA VAL A 374 -8.50 2.77 -27.28
C VAL A 374 -8.89 2.24 -25.89
N ASN A 375 -8.75 3.14 -24.92
CA ASN A 375 -9.14 2.81 -23.52
C ASN A 375 -10.22 3.80 -23.03
N TYR A 376 -11.04 4.21 -24.03
CA TYR A 376 -12.14 5.14 -23.80
C TYR A 376 -13.37 4.68 -24.59
N GLU A 377 -14.55 5.13 -24.15
CA GLU A 377 -15.83 4.79 -24.79
C GLU A 377 -16.69 6.05 -24.61
N PRO A 378 -17.36 6.47 -25.68
CA PRO A 378 -17.44 5.83 -26.95
C PRO A 378 -16.29 6.03 -27.93
N SER A 379 -16.08 5.07 -28.83
CA SER A 379 -15.04 5.18 -29.86
C SER A 379 -15.60 4.72 -31.20
N ARG A 380 -15.25 5.41 -32.29
CA ARG A 380 -15.74 4.90 -33.58
C ARG A 380 -14.70 3.99 -34.22
N LEU A 381 -13.48 3.97 -33.65
CA LEU A 381 -12.45 3.08 -34.14
C LEU A 381 -12.49 1.72 -33.50
N GLU A 382 -12.73 1.66 -32.18
CA GLU A 382 -12.81 0.34 -31.52
C GLU A 382 -13.93 0.43 -30.49
N PRO A 383 -15.15 0.37 -30.98
CA PRO A 383 -16.33 0.57 -30.16
C PRO A 383 -16.54 -0.57 -29.16
N ARG A 384 -17.18 -0.21 -28.06
CA ARG A 384 -17.64 -1.11 -27.02
C ARG A 384 -19.09 -0.76 -26.64
N PRO A 385 -20.02 -1.14 -27.49
CA PRO A 385 -21.44 -0.88 -27.30
C PRO A 385 -21.97 -1.51 -26.01
N ALA A 386 -22.93 -0.77 -25.44
CA ALA A 386 -23.66 -1.25 -24.27
C ALA A 386 -24.75 -2.19 -24.74
N ASP A 387 -25.41 -2.89 -23.83
CA ASP A 387 -26.49 -3.78 -24.23
C ASP A 387 -27.76 -3.16 -23.65
N ASP A 388 -28.63 -2.61 -24.52
CA ASP A 388 -29.82 -1.96 -23.97
C ASP A 388 -30.71 -2.88 -23.16
N LYS A 389 -30.67 -4.18 -23.33
CA LYS A 389 -31.42 -5.10 -22.49
C LYS A 389 -30.91 -5.14 -21.05
N ALA A 390 -29.72 -4.62 -20.77
CA ALA A 390 -29.18 -4.67 -19.41
C ALA A 390 -29.36 -3.36 -18.65
N ARG A 391 -30.21 -2.48 -19.18
CA ARG A 391 -30.49 -1.23 -18.45
C ARG A 391 -31.12 -1.57 -17.08
N TYR A 392 -30.84 -0.79 -16.05
CA TYR A 392 -31.38 -1.07 -14.71
C TYR A 392 -32.90 -0.94 -14.68
N SER A 393 -33.60 -1.53 -13.71
CA SER A 393 -35.05 -1.33 -13.69
C SER A 393 -35.37 0.08 -13.20
N GLU A 394 -36.60 0.57 -13.43
CA GLU A 394 -36.92 1.92 -13.00
C GLU A 394 -37.84 1.86 -11.78
N LEU A 395 -37.40 2.42 -10.66
CA LEU A 395 -38.28 2.36 -9.45
C LEU A 395 -39.00 3.66 -9.27
N PRO A 396 -40.31 3.67 -9.00
CA PRO A 396 -41.08 4.88 -8.87
C PRO A 396 -40.69 5.60 -7.59
N LEU A 397 -40.63 6.90 -7.61
CA LEU A 397 -40.24 7.71 -6.48
C LEU A 397 -41.38 8.59 -5.95
N SER A 398 -41.28 8.96 -4.68
CA SER A 398 -42.32 9.87 -4.15
C SER A 398 -41.73 10.57 -2.93
N GLY A 399 -42.13 11.81 -2.68
CA GLY A 399 -41.61 12.50 -1.48
C GLY A 399 -40.39 13.32 -1.81
N THR A 400 -39.51 13.45 -0.80
CA THR A 400 -38.31 14.25 -0.98
C THR A 400 -37.08 13.47 -0.52
N THR A 401 -35.90 14.03 -0.80
CA THR A 401 -34.69 13.39 -0.25
C THR A 401 -34.85 13.58 1.26
N GLN A 402 -34.44 12.64 2.10
CA GLN A 402 -34.71 12.75 3.53
C GLN A 402 -33.77 11.90 4.38
N GLN A 403 -33.77 12.13 5.69
CA GLN A 403 -33.02 11.31 6.67
C GLN A 403 -34.03 10.98 7.76
N ALA A 404 -34.69 9.81 7.63
CA ALA A 404 -35.72 9.52 8.63
C ALA A 404 -35.92 8.01 8.72
N LYS A 405 -36.16 7.53 9.93
CA LYS A 405 -36.34 6.09 10.09
C LYS A 405 -37.54 5.55 9.31
N ILE A 406 -37.48 4.22 9.01
CA ILE A 406 -38.62 3.65 8.28
C ILE A 406 -39.86 3.81 9.14
N THR A 407 -41.03 3.79 8.51
CA THR A 407 -42.26 4.08 9.23
C THR A 407 -42.94 2.94 9.96
N ARG A 408 -42.59 1.70 9.76
CA ARG A 408 -43.16 0.59 10.49
C ARG A 408 -41.99 -0.12 11.20
N GLU A 409 -41.92 -0.15 12.52
CA GLU A 409 -40.75 -0.85 13.10
C GLU A 409 -41.00 -2.23 13.66
N GLN A 410 -42.12 -2.38 14.38
CA GLN A 410 -42.46 -3.67 15.03
C GLN A 410 -41.24 -4.37 15.61
N ASN A 411 -40.58 -3.71 16.59
CA ASN A 411 -39.31 -4.27 17.06
C ASN A 411 -39.34 -5.46 17.94
N PHE A 412 -40.47 -5.84 18.51
CA PHE A 412 -40.49 -6.92 19.49
C PHE A 412 -41.30 -8.16 19.12
N LYS A 413 -42.24 -8.12 18.20
CA LYS A 413 -43.14 -9.23 17.92
C LYS A 413 -42.51 -10.51 17.46
N GLN A 414 -41.60 -10.36 16.47
CA GLN A 414 -40.91 -11.52 15.88
C GLN A 414 -39.94 -12.14 16.87
N ALA A 415 -39.37 -11.30 17.73
CA ALA A 415 -38.43 -11.79 18.75
C ALA A 415 -39.20 -12.65 19.75
N GLY A 416 -40.41 -12.20 20.15
CA GLY A 416 -41.27 -13.02 21.03
C GLY A 416 -41.69 -14.31 20.33
N ASP A 417 -42.09 -14.26 19.08
CA ASP A 417 -42.43 -15.42 18.27
C ASP A 417 -41.32 -16.44 18.31
N LEU A 418 -40.07 -15.99 18.06
CA LEU A 418 -38.89 -16.83 18.12
C LEU A 418 -38.65 -17.48 19.46
N TYR A 419 -38.72 -16.71 20.54
CA TYR A 419 -38.57 -17.19 21.91
C TYR A 419 -39.59 -18.28 22.20
N ARG A 420 -40.85 -18.04 21.87
CA ARG A 420 -41.92 -18.99 22.11
C ARG A 420 -41.84 -20.26 21.28
N SER A 421 -41.15 -20.22 20.16
CA SER A 421 -40.93 -21.39 19.32
C SER A 421 -39.84 -22.33 19.87
N TYR A 422 -39.02 -21.86 20.82
CA TYR A 422 -37.93 -22.65 21.34
C TYR A 422 -38.37 -23.71 22.35
N SER A 423 -37.60 -24.81 22.37
CA SER A 423 -37.94 -25.84 23.36
C SER A 423 -37.60 -25.32 24.75
N ALA A 424 -38.08 -26.02 25.81
CA ALA A 424 -37.71 -25.67 27.16
C ALA A 424 -36.19 -25.65 27.34
N LYS A 425 -35.51 -26.66 26.78
CA LYS A 425 -34.06 -26.74 26.93
C LYS A 425 -33.41 -25.56 26.19
N GLU A 426 -33.89 -25.28 24.98
CA GLU A 426 -33.32 -24.17 24.20
C GLU A 426 -33.59 -22.86 24.92
N LYS A 427 -34.76 -22.71 25.54
CA LYS A 427 -35.08 -21.51 26.28
C LYS A 427 -34.08 -21.31 27.43
N THR A 428 -33.82 -22.38 28.18
CA THR A 428 -32.88 -22.31 29.31
C THR A 428 -31.47 -21.89 28.92
N ASP A 429 -30.97 -22.43 27.85
CA ASP A 429 -29.64 -22.08 27.31
C ASP A 429 -29.63 -20.65 26.83
N LEU A 430 -30.67 -20.23 26.09
CA LEU A 430 -30.75 -18.81 25.67
C LEU A 430 -30.67 -17.87 26.84
N VAL A 431 -31.55 -18.04 27.83
CA VAL A 431 -31.64 -17.22 29.03
C VAL A 431 -30.36 -17.17 29.82
N GLN A 432 -29.70 -18.30 30.03
CA GLN A 432 -28.44 -18.31 30.78
C GLN A 432 -27.32 -17.63 30.01
N LYS A 433 -27.25 -17.80 28.69
CA LYS A 433 -26.21 -17.18 27.89
C LYS A 433 -26.38 -15.68 27.76
N PHE A 434 -27.65 -15.27 27.53
CA PHE A 434 -27.90 -13.84 27.40
C PHE A 434 -27.64 -13.18 28.78
N GLY A 435 -28.24 -13.78 29.81
CA GLY A 435 -28.09 -13.17 31.15
C GLY A 435 -26.62 -13.12 31.58
N GLU A 436 -25.78 -14.13 31.35
CA GLU A 436 -24.39 -14.05 31.78
C GLU A 436 -23.64 -12.95 31.03
N SER A 437 -24.00 -12.83 29.74
CA SER A 437 -23.36 -11.77 28.93
C SER A 437 -23.71 -10.36 29.34
N LEU A 438 -24.94 -10.11 29.80
CA LEU A 438 -25.47 -8.84 30.19
C LEU A 438 -25.18 -8.47 31.64
N ALA A 439 -24.75 -9.42 32.45
CA ALA A 439 -24.66 -9.20 33.90
C ALA A 439 -23.80 -8.03 34.32
N ASP A 440 -22.69 -7.75 33.60
CA ASP A 440 -21.95 -6.58 34.11
C ASP A 440 -22.15 -5.31 33.31
N THR A 441 -23.26 -5.15 32.60
CA THR A 441 -23.57 -3.93 31.86
C THR A 441 -24.02 -2.86 32.87
N LEU A 442 -23.75 -1.62 32.58
CA LEU A 442 -24.19 -0.48 33.40
C LEU A 442 -25.70 -0.62 33.62
N THR A 443 -26.12 -0.33 34.86
CA THR A 443 -27.52 -0.56 35.24
C THR A 443 -28.54 0.05 34.30
N GLU A 444 -28.36 1.29 33.90
CA GLU A 444 -29.34 1.90 33.03
C GLU A 444 -29.49 1.12 31.71
N SER A 445 -28.39 0.79 31.03
CA SER A 445 -28.51 0.04 29.77
C SER A 445 -29.06 -1.36 30.01
N LYS A 446 -28.66 -1.98 31.11
CA LYS A 446 -29.10 -3.33 31.44
C LYS A 446 -30.61 -3.37 31.62
N ASN A 447 -31.23 -2.46 32.38
CA ASN A 447 -32.68 -2.56 32.53
C ASN A 447 -33.39 -2.20 31.23
N ILE A 448 -32.77 -1.36 30.39
CA ILE A 448 -33.43 -1.03 29.11
C ILE A 448 -33.39 -2.26 28.20
N MET A 449 -32.25 -2.92 28.12
CA MET A 449 -32.13 -4.17 27.36
C MET A 449 -33.17 -5.17 27.85
N LEU A 450 -33.30 -5.34 29.16
CA LEU A 450 -34.28 -6.28 29.73
C LEU A 450 -35.69 -5.94 29.35
N SER A 451 -36.00 -4.64 29.27
CA SER A 451 -37.35 -4.19 28.89
C SER A 451 -37.66 -4.64 27.46
N TYR A 452 -36.63 -4.62 26.59
CA TYR A 452 -36.85 -5.12 25.22
C TYR A 452 -37.21 -6.58 25.22
N LEU A 453 -36.54 -7.41 26.00
CA LEU A 453 -36.78 -8.84 26.08
C LEU A 453 -38.13 -9.10 26.74
N TYR A 454 -38.44 -8.28 27.73
CA TYR A 454 -39.74 -8.43 28.44
C TYR A 454 -40.88 -8.09 27.53
N LYS A 455 -40.67 -7.13 26.63
CA LYS A 455 -41.75 -6.74 25.70
C LYS A 455 -41.91 -7.79 24.63
N GLU A 456 -40.87 -8.48 24.19
CA GLU A 456 -40.89 -9.59 23.26
C GLU A 456 -41.70 -10.74 23.89
N ASP A 457 -41.35 -11.05 25.14
CA ASP A 457 -42.10 -12.06 25.91
C ASP A 457 -41.77 -11.88 27.39
N PRO A 458 -42.76 -11.76 28.26
CA PRO A 458 -42.60 -11.52 29.68
C PRO A 458 -41.76 -12.57 30.39
N ASN A 459 -41.83 -13.82 29.95
CA ASN A 459 -41.07 -14.90 30.57
C ASN A 459 -39.59 -14.73 30.20
N TYR A 460 -39.40 -14.45 28.91
CA TYR A 460 -37.99 -14.23 28.46
C TYR A 460 -37.34 -13.15 29.31
N GLY A 461 -37.94 -11.96 29.33
CA GLY A 461 -37.41 -10.84 30.08
C GLY A 461 -37.27 -11.08 31.60
N THR A 462 -38.25 -11.75 32.21
CA THR A 462 -38.12 -12.06 33.65
C THR A 462 -36.96 -13.00 33.93
N ARG A 463 -36.75 -14.04 33.11
CA ARG A 463 -35.69 -15.00 33.40
C ARG A 463 -34.35 -14.36 33.12
N VAL A 464 -34.21 -13.67 31.98
CA VAL A 464 -32.87 -13.06 31.76
C VAL A 464 -32.61 -12.00 32.82
N ALA A 465 -33.64 -11.26 33.26
CA ALA A 465 -33.45 -10.30 34.36
C ALA A 465 -32.93 -10.95 35.64
N GLU A 466 -33.34 -12.15 36.01
CA GLU A 466 -32.86 -12.83 37.20
C GLU A 466 -31.36 -13.19 37.04
N VAL A 467 -31.00 -13.79 35.90
CA VAL A 467 -29.58 -14.15 35.67
C VAL A 467 -28.71 -12.91 35.60
N ALA A 468 -29.13 -11.82 34.96
CA ALA A 468 -28.34 -10.63 34.78
C ALA A 468 -28.41 -9.71 36.00
N LYS A 469 -29.25 -10.05 36.96
CA LYS A 469 -29.41 -9.21 38.16
C LYS A 469 -29.91 -7.83 37.80
N GLY A 470 -30.94 -7.72 36.98
CA GLY A 470 -31.57 -6.43 36.70
C GLY A 470 -32.70 -6.22 37.69
N ASP A 471 -33.34 -5.08 37.67
CA ASP A 471 -34.41 -4.71 38.60
C ASP A 471 -35.75 -4.94 37.91
N LEU A 472 -36.42 -6.03 38.19
CA LEU A 472 -37.67 -6.39 37.54
C LEU A 472 -38.76 -5.36 37.51
N SER A 473 -38.98 -4.67 38.64
CA SER A 473 -40.01 -3.63 38.67
C SER A 473 -39.68 -2.52 37.69
N LYS A 474 -38.42 -2.12 37.55
CA LYS A 474 -38.02 -1.11 36.57
C LYS A 474 -38.17 -1.68 35.15
N VAL A 475 -37.81 -2.97 35.02
CA VAL A 475 -37.99 -3.59 33.70
C VAL A 475 -39.45 -3.54 33.27
N LYS A 476 -40.36 -3.99 34.14
CA LYS A 476 -41.77 -3.94 33.81
C LYS A 476 -42.28 -2.55 33.49
N SER A 477 -41.87 -1.51 34.21
CA SER A 477 -42.39 -0.17 33.92
C SER A 477 -41.81 0.40 32.64
N LEU A 478 -40.52 0.17 32.38
CA LEU A 478 -39.97 0.54 31.09
C LEU A 478 -40.73 -0.25 30.00
N ALA A 479 -40.97 -1.54 30.11
CA ALA A 479 -41.69 -2.22 29.02
C ALA A 479 -43.10 -1.71 28.75
N ALA A 480 -43.83 -1.30 29.80
CA ALA A 480 -45.19 -0.79 29.62
C ALA A 480 -45.27 0.39 28.68
N SER A 481 -44.26 1.24 28.58
CA SER A 481 -44.21 2.38 27.71
C SER A 481 -43.70 2.04 26.31
N LEU A 482 -43.25 0.81 26.05
CA LEU A 482 -42.73 0.47 24.73
C LEU A 482 -43.90 0.21 23.79
N LYS A 483 -43.72 0.52 22.51
CA LYS A 483 -44.81 0.24 21.56
C LYS A 483 -44.56 -1.01 20.76
N ASP A 484 -45.64 -1.68 20.37
CA ASP A 484 -45.60 -2.91 19.58
C ASP A 484 -44.98 -2.63 18.21
N ASP B 2 23.61 20.36 14.69
CA ASP B 2 23.43 19.23 15.64
C ASP B 2 23.88 17.95 14.93
N THR B 3 24.28 16.98 15.72
CA THR B 3 24.81 15.71 15.23
C THR B 3 23.77 14.95 14.40
N LEU B 4 24.21 14.33 13.31
CA LEU B 4 23.32 13.53 12.48
C LEU B 4 22.89 12.29 13.26
N THR B 5 21.62 11.89 13.16
CA THR B 5 21.19 10.69 13.84
C THR B 5 20.46 9.73 12.85
N ARG B 6 20.19 8.53 13.36
CA ARG B 6 19.41 7.54 12.64
C ARG B 6 17.98 7.81 13.14
N ASP B 7 16.98 7.11 12.64
CA ASP B 7 15.57 7.36 12.99
C ASP B 7 15.24 6.96 14.40
N ASN B 8 16.06 6.11 15.06
CA ASN B 8 15.84 5.82 16.45
C ASN B 8 16.49 6.87 17.37
N GLY B 9 17.10 7.92 16.84
CA GLY B 9 17.74 8.93 17.66
C GLY B 9 19.24 8.68 17.89
N ALA B 10 19.76 7.52 17.51
CA ALA B 10 21.16 7.21 17.77
C ALA B 10 22.09 7.97 16.81
N VAL B 11 23.17 8.52 17.35
CA VAL B 11 24.12 9.32 16.59
C VAL B 11 24.91 8.48 15.60
N VAL B 12 25.18 9.04 14.44
CA VAL B 12 25.91 8.30 13.39
C VAL B 12 27.41 8.60 13.57
N GLY B 13 28.26 7.61 13.47
CA GLY B 13 29.71 7.79 13.60
C GLY B 13 30.33 8.12 12.24
N ASP B 14 29.85 7.63 11.13
CA ASP B 14 30.43 7.96 9.83
C ASP B 14 29.38 7.93 8.72
N ASN B 15 29.05 9.09 8.17
CA ASN B 15 28.06 9.15 7.09
C ASN B 15 28.69 9.17 5.72
N GLN B 16 30.02 8.93 5.60
CA GLN B 16 30.68 8.99 4.31
C GLN B 16 31.08 7.64 3.73
N ASN B 17 31.27 6.64 4.58
CA ASN B 17 31.71 5.32 4.20
C ASN B 17 30.81 4.17 4.69
N SER B 18 30.49 3.27 3.77
CA SER B 18 29.77 2.05 4.19
C SER B 18 30.73 1.18 4.99
N GLN B 19 30.20 0.30 5.84
CA GLN B 19 31.06 -0.61 6.62
C GLN B 19 31.43 -1.78 5.72
N THR B 20 32.74 -2.05 5.54
CA THR B 20 33.15 -3.09 4.60
C THR B 20 34.03 -4.12 5.30
N ALA B 21 34.19 -5.29 4.67
CA ALA B 21 35.03 -6.35 5.26
C ALA B 21 36.47 -6.13 4.73
N GLY B 22 37.18 -5.25 5.43
CA GLY B 22 38.53 -4.89 5.00
C GLY B 22 38.42 -3.81 3.92
N ALA B 23 39.55 -3.16 3.63
CA ALA B 23 39.60 -2.10 2.63
C ALA B 23 39.19 -2.52 1.24
N GLN B 24 39.44 -3.75 0.83
CA GLN B 24 39.07 -4.22 -0.49
C GLN B 24 37.90 -5.19 -0.48
N GLY B 25 37.21 -5.26 0.66
CA GLY B 25 36.16 -6.26 0.82
C GLY B 25 34.75 -5.72 0.60
N PRO B 26 33.81 -6.65 0.55
CA PRO B 26 32.40 -6.37 0.38
C PRO B 26 31.75 -5.61 1.53
N VAL B 27 30.55 -5.04 1.25
CA VAL B 27 29.82 -4.29 2.28
C VAL B 27 29.05 -5.23 3.21
N LEU B 28 28.92 -4.83 4.50
CA LEU B 28 28.27 -5.68 5.46
C LEU B 28 26.77 -5.45 5.58
N LEU B 29 26.02 -6.54 5.74
CA LEU B 29 24.57 -6.42 5.95
C LEU B 29 24.25 -5.69 7.26
N GLN B 30 25.16 -5.72 8.25
CA GLN B 30 24.86 -5.07 9.52
C GLN B 30 25.01 -3.57 9.57
N ASP B 31 25.38 -2.92 8.44
CA ASP B 31 25.52 -1.45 8.53
C ASP B 31 24.14 -0.81 8.53
N VAL B 32 23.55 -0.66 9.71
CA VAL B 32 22.14 -0.23 9.82
C VAL B 32 21.97 1.19 9.25
N GLN B 33 22.98 2.06 9.29
CA GLN B 33 22.80 3.42 8.70
C GLN B 33 22.63 3.29 7.20
N LEU B 34 23.54 2.58 6.51
CA LEU B 34 23.37 2.37 5.07
C LEU B 34 21.98 1.82 4.73
N LEU B 35 21.62 0.73 5.39
CA LEU B 35 20.29 0.14 5.11
C LEU B 35 19.15 1.09 5.44
N GLN B 36 19.12 1.79 6.55
CA GLN B 36 17.99 2.67 6.86
C GLN B 36 17.94 3.87 5.92
N LYS B 37 19.10 4.43 5.55
CA LYS B 37 19.06 5.53 4.58
C LYS B 37 18.52 5.05 3.24
N LEU B 38 18.95 3.88 2.75
CA LEU B 38 18.47 3.38 1.48
C LEU B 38 16.99 2.95 1.55
N GLN B 39 16.57 2.39 2.67
CA GLN B 39 15.14 1.98 2.78
C GLN B 39 14.21 3.18 2.75
N ARG B 40 14.55 4.26 3.45
CA ARG B 40 13.77 5.49 3.43
C ARG B 40 13.78 6.13 2.06
N PHE B 41 14.97 6.32 1.46
CA PHE B 41 15.06 6.84 0.12
C PHE B 41 14.26 6.05 -0.91
N ASP B 42 14.29 4.73 -0.84
CA ASP B 42 13.60 3.84 -1.76
C ASP B 42 12.06 3.94 -1.70
N ARG B 43 11.52 4.52 -0.65
CA ARG B 43 10.10 4.70 -0.43
C ARG B 43 9.65 6.16 -0.35
N GLU B 44 10.40 7.08 -0.96
CA GLU B 44 10.02 8.49 -0.86
C GLU B 44 8.78 8.90 -1.68
N ARG B 45 8.59 8.25 -2.81
CA ARG B 45 7.53 8.67 -3.72
C ARG B 45 6.19 8.00 -3.41
N ILE B 46 5.14 8.77 -3.61
CA ILE B 46 3.77 8.23 -3.45
C ILE B 46 3.17 8.43 -4.84
N PRO B 47 2.05 7.85 -5.14
CA PRO B 47 1.39 7.98 -6.44
C PRO B 47 1.04 9.45 -6.71
N GLU B 48 1.28 9.90 -7.95
CA GLU B 48 0.90 11.29 -8.24
C GLU B 48 -0.63 11.39 -8.39
N ARG B 49 -1.15 12.62 -8.32
CA ARG B 49 -2.61 12.73 -8.55
C ARG B 49 -2.96 12.16 -9.92
N VAL B 50 -4.10 11.49 -10.02
CA VAL B 50 -4.49 10.89 -11.29
C VAL B 50 -4.68 11.96 -12.39
N VAL B 51 -5.18 13.10 -12.00
CA VAL B 51 -5.27 14.30 -12.84
C VAL B 51 -4.77 15.43 -11.98
N HIS B 52 -4.34 16.54 -12.63
CA HIS B 52 -3.77 17.68 -11.93
C HIS B 52 -2.56 17.31 -11.09
N ALA B 53 -1.67 16.44 -11.56
CA ALA B 53 -0.44 16.03 -10.89
C ALA B 53 0.58 17.16 -10.73
N ARG B 54 0.60 18.03 -11.75
CA ARG B 54 1.50 19.19 -11.74
C ARG B 54 0.84 20.36 -11.05
N GLY B 55 1.28 20.75 -9.88
CA GLY B 55 0.66 21.85 -9.15
C GLY B 55 1.65 22.65 -8.35
N THR B 56 1.21 23.74 -7.76
CA THR B 56 1.89 24.71 -6.95
C THR B 56 0.96 25.10 -5.80
N GLY B 57 1.43 25.08 -4.58
CA GLY B 57 0.55 25.44 -3.47
C GLY B 57 1.00 26.70 -2.75
N VAL B 58 0.07 27.56 -2.36
CA VAL B 58 0.42 28.75 -1.58
C VAL B 58 -0.58 28.91 -0.44
N LYS B 59 -0.29 29.71 0.58
CA LYS B 59 -1.19 29.92 1.68
C LYS B 59 -1.69 31.37 1.70
N GLY B 60 -2.82 31.62 2.37
CA GLY B 60 -3.27 33.02 2.41
C GLY B 60 -4.45 33.19 3.34
N GLU B 61 -5.28 34.25 3.09
CA GLU B 61 -6.42 34.46 3.98
C GLU B 61 -7.61 34.96 3.15
N PHE B 62 -8.80 34.58 3.60
CA PHE B 62 -10.01 35.01 2.90
C PHE B 62 -10.76 35.89 3.90
N THR B 63 -11.34 37.00 3.42
CA THR B 63 -12.10 37.88 4.32
C THR B 63 -13.48 38.12 3.71
N ALA B 64 -14.53 37.73 4.38
CA ALA B 64 -15.90 37.89 3.88
C ALA B 64 -16.34 39.36 3.96
N SER B 65 -17.09 39.85 3.00
CA SER B 65 -17.42 41.28 3.08
C SER B 65 -18.87 41.64 2.79
N ALA B 66 -19.76 40.67 2.72
CA ALA B 66 -21.17 40.94 2.46
C ALA B 66 -22.03 40.26 3.50
N ASP B 67 -23.29 40.69 3.66
CA ASP B 67 -24.18 39.96 4.57
C ASP B 67 -24.96 39.01 3.67
N ILE B 68 -24.61 37.73 3.59
CA ILE B 68 -25.39 36.84 2.72
C ILE B 68 -26.08 35.77 3.57
N SER B 69 -26.45 36.12 4.79
CA SER B 69 -27.12 35.21 5.72
C SER B 69 -28.53 34.83 5.29
N ASP B 70 -29.04 35.49 4.30
CA ASP B 70 -30.29 35.26 3.62
C ASP B 70 -30.08 34.05 2.69
N LEU B 71 -28.84 33.84 2.25
CA LEU B 71 -28.51 32.74 1.36
C LEU B 71 -27.83 31.56 2.08
N SER B 72 -26.89 31.82 2.98
CA SER B 72 -26.19 30.70 3.62
C SER B 72 -25.90 30.96 5.09
N LYS B 73 -26.04 29.95 5.96
CA LYS B 73 -25.69 30.10 7.35
C LYS B 73 -24.19 29.84 7.61
N ALA B 74 -23.41 29.54 6.59
CA ALA B 74 -21.99 29.25 6.80
C ALA B 74 -21.18 30.39 7.39
N THR B 75 -20.46 30.14 8.45
CA THR B 75 -19.60 31.06 9.17
C THR B 75 -18.53 31.66 8.26
N VAL B 76 -18.11 30.94 7.22
CA VAL B 76 -17.08 31.45 6.31
C VAL B 76 -17.52 32.73 5.61
N PHE B 77 -18.81 32.85 5.33
CA PHE B 77 -19.38 34.01 4.63
C PHE B 77 -19.90 35.12 5.53
N LYS B 78 -19.77 34.98 6.82
CA LYS B 78 -20.22 36.01 7.76
C LYS B 78 -19.38 37.27 7.58
N SER B 79 -20.05 38.42 7.36
CA SER B 79 -19.32 39.66 7.12
C SER B 79 -18.20 39.94 8.10
N GLY B 80 -16.98 40.19 7.60
CA GLY B 80 -15.88 40.41 8.56
C GLY B 80 -15.18 39.12 8.98
N GLU B 81 -15.67 37.95 8.56
CA GLU B 81 -15.01 36.71 8.99
C GLU B 81 -13.69 36.49 8.27
N LYS B 82 -12.62 36.28 9.01
CA LYS B 82 -11.32 35.99 8.39
C LYS B 82 -10.96 34.49 8.57
N THR B 83 -10.74 33.86 7.43
CA THR B 83 -10.40 32.44 7.38
C THR B 83 -9.10 32.19 6.61
N PRO B 84 -8.21 31.42 7.22
CA PRO B 84 -6.95 31.03 6.59
C PRO B 84 -7.28 30.13 5.41
N VAL B 85 -6.48 30.13 4.36
CA VAL B 85 -6.67 29.29 3.20
C VAL B 85 -5.38 28.62 2.75
N PHE B 86 -5.53 27.51 2.05
CA PHE B 86 -4.50 26.81 1.33
C PHE B 86 -4.99 26.70 -0.10
N VAL B 87 -4.23 27.21 -1.08
CA VAL B 87 -4.58 27.13 -2.46
C VAL B 87 -3.59 26.33 -3.30
N ARG B 88 -4.06 25.43 -4.16
CA ARG B 88 -3.19 24.70 -5.05
C ARG B 88 -3.71 24.94 -6.45
N PHE B 89 -2.83 25.46 -7.31
CA PHE B 89 -3.01 25.71 -8.71
C PHE B 89 -2.33 24.58 -9.48
N SER B 90 -2.78 24.20 -10.64
CA SER B 90 -2.26 23.11 -11.41
C SER B 90 -2.65 23.07 -12.86
N SER B 91 -1.97 22.25 -13.63
CA SER B 91 -2.40 21.93 -14.99
C SER B 91 -3.21 20.65 -14.79
N VAL B 92 -3.67 19.99 -15.81
CA VAL B 92 -4.55 18.86 -15.72
C VAL B 92 -4.01 17.52 -16.19
N VAL B 93 -3.61 17.45 -17.45
CA VAL B 93 -3.36 16.18 -18.09
C VAL B 93 -2.01 15.55 -17.85
N HIS B 94 -0.95 16.35 -17.80
CA HIS B 94 0.38 15.72 -17.72
C HIS B 94 0.97 15.57 -16.32
N GLY B 95 1.91 14.64 -16.22
N GLY B 95 2.06 14.82 -16.33
CA GLY B 95 2.55 14.24 -14.99
CA GLY B 95 2.84 14.39 -15.21
C GLY B 95 3.38 15.32 -14.33
C GLY B 95 3.30 15.47 -14.28
N ASN B 96 3.94 15.02 -13.16
N ASN B 96 3.80 14.98 -13.12
CA ASN B 96 4.76 16.02 -12.47
CA ASN B 96 4.22 15.98 -12.14
C ASN B 96 5.98 16.35 -13.32
C ASN B 96 5.35 16.87 -12.65
N HIS B 97 6.42 17.59 -13.17
N HIS B 97 6.28 16.73 -13.59
CA HIS B 97 7.49 18.14 -13.96
CA HIS B 97 7.28 17.72 -13.97
C HIS B 97 7.16 18.27 -15.42
N SER B 98 5.92 18.17 -15.88
CA SER B 98 5.57 18.46 -17.26
C SER B 98 5.63 19.97 -17.41
N PRO B 99 5.96 20.41 -18.62
CA PRO B 99 6.09 21.83 -18.95
C PRO B 99 4.79 22.53 -18.55
N GLU B 100 4.90 23.61 -17.81
CA GLU B 100 3.74 24.40 -17.41
C GLU B 100 3.14 25.23 -18.56
N THR B 101 3.74 25.20 -19.75
CA THR B 101 3.27 25.79 -20.99
C THR B 101 2.38 24.87 -21.80
N LEU B 102 2.20 23.60 -21.39
CA LEU B 102 1.33 22.74 -22.21
C LEU B 102 -0.10 23.29 -22.12
N ARG B 103 -0.88 23.09 -23.18
CA ARG B 103 -2.24 23.59 -23.29
C ARG B 103 -3.22 22.75 -22.47
N ASP B 104 -3.90 23.39 -21.54
CA ASP B 104 -4.88 22.69 -20.69
C ASP B 104 -5.75 23.70 -19.95
N PRO B 105 -6.78 23.22 -19.28
CA PRO B 105 -7.47 23.98 -18.26
C PRO B 105 -6.51 24.11 -17.09
N HIS B 106 -6.64 25.08 -16.20
CA HIS B 106 -5.78 25.22 -15.04
C HIS B 106 -6.62 25.15 -13.77
N GLY B 107 -6.18 24.27 -12.85
CA GLY B 107 -6.98 24.05 -11.64
C GLY B 107 -6.74 25.15 -10.65
N PHE B 108 -7.78 25.43 -9.85
CA PHE B 108 -7.70 26.49 -8.85
C PHE B 108 -8.45 26.02 -7.60
N ALA B 109 -7.78 25.18 -6.80
CA ALA B 109 -8.47 24.64 -5.62
C ALA B 109 -8.18 25.43 -4.37
N THR B 110 -9.25 25.78 -3.61
CA THR B 110 -9.08 26.48 -2.36
C THR B 110 -9.61 25.75 -1.13
N LYS B 111 -8.75 25.57 -0.12
CA LYS B 111 -9.21 24.96 1.12
C LYS B 111 -9.35 26.04 2.19
N PHE B 112 -10.61 26.21 2.62
CA PHE B 112 -10.92 27.21 3.63
C PHE B 112 -10.92 26.53 4.99
N TYR B 113 -10.07 26.93 5.91
CA TYR B 113 -10.01 26.36 7.23
C TYR B 113 -10.99 27.14 8.14
N THR B 114 -12.26 26.94 7.87
CA THR B 114 -13.30 27.69 8.57
C THR B 114 -13.51 27.27 10.00
N ALA B 115 -14.25 28.14 10.74
CA ALA B 115 -14.63 27.85 12.12
C ALA B 115 -15.70 26.76 12.24
N ASP B 116 -16.27 26.28 11.15
CA ASP B 116 -17.27 25.22 11.16
C ASP B 116 -16.66 23.93 10.53
N GLY B 117 -15.39 23.97 10.11
CA GLY B 117 -14.75 22.82 9.49
C GLY B 117 -14.06 23.25 8.21
N ASN B 118 -13.41 22.33 7.50
CA ASN B 118 -12.74 22.67 6.26
C ASN B 118 -13.70 22.57 5.07
N TRP B 119 -13.79 23.66 4.31
CA TRP B 119 -14.62 23.68 3.12
C TRP B 119 -13.68 23.81 1.93
N ASP B 120 -13.80 22.92 0.96
CA ASP B 120 -12.95 23.04 -0.21
C ASP B 120 -13.75 23.45 -1.43
N LEU B 121 -13.29 24.51 -2.10
CA LEU B 121 -13.93 24.96 -3.34
C LEU B 121 -12.97 24.57 -4.44
N VAL B 122 -13.21 23.45 -5.10
CA VAL B 122 -12.28 22.90 -6.07
C VAL B 122 -12.71 23.33 -7.47
N GLY B 123 -12.07 24.42 -7.93
CA GLY B 123 -12.48 24.92 -9.25
C GLY B 123 -11.39 24.90 -10.32
N ASN B 124 -11.67 25.57 -11.45
CA ASN B 124 -10.78 25.72 -12.58
C ASN B 124 -10.87 27.17 -13.08
N ASN B 125 -9.95 27.50 -14.01
CA ASN B 125 -10.11 28.83 -14.62
C ASN B 125 -11.29 28.79 -15.57
N PHE B 126 -11.48 27.74 -16.35
CA PHE B 126 -12.59 27.64 -17.28
C PHE B 126 -13.87 27.53 -16.43
N PRO B 127 -14.88 28.29 -16.80
CA PRO B 127 -16.17 28.30 -16.11
C PRO B 127 -17.08 27.13 -16.43
N THR B 128 -16.82 26.42 -17.50
CA THR B 128 -17.51 25.25 -17.98
C THR B 128 -16.59 24.04 -18.10
N PHE B 129 -17.13 22.84 -18.23
CA PHE B 129 -16.39 21.59 -18.38
C PHE B 129 -16.77 20.93 -19.71
N PHE B 130 -16.02 19.94 -20.17
CA PHE B 130 -16.22 19.26 -21.44
C PHE B 130 -17.37 18.27 -21.51
N ILE B 131 -17.73 17.75 -20.32
CA ILE B 131 -18.77 16.73 -20.23
C ILE B 131 -19.73 17.12 -19.11
N ARG B 132 -20.87 16.43 -19.05
CA ARG B 132 -21.85 16.77 -18.03
C ARG B 132 -22.30 15.62 -17.14
N ASP B 133 -21.71 14.45 -17.31
CA ASP B 133 -22.08 13.36 -16.37
C ASP B 133 -20.76 12.72 -15.93
N ALA B 134 -20.54 12.52 -14.63
CA ALA B 134 -19.30 11.96 -14.12
C ALA B 134 -18.99 10.57 -14.58
N ILE B 135 -19.96 9.81 -15.09
CA ILE B 135 -19.73 8.46 -15.59
C ILE B 135 -18.77 8.46 -16.78
N LYS B 136 -18.73 9.52 -17.58
CA LYS B 136 -17.83 9.65 -18.71
C LYS B 136 -16.46 10.15 -18.31
N PHE B 137 -16.24 10.56 -17.05
CA PHE B 137 -14.95 11.15 -16.70
C PHE B 137 -13.72 10.31 -16.97
N PRO B 138 -13.68 9.05 -16.60
CA PRO B 138 -12.51 8.20 -16.87
C PRO B 138 -12.35 8.12 -18.39
N ASP B 139 -13.41 7.98 -19.16
CA ASP B 139 -13.29 7.88 -20.61
C ASP B 139 -12.66 9.14 -21.19
N MET B 140 -13.19 10.29 -20.78
CA MET B 140 -12.64 11.57 -21.25
C MET B 140 -11.17 11.69 -20.88
N VAL B 141 -10.85 11.45 -19.60
CA VAL B 141 -9.42 11.59 -19.20
C VAL B 141 -8.58 10.65 -20.02
N HIS B 142 -8.98 9.41 -20.21
CA HIS B 142 -8.21 8.45 -21.02
C HIS B 142 -8.00 8.97 -22.44
N ALA B 143 -9.05 9.57 -23.05
CA ALA B 143 -8.87 10.09 -24.43
C ALA B 143 -7.96 11.28 -24.49
N PHE B 144 -7.96 12.16 -23.49
CA PHE B 144 -7.11 13.30 -23.42
C PHE B 144 -5.62 13.00 -23.16
N LYS B 145 -5.36 12.02 -22.27
CA LYS B 145 -3.97 11.73 -21.93
C LYS B 145 -3.22 11.21 -23.13
N PRO B 146 -1.91 11.10 -22.98
CA PRO B 146 -1.03 10.45 -23.95
C PRO B 146 -1.52 9.06 -24.29
N ASP B 147 -1.21 8.60 -25.51
CA ASP B 147 -1.55 7.28 -25.97
C ASP B 147 -0.95 6.26 -25.00
N PRO B 148 -1.74 5.26 -24.63
CA PRO B 148 -1.34 4.20 -23.72
C PRO B 148 -0.26 3.30 -24.27
N ARG B 149 -0.13 3.28 -25.61
CA ARG B 149 0.91 2.48 -26.23
C ARG B 149 2.27 3.15 -26.16
N THR B 150 2.40 4.45 -26.20
CA THR B 150 3.71 5.11 -26.34
C THR B 150 4.01 6.21 -25.38
N ASN B 151 3.03 6.64 -24.60
CA ASN B 151 3.18 7.77 -23.70
C ASN B 151 3.47 9.05 -24.49
N LEU B 152 3.03 9.15 -25.74
CA LEU B 152 3.19 10.38 -26.51
C LEU B 152 1.82 11.01 -26.78
N ASP B 153 1.72 12.32 -26.80
CA ASP B 153 0.43 12.97 -27.11
C ASP B 153 -0.05 12.52 -28.48
N ASN B 154 -1.30 12.23 -28.68
CA ASN B 154 -1.86 11.74 -29.94
C ASN B 154 -3.29 12.30 -29.97
N ASP B 155 -3.42 13.53 -30.51
CA ASP B 155 -4.71 14.21 -30.47
C ASP B 155 -5.85 13.60 -31.25
N SER B 156 -5.62 12.63 -32.11
CA SER B 156 -6.63 11.94 -32.85
C SER B 156 -7.53 11.18 -31.86
N ARG B 157 -6.94 10.76 -30.73
CA ARG B 157 -7.71 10.00 -29.73
C ARG B 157 -8.80 10.85 -29.09
N ARG B 158 -8.50 12.06 -28.61
CA ARG B 158 -9.54 12.86 -27.99
C ARG B 158 -10.62 13.23 -29.04
N PHE B 159 -10.26 13.31 -30.34
CA PHE B 159 -11.33 13.73 -31.27
C PHE B 159 -12.18 12.56 -31.69
N ASP B 160 -11.64 11.35 -31.57
CA ASP B 160 -12.42 10.14 -31.83
C ASP B 160 -13.54 10.12 -30.77
N PHE B 161 -13.09 10.39 -29.53
CA PHE B 161 -14.04 10.43 -28.40
C PHE B 161 -15.00 11.60 -28.48
N PHE B 162 -14.45 12.81 -28.62
CA PHE B 162 -15.27 14.02 -28.64
C PHE B 162 -16.14 14.14 -29.88
N SER B 163 -15.96 13.34 -30.92
CA SER B 163 -16.87 13.34 -32.06
C SER B 163 -18.22 12.77 -31.67
N HIS B 164 -18.33 12.15 -30.49
CA HIS B 164 -19.59 11.64 -29.96
C HIS B 164 -20.14 12.52 -28.87
N VAL B 165 -19.50 13.62 -28.55
CA VAL B 165 -19.77 14.51 -27.44
C VAL B 165 -19.91 15.96 -27.82
N PRO B 166 -21.06 16.31 -28.44
CA PRO B 166 -21.37 17.66 -28.89
C PRO B 166 -21.38 18.65 -27.76
N GLU B 167 -21.73 18.22 -26.52
CA GLU B 167 -21.70 19.13 -25.37
C GLU B 167 -20.35 19.69 -24.99
N ALA B 168 -19.24 19.12 -25.45
CA ALA B 168 -17.90 19.60 -25.17
C ALA B 168 -17.52 20.78 -26.08
N THR B 169 -18.33 21.12 -27.08
CA THR B 169 -17.97 22.22 -28.01
C THR B 169 -17.58 23.52 -27.33
N ARG B 170 -18.35 24.03 -26.39
CA ARG B 170 -18.02 25.24 -25.65
C ARG B 170 -16.68 25.17 -24.95
N THR B 171 -16.40 24.07 -24.22
CA THR B 171 -15.12 24.04 -23.50
C THR B 171 -13.97 23.70 -24.42
N LEU B 172 -14.18 23.00 -25.53
CA LEU B 172 -13.07 22.77 -26.46
C LEU B 172 -12.70 24.10 -27.10
N THR B 173 -13.71 24.98 -27.21
CA THR B 173 -13.48 26.35 -27.69
C THR B 173 -12.61 27.12 -26.73
N LEU B 174 -12.79 26.96 -25.41
CA LEU B 174 -11.94 27.64 -24.44
C LEU B 174 -10.52 27.02 -24.44
N LEU B 175 -10.45 25.72 -24.60
CA LEU B 175 -9.17 24.99 -24.55
C LEU B 175 -8.23 25.41 -25.69
N TYR B 176 -8.79 25.43 -26.90
CA TYR B 176 -7.91 25.76 -28.05
C TYR B 176 -7.71 27.23 -28.24
N SER B 177 -8.33 28.12 -27.50
CA SER B 177 -8.16 29.55 -27.48
C SER B 177 -6.88 29.84 -26.67
N ASN B 178 -6.42 31.07 -26.50
CA ASN B 178 -5.22 31.33 -25.71
C ASN B 178 -5.46 31.29 -24.20
N GLU B 179 -6.72 31.09 -23.79
CA GLU B 179 -7.04 30.88 -22.39
C GLU B 179 -6.39 29.56 -21.93
N GLY B 180 -6.17 28.65 -22.84
CA GLY B 180 -5.51 27.38 -22.69
C GLY B 180 -4.04 27.45 -22.32
N THR B 181 -3.42 28.62 -22.38
CA THR B 181 -2.02 28.84 -22.02
C THR B 181 -1.79 30.15 -21.28
N PRO B 182 -2.13 30.23 -20.02
CA PRO B 182 -1.97 31.36 -19.15
C PRO B 182 -0.53 31.83 -18.99
N ALA B 183 -0.37 33.11 -18.65
CA ALA B 183 0.97 33.67 -18.42
C ALA B 183 1.38 33.54 -16.97
N GLY B 184 0.42 33.31 -16.07
CA GLY B 184 0.71 33.16 -14.65
C GLY B 184 -0.61 32.70 -14.00
N TYR B 185 -0.51 32.03 -12.85
CA TYR B 185 -1.76 31.68 -12.13
C TYR B 185 -2.34 32.97 -11.56
N ARG B 186 -1.45 33.97 -11.37
CA ARG B 186 -1.89 35.26 -10.86
C ARG B 186 -2.81 35.98 -11.84
N PHE B 187 -2.74 35.70 -13.12
CA PHE B 187 -3.49 36.38 -14.17
C PHE B 187 -4.56 35.53 -14.78
N MET B 188 -5.25 34.75 -13.91
CA MET B 188 -6.29 33.85 -14.41
C MET B 188 -7.38 33.91 -13.32
N ASP B 189 -8.62 33.79 -13.78
CA ASP B 189 -9.75 33.83 -12.86
C ASP B 189 -9.96 32.37 -12.39
N GLY B 190 -10.89 32.13 -11.49
CA GLY B 190 -11.23 30.78 -11.08
C GLY B 190 -12.76 30.70 -10.98
N ASN B 191 -13.29 29.50 -11.29
CA ASN B 191 -14.75 29.32 -11.26
C ASN B 191 -15.07 27.98 -10.58
N GLY B 192 -16.14 27.96 -9.79
CA GLY B 192 -16.54 26.65 -9.24
C GLY B 192 -17.10 25.73 -10.29
N VAL B 193 -17.52 26.20 -11.46
CA VAL B 193 -18.12 25.55 -12.59
C VAL B 193 -19.58 25.18 -12.28
N HIS B 194 -19.80 24.25 -11.35
CA HIS B 194 -21.15 23.89 -10.98
C HIS B 194 -21.84 24.92 -10.09
N ALA B 195 -23.19 24.80 -10.08
CA ALA B 195 -23.97 25.43 -9.05
C ALA B 195 -23.80 24.57 -7.79
N TYR B 196 -23.66 25.22 -6.65
CA TYR B 196 -23.68 24.66 -5.34
C TYR B 196 -25.04 25.06 -4.71
N LYS B 197 -25.51 24.26 -3.77
CA LYS B 197 -26.73 24.59 -3.04
C LYS B 197 -26.33 25.28 -1.75
N LEU B 198 -26.75 26.52 -1.59
CA LEU B 198 -26.51 27.23 -0.32
C LEU B 198 -27.77 27.09 0.55
N VAL B 199 -27.61 26.89 1.85
CA VAL B 199 -28.83 26.75 2.68
C VAL B 199 -28.77 27.69 3.86
N ASN B 200 -29.87 28.46 4.07
CA ASN B 200 -29.86 29.48 5.14
C ASN B 200 -30.34 28.94 6.45
N ALA B 201 -30.38 29.71 7.54
CA ALA B 201 -30.77 29.26 8.86
C ALA B 201 -32.23 28.83 8.93
N LYS B 202 -33.07 29.18 7.97
CA LYS B 202 -34.46 28.75 7.92
C LYS B 202 -34.67 27.52 7.07
N GLY B 203 -33.60 26.91 6.55
CA GLY B 203 -33.69 25.69 5.77
C GLY B 203 -34.00 25.95 4.30
N GLU B 204 -34.02 27.21 3.91
CA GLU B 204 -34.29 27.61 2.53
C GLU B 204 -33.02 27.44 1.71
N VAL B 205 -33.19 27.05 0.47
CA VAL B 205 -32.08 26.77 -0.45
C VAL B 205 -31.97 27.76 -1.57
N HIS B 206 -30.74 28.03 -2.02
CA HIS B 206 -30.47 28.84 -3.20
C HIS B 206 -29.40 28.12 -4.03
N TYR B 207 -29.52 28.22 -5.37
CA TYR B 207 -28.49 27.65 -6.25
C TYR B 207 -27.49 28.76 -6.54
N VAL B 208 -26.19 28.48 -6.41
CA VAL B 208 -25.19 29.54 -6.52
C VAL B 208 -23.98 29.09 -7.32
N LYS B 209 -23.40 29.97 -8.13
CA LYS B 209 -22.17 29.73 -8.87
C LYS B 209 -21.12 30.63 -8.22
N PHE B 210 -19.87 30.17 -8.10
CA PHE B 210 -18.80 30.95 -7.52
C PHE B 210 -17.77 31.32 -8.58
N HIS B 211 -17.25 32.53 -8.51
CA HIS B 211 -16.28 33.05 -9.50
C HIS B 211 -15.22 33.83 -8.76
N TRP B 212 -13.93 33.56 -9.00
CA TRP B 212 -12.86 34.28 -8.36
C TRP B 212 -12.36 35.29 -9.43
N LYS B 213 -12.51 36.57 -9.13
CA LYS B 213 -12.10 37.57 -10.12
C LYS B 213 -10.68 38.03 -9.86
N SER B 214 -9.80 37.72 -10.81
CA SER B 214 -8.42 38.14 -10.63
C SER B 214 -8.29 39.66 -10.57
N LEU B 215 -7.70 40.21 -9.54
CA LEU B 215 -7.41 41.63 -9.45
C LEU B 215 -6.07 42.01 -10.09
N GLN B 216 -5.45 41.15 -10.88
CA GLN B 216 -4.23 41.40 -11.64
C GLN B 216 -4.58 41.41 -13.12
N GLY B 217 -5.85 41.15 -13.45
CA GLY B 217 -6.26 41.06 -14.85
C GLY B 217 -5.93 39.70 -15.40
N ILE B 218 -6.34 39.38 -16.58
CA ILE B 218 -6.14 38.14 -17.29
C ILE B 218 -5.03 38.27 -18.32
N LYS B 219 -4.01 37.42 -18.22
CA LYS B 219 -2.86 37.57 -19.15
C LYS B 219 -2.54 36.22 -19.76
N ASN B 220 -2.81 36.02 -21.04
CA ASN B 220 -2.54 34.79 -21.74
C ASN B 220 -1.35 34.87 -22.68
N LEU B 221 -0.87 33.70 -23.09
CA LEU B 221 0.21 33.59 -24.03
C LEU B 221 -0.35 33.12 -25.38
N ASP B 222 0.12 33.72 -26.48
CA ASP B 222 -0.37 33.16 -27.76
C ASP B 222 0.62 32.06 -28.11
N PRO B 223 0.32 31.28 -29.12
CA PRO B 223 1.10 30.15 -29.55
C PRO B 223 2.56 30.48 -29.81
N LYS B 224 2.88 31.67 -30.34
CA LYS B 224 4.29 31.97 -30.57
C LYS B 224 5.02 32.24 -29.27
N GLU B 225 4.35 32.89 -28.31
CA GLU B 225 4.95 33.20 -27.03
C GLU B 225 5.10 31.91 -26.19
N VAL B 226 4.20 30.95 -26.41
CA VAL B 226 4.27 29.69 -25.67
C VAL B 226 5.63 29.03 -25.93
N ALA B 227 5.95 28.85 -27.21
CA ALA B 227 7.21 28.24 -27.62
C ALA B 227 8.42 28.99 -27.06
N GLN B 228 8.39 30.31 -27.04
CA GLN B 228 9.48 31.09 -26.47
C GLN B 228 9.66 30.79 -24.99
N VAL B 229 8.58 30.83 -24.20
CA VAL B 229 8.72 30.55 -22.77
C VAL B 229 9.17 29.10 -22.56
N GLN B 230 8.64 28.17 -23.32
CA GLN B 230 8.98 26.76 -23.16
C GLN B 230 10.44 26.46 -23.46
N SER B 231 11.02 27.16 -24.44
CA SER B 231 12.41 26.92 -24.83
C SER B 231 13.35 26.95 -23.64
N LYS B 232 13.17 27.83 -22.69
CA LYS B 232 13.95 28.02 -21.51
C LYS B 232 13.27 27.77 -20.17
N ASP B 233 11.94 27.66 -20.08
CA ASP B 233 11.32 27.54 -18.75
C ASP B 233 10.20 26.53 -18.77
N TYR B 234 10.38 25.39 -18.10
CA TYR B 234 9.35 24.36 -18.10
C TYR B 234 8.50 24.47 -16.82
N SER B 235 8.75 25.47 -16.00
CA SER B 235 8.01 25.77 -14.79
C SER B 235 7.69 27.26 -14.66
N HIS B 236 7.28 27.88 -15.75
CA HIS B 236 6.97 29.31 -15.74
C HIS B 236 5.86 29.71 -14.79
N LEU B 237 4.81 28.88 -14.60
CA LEU B 237 3.76 29.32 -13.67
C LEU B 237 4.22 29.20 -12.24
N THR B 238 4.90 28.10 -11.86
CA THR B 238 5.42 27.99 -10.51
C THR B 238 6.37 29.14 -10.22
N ASN B 239 7.33 29.38 -11.09
CA ASN B 239 8.27 30.49 -10.91
C ASN B 239 7.64 31.85 -10.65
N ASP B 240 6.64 32.14 -11.50
CA ASP B 240 5.89 33.38 -11.45
C ASP B 240 5.21 33.56 -10.11
N LEU B 241 4.50 32.49 -9.66
CA LEU B 241 3.76 32.65 -8.41
C LEU B 241 4.68 32.68 -7.22
N VAL B 242 5.59 31.71 -7.08
CA VAL B 242 6.51 31.73 -5.93
C VAL B 242 7.33 33.00 -5.92
N GLY B 243 7.90 33.46 -7.02
CA GLY B 243 8.71 34.66 -7.11
C GLY B 243 7.95 35.94 -6.76
N ALA B 244 6.70 36.04 -7.25
CA ALA B 244 5.84 37.17 -6.89
C ALA B 244 5.68 37.26 -5.39
N ILE B 245 5.37 36.14 -4.72
CA ILE B 245 5.22 36.14 -3.26
C ILE B 245 6.52 36.43 -2.54
N LYS B 246 7.64 35.93 -3.06
CA LYS B 246 8.93 36.23 -2.41
C LYS B 246 9.18 37.73 -2.46
N LYS B 247 8.77 38.34 -3.58
CA LYS B 247 8.95 39.80 -3.69
C LYS B 247 7.94 40.59 -2.89
N GLY B 248 6.89 40.01 -2.34
CA GLY B 248 5.90 40.81 -1.60
C GLY B 248 4.77 41.26 -2.53
N ASP B 249 4.67 40.73 -3.74
CA ASP B 249 3.60 41.13 -4.64
C ASP B 249 2.45 40.11 -4.63
N PHE B 250 1.76 40.10 -3.49
CA PHE B 250 0.70 39.11 -3.25
C PHE B 250 -0.50 39.25 -4.14
N PRO B 251 -0.84 38.22 -4.86
CA PRO B 251 -2.01 38.17 -5.73
C PRO B 251 -3.29 38.12 -4.92
N LYS B 252 -4.31 38.79 -5.49
CA LYS B 252 -5.63 38.94 -4.84
C LYS B 252 -6.76 38.58 -5.78
N TRP B 253 -7.85 38.05 -5.21
CA TRP B 253 -9.00 37.66 -6.00
C TRP B 253 -10.27 38.01 -5.20
N ASP B 254 -11.21 38.63 -5.92
CA ASP B 254 -12.50 38.92 -5.27
C ASP B 254 -13.43 37.74 -5.58
N LEU B 255 -14.23 37.36 -4.59
CA LEU B 255 -15.13 36.22 -4.75
C LEU B 255 -16.55 36.73 -5.09
N TYR B 256 -17.13 36.28 -6.19
CA TYR B 256 -18.48 36.70 -6.55
C TYR B 256 -19.44 35.52 -6.68
N VAL B 257 -20.71 35.74 -6.29
CA VAL B 257 -21.71 34.71 -6.45
C VAL B 257 -22.83 35.14 -7.40
N GLN B 258 -23.41 34.24 -8.13
CA GLN B 258 -24.55 34.37 -8.99
C GLN B 258 -25.63 33.47 -8.30
N VAL B 259 -26.80 34.04 -8.03
CA VAL B 259 -27.82 33.30 -7.28
C VAL B 259 -29.10 33.02 -8.05
N LEU B 260 -29.69 31.84 -7.84
CA LEU B 260 -30.95 31.47 -8.44
C LEU B 260 -31.81 30.76 -7.38
N LYS B 261 -33.13 30.96 -7.47
CA LYS B 261 -34.03 30.21 -6.58
C LYS B 261 -34.32 28.89 -7.25
N PRO B 262 -34.70 27.88 -6.48
CA PRO B 262 -35.06 26.58 -7.01
C PRO B 262 -36.18 26.67 -8.03
N GLU B 263 -37.20 27.51 -7.85
CA GLU B 263 -38.26 27.53 -8.86
C GLU B 263 -37.84 28.17 -10.18
N GLU B 264 -36.73 28.90 -10.24
CA GLU B 264 -36.28 29.53 -11.46
C GLU B 264 -35.56 28.60 -12.43
N LEU B 265 -35.17 27.40 -12.02
CA LEU B 265 -34.38 26.54 -12.90
C LEU B 265 -35.13 25.98 -14.09
N ALA B 266 -36.46 25.85 -14.03
CA ALA B 266 -37.19 25.30 -15.16
C ALA B 266 -37.48 26.34 -16.23
N LYS B 267 -37.32 27.61 -15.93
CA LYS B 267 -37.61 28.69 -16.86
C LYS B 267 -36.74 28.80 -18.08
N PHE B 268 -35.43 28.75 -17.91
CA PHE B 268 -34.48 28.90 -19.00
C PHE B 268 -34.63 27.92 -20.14
N ASP B 269 -34.00 28.20 -21.29
CA ASP B 269 -34.06 27.26 -22.41
C ASP B 269 -32.96 26.20 -22.31
N PHE B 270 -32.09 26.32 -21.33
CA PHE B 270 -31.03 25.33 -21.09
C PHE B 270 -31.15 24.84 -19.65
N ASP B 271 -30.45 23.75 -19.28
CA ASP B 271 -30.51 23.28 -17.90
C ASP B 271 -29.42 23.98 -17.13
N PRO B 272 -29.77 24.75 -16.12
CA PRO B 272 -28.87 25.52 -15.30
C PRO B 272 -27.89 24.67 -14.47
N LEU B 273 -28.15 23.37 -14.35
CA LEU B 273 -27.25 22.46 -13.63
C LEU B 273 -26.40 21.65 -14.59
N ASP B 274 -26.37 22.06 -15.87
CA ASP B 274 -25.59 21.44 -16.91
C ASP B 274 -24.18 22.01 -16.74
N ALA B 275 -23.15 21.18 -16.42
CA ALA B 275 -21.82 21.76 -16.23
C ALA B 275 -21.16 22.35 -17.48
N THR B 276 -21.73 22.18 -18.67
CA THR B 276 -21.20 22.70 -19.91
C THR B 276 -21.77 24.09 -20.22
N LYS B 277 -22.35 24.76 -19.24
CA LYS B 277 -23.03 26.02 -19.36
C LYS B 277 -22.66 27.03 -18.29
N ILE B 278 -22.59 28.29 -18.79
CA ILE B 278 -22.46 29.41 -17.88
C ILE B 278 -23.93 29.93 -17.75
N TRP B 279 -24.14 30.87 -16.87
CA TRP B 279 -25.40 31.55 -16.65
C TRP B 279 -25.20 33.00 -17.13
N PRO B 280 -25.53 33.22 -18.38
CA PRO B 280 -25.33 34.48 -19.05
C PRO B 280 -26.03 35.68 -18.46
N ASP B 281 -27.32 35.56 -18.12
CA ASP B 281 -27.95 36.80 -17.64
C ASP B 281 -28.17 36.98 -16.16
N VAL B 282 -27.54 36.17 -15.33
CA VAL B 282 -27.69 36.33 -13.89
C VAL B 282 -26.55 37.23 -13.43
N PRO B 283 -26.83 38.20 -12.58
CA PRO B 283 -25.90 39.17 -12.08
C PRO B 283 -25.06 38.63 -10.94
N GLU B 284 -23.85 39.19 -10.79
CA GLU B 284 -22.91 38.77 -9.77
C GLU B 284 -22.79 39.74 -8.61
N LYS B 285 -22.69 39.23 -7.40
CA LYS B 285 -22.53 40.00 -6.17
C LYS B 285 -21.22 39.59 -5.48
N LYS B 286 -20.46 40.59 -5.04
CA LYS B 286 -19.18 40.32 -4.39
C LYS B 286 -19.39 39.96 -2.94
N ILE B 287 -18.78 38.89 -2.42
CA ILE B 287 -18.93 38.41 -1.07
C ILE B 287 -17.64 38.34 -0.29
N GLY B 288 -16.49 38.59 -0.94
CA GLY B 288 -15.28 38.69 -0.13
C GLY B 288 -14.03 38.75 -1.01
N GLN B 289 -12.88 38.69 -0.36
CA GLN B 289 -11.62 38.74 -1.11
C GLN B 289 -10.56 37.77 -0.55
N MET B 290 -9.83 37.20 -1.49
CA MET B 290 -8.73 36.32 -0.98
C MET B 290 -7.38 36.94 -1.37
N VAL B 291 -6.40 36.85 -0.51
CA VAL B 291 -5.02 37.29 -0.84
C VAL B 291 -4.07 36.10 -0.58
N LEU B 292 -3.24 35.75 -1.54
CA LEU B 292 -2.25 34.68 -1.34
C LEU B 292 -0.89 35.33 -1.10
N ASN B 293 -0.40 35.22 0.14
CA ASN B 293 0.79 35.92 0.55
C ASN B 293 1.83 35.13 1.32
N LYS B 294 1.86 33.81 1.11
CA LYS B 294 2.87 33.03 1.87
C LYS B 294 3.22 31.76 1.13
N ASN B 295 4.53 31.45 1.04
CA ASN B 295 4.90 30.23 0.30
C ASN B 295 4.88 29.05 1.27
N VAL B 296 4.85 27.83 0.75
CA VAL B 296 4.89 26.66 1.66
C VAL B 296 6.28 26.47 2.24
N ASP B 297 6.39 25.76 3.36
CA ASP B 297 7.70 25.46 3.94
C ASP B 297 8.34 24.23 3.28
N ASN B 298 7.48 23.25 2.95
CA ASN B 298 7.93 22.05 2.32
C ASN B 298 6.94 21.64 1.23
N PHE B 299 7.45 21.46 0.00
CA PHE B 299 6.58 21.06 -1.11
C PHE B 299 5.88 19.73 -0.90
N PHE B 300 6.64 18.70 -0.52
CA PHE B 300 5.96 17.40 -0.35
C PHE B 300 4.94 17.39 0.78
N GLN B 301 5.28 17.89 1.96
CA GLN B 301 4.38 17.79 3.12
C GLN B 301 3.09 18.58 2.93
N GLU B 302 3.23 19.69 2.21
CA GLU B 302 2.08 20.57 2.02
C GLU B 302 1.43 20.46 0.68
N THR B 303 2.03 20.87 -0.41
CA THR B 303 1.46 20.87 -1.72
C THR B 303 1.19 19.47 -2.26
N GLU B 304 2.14 18.53 -1.97
CA GLU B 304 1.90 17.22 -2.57
C GLU B 304 0.83 16.49 -1.73
N GLN B 305 0.88 16.64 -0.44
CA GLN B 305 -0.04 15.93 0.45
C GLN B 305 -1.36 16.60 0.72
N VAL B 306 -1.60 17.82 0.19
CA VAL B 306 -2.96 18.37 0.48
C VAL B 306 -4.01 17.55 -0.26
N ALA B 307 -5.18 17.43 0.35
CA ALA B 307 -6.35 16.72 -0.09
C ALA B 307 -7.57 17.68 -0.26
N MET B 308 -7.74 18.09 -1.49
CA MET B 308 -8.85 18.95 -1.91
C MET B 308 -10.03 18.05 -2.34
N ALA B 309 -11.21 18.25 -1.77
CA ALA B 309 -12.37 17.45 -2.17
C ALA B 309 -13.67 18.23 -2.01
N PRO B 310 -14.51 18.20 -3.00
CA PRO B 310 -15.87 18.74 -3.01
C PRO B 310 -16.72 18.15 -1.90
N ALA B 311 -16.39 16.99 -1.33
CA ALA B 311 -17.07 16.33 -0.25
C ALA B 311 -16.77 16.99 1.08
N ASN B 312 -15.76 17.87 1.13
CA ASN B 312 -15.45 18.57 2.37
C ASN B 312 -16.39 19.79 2.38
N LEU B 313 -17.52 19.61 3.02
CA LEU B 313 -18.61 20.59 3.10
C LEU B 313 -18.84 21.01 4.51
N VAL B 314 -19.40 22.19 4.73
CA VAL B 314 -19.77 22.67 6.06
C VAL B 314 -21.27 23.04 5.99
N PRO B 315 -21.89 23.17 7.12
CA PRO B 315 -23.31 23.53 7.25
C PRO B 315 -23.52 24.86 6.53
N GLY B 316 -24.49 24.86 5.63
CA GLY B 316 -24.74 26.06 4.86
C GLY B 316 -24.38 25.79 3.42
N ILE B 317 -23.62 24.73 3.10
CA ILE B 317 -23.19 24.47 1.73
C ILE B 317 -23.41 23.01 1.36
N GLU B 318 -24.03 22.71 0.24
CA GLU B 318 -24.31 21.33 -0.15
C GLU B 318 -24.14 21.25 -1.66
N PRO B 319 -23.88 20.07 -2.18
CA PRO B 319 -23.77 19.88 -3.62
C PRO B 319 -25.13 20.19 -4.26
N SER B 320 -25.15 20.60 -5.51
CA SER B 320 -26.42 20.66 -6.23
C SER B 320 -26.59 19.30 -6.90
N GLU B 321 -27.63 19.11 -7.68
CA GLU B 321 -27.89 17.94 -8.49
C GLU B 321 -27.15 17.89 -9.82
N ASP B 322 -26.23 18.80 -10.08
CA ASP B 322 -25.41 18.71 -11.32
C ASP B 322 -24.79 17.32 -11.41
N ARG B 323 -25.01 16.54 -12.45
CA ARG B 323 -24.56 15.16 -12.45
C ARG B 323 -23.07 14.95 -12.47
N LEU B 324 -22.34 15.95 -12.91
CA LEU B 324 -20.88 15.84 -12.89
C LEU B 324 -20.41 16.10 -11.47
N LEU B 325 -21.01 17.07 -10.78
CA LEU B 325 -20.64 17.39 -9.40
C LEU B 325 -20.90 16.13 -8.54
N GLN B 326 -22.07 15.52 -8.72
CA GLN B 326 -22.43 14.33 -7.95
C GLN B 326 -21.32 13.28 -7.95
N GLY B 327 -20.66 13.00 -9.07
CA GLY B 327 -19.58 12.00 -9.08
C GLY B 327 -18.36 12.53 -8.34
N ARG B 328 -18.05 13.82 -8.44
CA ARG B 328 -16.94 14.44 -7.75
C ARG B 328 -17.07 14.37 -6.25
N VAL B 329 -18.30 14.37 -5.69
CA VAL B 329 -18.45 14.20 -4.27
C VAL B 329 -17.88 12.86 -3.83
N PHE B 330 -17.97 11.84 -4.68
CA PHE B 330 -17.41 10.54 -4.36
C PHE B 330 -15.90 10.46 -4.66
N SER B 331 -15.54 10.83 -5.88
CA SER B 331 -14.18 10.53 -6.37
C SER B 331 -13.01 11.16 -5.69
N TYR B 332 -13.07 12.37 -5.11
CA TYR B 332 -11.85 12.94 -4.52
C TYR B 332 -11.51 12.27 -3.19
N ALA B 333 -12.54 12.13 -2.34
CA ALA B 333 -12.28 11.45 -1.07
C ALA B 333 -11.81 10.04 -1.36
N ASP B 334 -12.37 9.38 -2.37
CA ASP B 334 -12.01 8.01 -2.73
C ASP B 334 -10.55 7.89 -3.17
N THR B 335 -10.10 8.73 -4.07
CA THR B 335 -8.70 8.66 -4.55
C THR B 335 -7.77 9.04 -3.42
N GLN B 336 -8.17 9.92 -2.49
CA GLN B 336 -7.30 10.32 -1.39
C GLN B 336 -7.18 9.18 -0.36
N MET B 337 -8.18 8.32 -0.22
CA MET B 337 -8.04 7.12 0.61
C MET B 337 -6.86 6.29 0.09
N TYR B 338 -6.65 6.24 -1.22
CA TYR B 338 -5.56 5.50 -1.85
C TYR B 338 -4.25 6.24 -1.93
N ARG B 339 -4.24 7.45 -2.48
CA ARG B 339 -3.02 8.23 -2.70
C ARG B 339 -2.36 8.59 -1.40
N LEU B 340 -3.17 8.93 -0.38
CA LEU B 340 -2.62 9.32 0.90
C LEU B 340 -2.76 8.19 1.91
N GLY B 341 -3.98 7.77 2.18
CA GLY B 341 -4.27 6.69 3.11
C GLY B 341 -5.56 7.09 3.84
N ALA B 342 -6.04 6.15 4.65
CA ALA B 342 -7.19 6.34 5.49
C ALA B 342 -6.90 7.47 6.49
N ASN B 343 -5.68 7.63 6.95
CA ASN B 343 -5.36 8.72 7.90
C ASN B 343 -4.86 9.99 7.21
N GLY B 344 -5.11 10.14 5.92
CA GLY B 344 -4.65 11.30 5.14
C GLY B 344 -5.29 12.60 5.61
N LEU B 345 -6.53 12.57 6.14
CA LEU B 345 -7.11 13.85 6.59
C LEU B 345 -6.56 14.27 7.94
N SER B 346 -5.72 13.47 8.58
CA SER B 346 -5.12 13.87 9.86
C SER B 346 -3.74 14.47 9.62
N LEU B 347 -3.26 14.51 8.38
CA LEU B 347 -1.93 15.17 8.18
C LEU B 347 -2.07 16.68 8.40
N PRO B 348 -1.02 17.32 8.90
CA PRO B 348 -0.98 18.73 9.21
C PRO B 348 -1.73 19.63 8.24
N VAL B 349 -1.44 19.54 6.93
CA VAL B 349 -2.05 20.41 5.95
C VAL B 349 -3.54 20.16 5.73
N ASN B 350 -4.01 18.95 6.06
CA ASN B 350 -5.43 18.64 5.87
C ASN B 350 -6.24 18.77 7.13
N GLN B 351 -5.60 18.98 8.29
CA GLN B 351 -6.40 19.01 9.51
C GLN B 351 -7.27 20.25 9.59
N PRO B 352 -8.43 20.14 10.21
CA PRO B 352 -9.33 21.27 10.40
C PRO B 352 -8.84 22.07 11.60
N LYS B 353 -9.36 23.26 11.79
CA LYS B 353 -9.03 24.10 12.92
C LYS B 353 -10.07 23.99 14.02
N VAL B 354 -10.89 22.97 13.96
CA VAL B 354 -11.90 22.67 14.94
C VAL B 354 -11.67 21.21 15.36
N ALA B 355 -12.19 20.80 16.49
CA ALA B 355 -12.07 19.46 17.00
C ALA B 355 -12.82 18.45 16.13
N VAL B 356 -12.23 17.28 16.00
CA VAL B 356 -12.88 16.20 15.22
C VAL B 356 -13.37 15.23 16.29
N ASN B 357 -14.63 14.84 16.28
CA ASN B 357 -15.15 13.97 17.33
C ASN B 357 -16.05 12.89 16.67
N ASN B 358 -15.47 11.67 16.53
CA ASN B 358 -16.28 10.62 15.90
C ASN B 358 -15.71 9.24 16.23
N GLY B 359 -16.26 8.19 15.62
CA GLY B 359 -15.70 6.85 15.98
C GLY B 359 -14.88 6.29 14.80
N ASN B 360 -14.34 7.16 13.98
CA ASN B 360 -13.46 6.65 12.87
C ASN B 360 -12.15 6.25 13.55
N GLN B 361 -11.53 5.13 13.20
CA GLN B 361 -10.33 4.70 13.94
C GLN B 361 -9.37 3.86 13.12
N ASP B 362 -8.21 3.62 13.71
CA ASP B 362 -7.20 2.69 13.22
C ASP B 362 -6.68 3.12 11.87
N GLY B 363 -6.47 2.17 10.94
CA GLY B 363 -5.91 2.55 9.65
C GLY B 363 -4.38 2.69 9.71
N ALA B 364 -3.76 2.64 8.55
CA ALA B 364 -2.30 2.72 8.48
C ALA B 364 -1.78 4.05 9.05
N LEU B 365 -0.73 3.94 9.80
CA LEU B 365 -0.02 5.07 10.40
C LEU B 365 -0.95 6.00 11.16
N ASN B 366 -1.65 5.44 12.14
CA ASN B 366 -2.59 6.19 12.96
C ASN B 366 -1.77 6.87 14.07
N THR B 367 -1.74 8.21 14.06
CA THR B 367 -0.90 8.96 15.02
C THR B 367 -1.66 9.50 16.21
N GLY B 368 -2.88 9.06 16.44
CA GLY B 368 -3.68 9.53 17.56
C GLY B 368 -3.21 9.06 18.92
N HIS B 369 -3.95 9.50 19.95
CA HIS B 369 -3.71 9.15 21.33
C HIS B 369 -5.08 8.97 22.00
N THR B 370 -5.73 7.89 21.59
CA THR B 370 -7.03 7.50 22.11
C THR B 370 -6.89 6.84 23.47
N THR B 371 -7.82 7.12 24.43
CA THR B 371 -7.83 6.41 25.67
C THR B 371 -9.18 5.74 25.94
N SER B 372 -10.21 6.25 25.28
CA SER B 372 -11.56 5.73 25.55
C SER B 372 -11.84 4.34 25.02
N GLY B 373 -12.81 3.66 25.61
CA GLY B 373 -13.27 2.40 25.02
C GLY B 373 -14.56 2.62 24.20
N VAL B 374 -15.05 3.85 24.09
CA VAL B 374 -16.29 4.18 23.39
C VAL B 374 -15.95 4.75 22.01
N ASN B 375 -15.92 3.81 21.03
CA ASN B 375 -15.70 4.18 19.66
C ASN B 375 -16.95 3.94 18.81
N TYR B 376 -18.10 3.83 19.44
CA TYR B 376 -19.38 3.63 18.78
C TYR B 376 -20.37 4.73 19.25
N GLU B 377 -21.36 4.98 18.42
CA GLU B 377 -22.43 5.93 18.72
C GLU B 377 -23.74 5.25 18.35
N PRO B 378 -24.79 5.35 19.12
CA PRO B 378 -24.86 6.09 20.37
C PRO B 378 -24.28 5.34 21.57
N SER B 379 -24.06 6.09 22.64
CA SER B 379 -23.52 5.52 23.87
C SER B 379 -24.16 6.30 25.01
N ARG B 380 -24.58 5.66 26.08
CA ARG B 380 -25.07 6.47 27.21
C ARG B 380 -23.95 6.78 28.21
N LEU B 381 -22.76 6.26 27.97
CA LEU B 381 -21.58 6.49 28.78
C LEU B 381 -20.78 7.65 28.22
N GLU B 382 -20.54 7.66 26.91
CA GLU B 382 -19.85 8.75 26.20
C GLU B 382 -20.56 9.15 24.93
N PRO B 383 -21.65 9.91 25.08
CA PRO B 383 -22.50 10.30 23.98
C PRO B 383 -21.84 11.24 23.01
N ARG B 384 -22.20 11.14 21.73
CA ARG B 384 -21.74 12.04 20.66
C ARG B 384 -22.99 12.36 19.83
N PRO B 385 -23.74 13.31 20.33
CA PRO B 385 -25.04 13.66 19.72
C PRO B 385 -24.89 14.39 18.41
N ALA B 386 -25.89 14.19 17.54
CA ALA B 386 -25.85 14.96 16.27
C ALA B 386 -26.51 16.32 16.49
N ASP B 387 -26.39 17.23 15.53
CA ASP B 387 -27.00 18.56 15.65
C ASP B 387 -28.14 18.66 14.65
N ASP B 388 -29.39 18.71 15.12
CA ASP B 388 -30.53 18.72 14.19
C ASP B 388 -30.52 19.88 13.22
N LYS B 389 -29.89 21.00 13.56
CA LYS B 389 -29.74 22.13 12.64
C LYS B 389 -28.85 21.85 11.43
N ALA B 390 -28.07 20.77 11.48
CA ALA B 390 -27.18 20.37 10.41
C ALA B 390 -27.74 19.27 9.55
N ARG B 391 -29.02 18.91 9.71
CA ARG B 391 -29.62 17.92 8.81
C ARG B 391 -29.60 18.41 7.38
N TYR B 392 -29.43 17.53 6.38
CA TYR B 392 -29.43 17.93 5.00
C TYR B 392 -30.76 18.56 4.57
N SER B 393 -30.64 19.38 3.53
CA SER B 393 -31.89 20.02 3.02
C SER B 393 -32.67 18.95 2.30
N GLU B 394 -33.99 19.13 2.16
CA GLU B 394 -34.82 18.13 1.48
C GLU B 394 -35.19 18.60 0.11
N LEU B 395 -34.94 17.82 -0.93
CA LEU B 395 -35.30 18.13 -2.30
C LEU B 395 -36.46 17.28 -2.78
N PRO B 396 -37.48 17.92 -3.36
CA PRO B 396 -38.64 17.26 -3.90
C PRO B 396 -38.25 16.38 -5.06
N LEU B 397 -38.79 15.18 -5.13
CA LEU B 397 -38.53 14.25 -6.19
C LEU B 397 -39.76 13.93 -7.02
N SER B 398 -39.52 13.39 -8.21
CA SER B 398 -40.69 12.92 -8.96
C SER B 398 -40.16 12.04 -10.09
N GLY B 399 -40.97 11.14 -10.62
CA GLY B 399 -40.53 10.33 -11.74
C GLY B 399 -40.09 8.98 -11.17
N THR B 400 -39.07 8.41 -11.78
CA THR B 400 -38.51 7.12 -11.38
C THR B 400 -36.99 7.19 -11.41
N THR B 401 -36.37 6.13 -10.88
CA THR B 401 -34.91 6.09 -10.97
C THR B 401 -34.71 5.92 -12.48
N GLN B 402 -33.62 6.47 -12.98
CA GLN B 402 -33.45 6.43 -14.43
C GLN B 402 -31.98 6.53 -14.86
N GLN B 403 -31.76 6.15 -16.11
CA GLN B 403 -30.45 6.31 -16.76
C GLN B 403 -30.82 7.02 -18.10
N ALA B 404 -30.78 8.32 -18.08
CA ALA B 404 -31.22 9.06 -19.28
C ALA B 404 -30.66 10.45 -19.22
N LYS B 405 -30.21 10.90 -20.40
CA LYS B 405 -29.61 12.21 -20.54
C LYS B 405 -30.56 13.34 -20.17
N ILE B 406 -30.00 14.47 -19.74
CA ILE B 406 -30.87 15.60 -19.43
C ILE B 406 -31.61 16.02 -20.73
N THR B 407 -32.72 16.75 -20.51
CA THR B 407 -33.45 17.17 -21.69
C THR B 407 -33.06 18.46 -22.36
N ARG B 408 -32.66 19.55 -21.74
CA ARG B 408 -32.46 20.77 -22.59
C ARG B 408 -30.99 20.93 -22.95
N GLU B 409 -30.43 20.21 -23.92
CA GLU B 409 -28.99 20.25 -24.12
C GLU B 409 -28.36 21.54 -24.64
N GLN B 410 -28.92 22.12 -25.70
CA GLN B 410 -28.36 23.34 -26.29
C GLN B 410 -26.85 23.27 -26.43
N ASN B 411 -26.32 22.36 -27.26
CA ASN B 411 -24.87 22.15 -27.24
C ASN B 411 -24.01 23.15 -27.97
N PHE B 412 -24.62 23.94 -28.84
CA PHE B 412 -23.82 24.85 -29.68
C PHE B 412 -23.95 26.33 -29.48
N LYS B 413 -25.07 26.88 -29.03
CA LYS B 413 -25.25 28.32 -28.89
C LYS B 413 -24.24 29.03 -28.02
N GLN B 414 -23.96 28.51 -26.81
CA GLN B 414 -23.01 29.22 -25.95
C GLN B 414 -21.61 29.17 -26.55
N ALA B 415 -21.28 28.13 -27.32
CA ALA B 415 -19.95 28.05 -27.95
C ALA B 415 -19.82 29.16 -29.01
N GLY B 416 -20.89 29.30 -29.81
CA GLY B 416 -20.86 30.34 -30.85
C GLY B 416 -20.71 31.71 -30.22
N ASP B 417 -21.47 31.98 -29.16
CA ASP B 417 -21.44 33.22 -28.43
C ASP B 417 -19.99 33.50 -28.06
N LEU B 418 -19.38 32.53 -27.36
CA LEU B 418 -17.98 32.66 -26.99
C LEU B 418 -17.10 33.09 -28.16
N TYR B 419 -17.08 32.36 -29.26
CA TYR B 419 -16.30 32.64 -30.45
C TYR B 419 -16.49 34.07 -30.92
N ARG B 420 -17.76 34.47 -31.11
CA ARG B 420 -18.05 35.85 -31.52
C ARG B 420 -17.53 36.89 -30.55
N SER B 421 -17.40 36.64 -29.25
CA SER B 421 -16.81 37.61 -28.33
C SER B 421 -15.26 37.66 -28.45
N TYR B 422 -14.64 36.81 -29.27
CA TYR B 422 -13.19 36.84 -29.34
C TYR B 422 -12.76 37.93 -30.33
N SER B 423 -11.63 38.57 -30.04
CA SER B 423 -11.11 39.60 -30.95
C SER B 423 -10.69 38.87 -32.21
N ALA B 424 -10.27 39.62 -33.24
CA ALA B 424 -9.80 38.92 -34.46
C ALA B 424 -8.52 38.15 -34.14
N LYS B 425 -7.68 38.72 -33.29
CA LYS B 425 -6.42 38.09 -32.92
C LYS B 425 -6.71 36.74 -32.25
N GLU B 426 -7.57 36.81 -31.24
CA GLU B 426 -7.94 35.58 -30.51
C GLU B 426 -8.61 34.56 -31.39
N LYS B 427 -9.48 34.96 -32.32
CA LYS B 427 -10.10 34.00 -33.21
C LYS B 427 -9.06 33.28 -34.07
N THR B 428 -8.08 34.02 -34.59
CA THR B 428 -7.10 33.40 -35.49
C THR B 428 -6.22 32.42 -34.72
N ASP B 429 -5.84 32.78 -33.52
CA ASP B 429 -5.02 31.87 -32.70
C ASP B 429 -5.83 30.61 -32.39
N LEU B 430 -7.07 30.82 -31.95
CA LEU B 430 -7.95 29.70 -31.65
C LEU B 430 -8.07 28.76 -32.83
N VAL B 431 -8.43 29.35 -34.00
CA VAL B 431 -8.57 28.57 -35.23
C VAL B 431 -7.34 27.78 -35.67
N GLN B 432 -6.14 28.32 -35.52
CA GLN B 432 -4.92 27.64 -35.96
C GLN B 432 -4.60 26.42 -35.10
N LYS B 433 -4.66 26.63 -33.81
CA LYS B 433 -4.47 25.53 -32.83
C LYS B 433 -5.43 24.39 -32.90
N PHE B 434 -6.75 24.68 -32.93
CA PHE B 434 -7.74 23.58 -33.03
C PHE B 434 -7.48 22.83 -34.32
N GLY B 435 -7.30 23.61 -35.42
CA GLY B 435 -7.06 23.03 -36.73
C GLY B 435 -5.78 22.16 -36.70
N GLU B 436 -4.70 22.68 -36.13
CA GLU B 436 -3.47 21.90 -36.06
C GLU B 436 -3.62 20.64 -35.24
N SER B 437 -4.33 20.74 -34.10
CA SER B 437 -4.60 19.51 -33.31
C SER B 437 -5.49 18.49 -34.01
N LEU B 438 -6.54 19.01 -34.70
CA LEU B 438 -7.49 18.19 -35.42
C LEU B 438 -6.98 17.58 -36.71
N ALA B 439 -5.91 18.12 -37.29
CA ALA B 439 -5.32 17.71 -38.55
C ALA B 439 -5.24 16.25 -38.90
N ASP B 440 -4.71 15.37 -38.05
CA ASP B 440 -4.63 13.96 -38.44
C ASP B 440 -5.69 13.06 -37.83
N THR B 441 -6.78 13.65 -37.34
CA THR B 441 -7.88 12.84 -36.79
C THR B 441 -8.49 12.02 -37.91
N LEU B 442 -9.11 10.87 -37.65
CA LEU B 442 -9.78 10.12 -38.70
C LEU B 442 -10.85 11.01 -39.37
N THR B 443 -10.96 10.92 -40.69
CA THR B 443 -11.91 11.78 -41.42
C THR B 443 -13.31 11.82 -40.81
N GLU B 444 -13.95 10.69 -40.55
CA GLU B 444 -15.31 10.69 -39.99
C GLU B 444 -15.40 11.51 -38.71
N SER B 445 -14.54 11.29 -37.71
CA SER B 445 -14.54 12.07 -36.48
C SER B 445 -14.20 13.51 -36.80
N LYS B 446 -13.21 13.72 -37.66
CA LYS B 446 -12.80 15.11 -37.95
C LYS B 446 -13.97 15.92 -38.53
N ASN B 447 -14.68 15.35 -39.51
CA ASN B 447 -15.78 16.08 -40.14
C ASN B 447 -16.95 16.27 -39.18
N ILE B 448 -17.21 15.30 -38.31
CA ILE B 448 -18.21 15.47 -37.25
C ILE B 448 -17.73 16.54 -36.29
N MET B 449 -16.48 16.59 -35.80
CA MET B 449 -16.07 17.69 -34.92
C MET B 449 -16.30 19.05 -35.63
N LEU B 450 -15.91 19.09 -36.91
CA LEU B 450 -16.10 20.29 -37.72
C LEU B 450 -17.58 20.67 -37.74
N SER B 451 -18.49 19.72 -37.96
CA SER B 451 -19.93 20.06 -37.93
C SER B 451 -20.35 20.80 -36.67
N TYR B 452 -19.91 20.31 -35.50
CA TYR B 452 -20.17 21.00 -34.24
C TYR B 452 -19.66 22.43 -34.24
N LEU B 453 -18.42 22.64 -34.70
CA LEU B 453 -17.89 24.00 -34.71
C LEU B 453 -18.67 24.92 -35.67
N TYR B 454 -18.99 24.34 -36.82
CA TYR B 454 -19.76 25.01 -37.86
C TYR B 454 -21.16 25.37 -37.37
N LYS B 455 -21.78 24.49 -36.59
CA LYS B 455 -23.09 24.77 -35.99
C LYS B 455 -22.99 25.84 -34.95
N GLU B 456 -21.88 25.98 -34.21
CA GLU B 456 -21.76 27.05 -33.23
C GLU B 456 -21.70 28.39 -34.00
N ASP B 457 -20.88 28.38 -35.05
CA ASP B 457 -20.66 29.56 -35.88
C ASP B 457 -20.01 29.10 -37.18
N PRO B 458 -20.67 29.35 -38.29
CA PRO B 458 -20.25 29.01 -39.63
C PRO B 458 -18.84 29.48 -40.00
N ASN B 459 -18.37 30.59 -39.48
CA ASN B 459 -17.01 31.05 -39.78
C ASN B 459 -15.95 30.27 -39.00
N TYR B 460 -16.33 29.90 -37.77
CA TYR B 460 -15.44 29.08 -36.92
C TYR B 460 -15.23 27.77 -37.66
N GLY B 461 -16.35 27.09 -37.92
CA GLY B 461 -16.35 25.82 -38.62
C GLY B 461 -15.53 25.90 -39.90
N THR B 462 -15.85 26.91 -40.71
CA THR B 462 -15.21 27.10 -42.01
C THR B 462 -13.72 27.36 -41.84
N ARG B 463 -13.33 28.24 -40.94
CA ARG B 463 -11.90 28.51 -40.75
C ARG B 463 -11.15 27.33 -40.13
N VAL B 464 -11.76 26.50 -39.29
CA VAL B 464 -10.99 25.37 -38.72
C VAL B 464 -10.93 24.23 -39.70
N ALA B 465 -11.95 24.07 -40.54
CA ALA B 465 -11.97 23.01 -41.53
C ALA B 465 -10.85 23.19 -42.57
N GLU B 466 -10.45 24.43 -42.78
CA GLU B 466 -9.35 24.82 -43.66
C GLU B 466 -8.00 24.31 -43.15
N VAL B 467 -7.62 24.75 -41.96
CA VAL B 467 -6.39 24.32 -41.30
C VAL B 467 -6.30 22.81 -41.17
N ALA B 468 -7.40 22.18 -40.69
CA ALA B 468 -7.40 20.74 -40.47
C ALA B 468 -7.61 19.88 -41.69
N LYS B 469 -7.87 20.53 -42.83
CA LYS B 469 -8.14 19.83 -44.08
C LYS B 469 -9.40 18.98 -44.03
N GLY B 470 -10.51 19.55 -43.56
CA GLY B 470 -11.78 18.83 -43.53
C GLY B 470 -12.51 19.00 -44.85
N ASP B 471 -13.64 18.35 -45.03
CA ASP B 471 -14.42 18.45 -46.29
C ASP B 471 -15.63 19.33 -46.05
N LEU B 472 -15.50 20.60 -46.37
CA LEU B 472 -16.52 21.62 -46.16
C LEU B 472 -17.92 21.25 -46.57
N SER B 473 -18.13 20.57 -47.71
CA SER B 473 -19.47 20.21 -48.11
C SER B 473 -20.08 19.20 -47.12
N LYS B 474 -19.29 18.25 -46.66
CA LYS B 474 -19.77 17.27 -45.66
C LYS B 474 -20.04 17.99 -44.34
N VAL B 475 -19.13 18.89 -43.97
CA VAL B 475 -19.28 19.64 -42.74
C VAL B 475 -20.63 20.35 -42.72
N LYS B 476 -20.92 21.11 -43.79
CA LYS B 476 -22.20 21.80 -43.89
C LYS B 476 -23.39 20.87 -43.89
N SER B 477 -23.36 19.73 -44.60
CA SER B 477 -24.55 18.88 -44.59
C SER B 477 -24.71 18.19 -43.23
N LEU B 478 -23.60 17.78 -42.58
CA LEU B 478 -23.74 17.25 -41.22
C LEU B 478 -24.29 18.32 -40.29
N ALA B 479 -23.82 19.54 -40.39
CA ALA B 479 -24.29 20.64 -39.57
C ALA B 479 -25.77 20.95 -39.78
N ALA B 480 -26.26 20.76 -41.01
CA ALA B 480 -27.65 21.00 -41.36
C ALA B 480 -28.59 20.31 -40.38
N SER B 481 -28.32 19.03 -40.18
CA SER B 481 -29.05 18.12 -39.33
C SER B 481 -28.84 18.29 -37.82
N LEU B 482 -27.91 19.13 -37.37
CA LEU B 482 -27.76 19.33 -35.94
C LEU B 482 -28.86 20.27 -35.44
N LYS B 483 -29.42 19.96 -34.27
CA LYS B 483 -30.45 20.84 -33.70
C LYS B 483 -29.83 21.78 -32.70
N ASP B 484 -30.37 22.98 -32.56
CA ASP B 484 -29.87 24.02 -31.69
C ASP B 484 -29.58 23.58 -30.27
N ASP C 2 -17.88 -6.19 -29.59
CA ASP C 2 -18.08 -6.88 -28.29
C ASP C 2 -18.61 -5.89 -27.23
N THR C 3 -19.61 -6.36 -26.51
CA THR C 3 -20.28 -5.56 -25.52
C THR C 3 -19.37 -5.14 -24.37
N LEU C 4 -19.60 -3.91 -23.91
CA LEU C 4 -18.94 -3.36 -22.73
C LEU C 4 -19.38 -4.12 -21.48
N THR C 5 -18.42 -4.44 -20.58
CA THR C 5 -18.72 -5.17 -19.36
C THR C 5 -18.09 -4.52 -18.11
N ARG C 6 -18.61 -4.93 -16.95
CA ARG C 6 -18.00 -4.54 -15.67
C ARG C 6 -16.88 -5.54 -15.39
N ASP C 7 -16.14 -5.38 -14.30
CA ASP C 7 -15.03 -6.32 -14.02
C ASP C 7 -15.48 -7.70 -13.66
N ASN C 8 -16.75 -7.93 -13.27
CA ASN C 8 -17.27 -9.23 -12.99
C ASN C 8 -17.81 -9.91 -14.27
N GLY C 9 -17.60 -9.23 -15.40
CA GLY C 9 -18.10 -9.83 -16.65
C GLY C 9 -19.56 -9.47 -16.97
N ALA C 10 -20.30 -8.82 -16.09
CA ALA C 10 -21.70 -8.48 -16.46
C ALA C 10 -21.77 -7.36 -17.51
N VAL C 11 -22.64 -7.48 -18.52
CA VAL C 11 -22.78 -6.42 -19.53
C VAL C 11 -23.35 -5.14 -18.95
N VAL C 12 -22.91 -4.01 -19.48
CA VAL C 12 -23.37 -2.70 -19.04
C VAL C 12 -24.57 -2.29 -19.92
N GLY C 13 -25.61 -1.75 -19.31
CA GLY C 13 -26.76 -1.30 -20.10
C GLY C 13 -26.64 0.13 -20.58
N ASP C 14 -26.00 1.02 -19.83
CA ASP C 14 -25.86 2.40 -20.29
C ASP C 14 -24.51 2.90 -19.81
N ASN C 15 -23.61 3.30 -20.70
CA ASN C 15 -22.31 3.78 -20.19
C ASN C 15 -22.23 5.28 -20.33
N GLN C 16 -23.34 5.96 -20.64
CA GLN C 16 -23.31 7.42 -20.84
C GLN C 16 -24.02 8.22 -19.76
N ASN C 17 -24.91 7.53 -19.00
CA ASN C 17 -25.65 8.28 -17.99
C ASN C 17 -25.60 7.56 -16.63
N SER C 18 -25.33 8.28 -15.56
CA SER C 18 -25.39 7.74 -14.20
C SER C 18 -26.86 7.46 -13.84
N GLN C 19 -27.13 6.58 -12.90
CA GLN C 19 -28.51 6.35 -12.43
C GLN C 19 -28.89 7.40 -11.38
N THR C 20 -29.96 8.13 -11.64
CA THR C 20 -30.41 9.26 -10.88
C THR C 20 -31.85 9.06 -10.37
N ALA C 21 -32.16 9.81 -9.30
CA ALA C 21 -33.48 9.70 -8.67
C ALA C 21 -34.38 10.69 -9.44
N GLY C 22 -34.80 10.26 -10.64
CA GLY C 22 -35.67 11.15 -11.43
C GLY C 22 -34.80 12.05 -12.31
N ALA C 23 -35.46 12.76 -13.22
CA ALA C 23 -34.74 13.63 -14.18
C ALA C 23 -33.96 14.72 -13.51
N GLN C 24 -34.51 15.34 -12.48
CA GLN C 24 -33.75 16.41 -11.82
C GLN C 24 -33.12 15.93 -10.51
N GLY C 25 -33.06 14.63 -10.26
CA GLY C 25 -32.65 14.22 -8.91
C GLY C 25 -31.19 13.79 -8.84
N PRO C 26 -30.76 13.52 -7.61
CA PRO C 26 -29.40 13.13 -7.28
C PRO C 26 -29.03 11.75 -7.76
N VAL C 27 -27.75 11.45 -7.83
CA VAL C 27 -27.21 10.15 -8.26
C VAL C 27 -27.28 9.12 -7.14
N LEU C 28 -27.59 7.89 -7.49
CA LEU C 28 -27.77 6.82 -6.55
C LEU C 28 -26.44 6.14 -6.21
N LEU C 29 -26.33 5.83 -4.91
CA LEU C 29 -25.18 5.02 -4.49
C LEU C 29 -25.15 3.65 -5.15
N GLN C 30 -26.30 3.03 -5.46
CA GLN C 30 -26.32 1.70 -6.03
C GLN C 30 -25.90 1.59 -7.49
N ASP C 31 -25.43 2.63 -8.16
CA ASP C 31 -25.00 2.50 -9.57
C ASP C 31 -23.59 1.86 -9.57
N VAL C 32 -23.55 0.54 -9.63
CA VAL C 32 -22.25 -0.15 -9.54
C VAL C 32 -21.32 0.12 -10.71
N GLN C 33 -21.83 0.42 -11.91
CA GLN C 33 -20.91 0.79 -13.00
C GLN C 33 -20.25 2.10 -12.70
N LEU C 34 -20.98 3.11 -12.25
CA LEU C 34 -20.36 4.40 -11.92
C LEU C 34 -19.29 4.18 -10.86
N LEU C 35 -19.66 3.49 -9.78
CA LEU C 35 -18.69 3.31 -8.70
C LEU C 35 -17.47 2.49 -9.10
N GLN C 36 -17.63 1.42 -9.87
CA GLN C 36 -16.47 0.61 -10.25
C GLN C 36 -15.61 1.35 -11.28
N LYS C 37 -16.20 2.13 -12.20
CA LYS C 37 -15.28 2.86 -13.09
C LYS C 37 -14.49 3.90 -12.32
N LEU C 38 -15.14 4.64 -11.42
CA LEU C 38 -14.43 5.67 -10.67
C LEU C 38 -13.41 5.04 -9.69
N GLN C 39 -13.79 3.94 -9.03
CA GLN C 39 -12.78 3.37 -8.10
C GLN C 39 -11.54 2.87 -8.83
N ARG C 40 -11.70 2.26 -10.01
CA ARG C 40 -10.50 1.84 -10.75
C ARG C 40 -9.72 3.04 -11.22
N PHE C 41 -10.41 4.06 -11.75
CA PHE C 41 -9.76 5.26 -12.26
C PHE C 41 -8.98 5.96 -11.16
N ASP C 42 -9.56 5.99 -9.96
CA ASP C 42 -8.97 6.64 -8.80
C ASP C 42 -7.71 5.91 -8.31
N ARG C 43 -7.39 4.71 -8.78
CA ARG C 43 -6.25 3.94 -8.30
C ARG C 43 -5.32 3.54 -9.46
N GLU C 44 -5.42 4.25 -10.58
CA GLU C 44 -4.55 3.91 -11.69
C GLU C 44 -3.07 4.16 -11.45
N ARG C 45 -2.71 5.19 -10.70
CA ARG C 45 -1.29 5.58 -10.61
C ARG C 45 -0.52 4.85 -9.52
N ILE C 46 0.75 4.53 -9.77
CA ILE C 46 1.63 3.87 -8.77
C ILE C 46 2.79 4.85 -8.62
N PRO C 47 3.64 4.71 -7.60
CA PRO C 47 4.70 5.66 -7.35
C PRO C 47 5.68 5.63 -8.51
N GLU C 48 6.17 6.77 -8.98
CA GLU C 48 7.15 6.75 -10.06
C GLU C 48 8.48 6.29 -9.46
N ARG C 49 9.39 5.92 -10.34
CA ARG C 49 10.75 5.58 -9.84
C ARG C 49 11.27 6.78 -9.08
N VAL C 50 12.06 6.55 -8.02
CA VAL C 50 12.61 7.61 -7.23
C VAL C 50 13.66 8.38 -8.07
N VAL C 51 14.36 7.71 -8.98
CA VAL C 51 15.30 8.35 -9.91
C VAL C 51 14.98 7.65 -11.23
N HIS C 52 15.32 8.27 -12.36
CA HIS C 52 15.03 7.68 -13.69
C HIS C 52 13.54 7.48 -13.92
N ALA C 53 12.69 8.37 -13.43
CA ALA C 53 11.21 8.23 -13.63
C ALA C 53 10.78 8.38 -15.06
N ARG C 54 11.48 9.31 -15.73
CA ARG C 54 11.14 9.60 -17.15
C ARG C 54 11.81 8.60 -18.05
N GLY C 55 11.14 7.68 -18.70
CA GLY C 55 11.83 6.70 -19.51
C GLY C 55 11.06 6.17 -20.69
N THR C 56 11.76 5.46 -21.57
CA THR C 56 11.21 4.87 -22.77
C THR C 56 11.68 3.43 -22.88
N GLY C 57 10.76 2.51 -23.14
CA GLY C 57 11.13 1.10 -23.24
C GLY C 57 10.85 0.58 -24.64
N VAL C 58 11.70 -0.32 -25.06
CA VAL C 58 11.67 -1.00 -26.33
C VAL C 58 12.16 -2.42 -26.15
N LYS C 59 11.92 -3.29 -27.11
CA LYS C 59 12.37 -4.66 -27.10
C LYS C 59 13.26 -4.97 -28.33
N GLY C 60 14.05 -6.01 -28.14
CA GLY C 60 14.95 -6.45 -29.20
C GLY C 60 15.58 -7.79 -28.90
N GLU C 61 16.82 -7.91 -29.40
CA GLU C 61 17.52 -9.19 -29.26
C GLU C 61 19.02 -8.99 -29.26
N PHE C 62 19.68 -9.79 -28.43
CA PHE C 62 21.14 -9.77 -28.32
C PHE C 62 21.68 -11.08 -28.87
N THR C 63 22.75 -11.02 -29.66
CA THR C 63 23.34 -12.26 -30.19
C THR C 63 24.82 -12.28 -29.78
N ALA C 64 25.28 -13.31 -29.07
CA ALA C 64 26.67 -13.32 -28.67
C ALA C 64 27.51 -13.70 -29.91
N SER C 65 28.72 -13.17 -29.97
CA SER C 65 29.58 -13.48 -31.13
C SER C 65 30.99 -13.90 -30.80
N ALA C 66 31.32 -14.21 -29.55
CA ALA C 66 32.70 -14.63 -29.26
C ALA C 66 32.75 -15.81 -28.31
N ASP C 67 33.90 -16.48 -28.25
CA ASP C 67 34.08 -17.54 -27.26
C ASP C 67 34.71 -16.83 -26.06
N ILE C 68 33.91 -16.61 -25.02
CA ILE C 68 34.51 -15.96 -23.85
C ILE C 68 34.35 -16.90 -22.66
N SER C 69 34.36 -18.20 -22.91
CA SER C 69 34.23 -19.24 -21.88
C SER C 69 35.37 -19.25 -20.87
N ASP C 70 36.50 -18.65 -21.17
CA ASP C 70 37.59 -18.48 -20.23
C ASP C 70 37.28 -17.39 -19.20
N LEU C 71 36.33 -16.52 -19.50
CA LEU C 71 35.96 -15.43 -18.60
C LEU C 71 34.67 -15.78 -17.83
N SER C 72 33.66 -16.26 -18.55
CA SER C 72 32.40 -16.52 -17.82
C SER C 72 31.74 -17.76 -18.32
N LYS C 73 31.09 -18.51 -17.44
CA LYS C 73 30.31 -19.68 -17.88
C LYS C 73 28.89 -19.27 -18.23
N ALA C 74 28.55 -17.98 -18.24
CA ALA C 74 27.17 -17.62 -18.52
C ALA C 74 26.76 -17.95 -19.97
N THR C 75 25.58 -18.54 -20.04
CA THR C 75 24.95 -18.94 -21.27
C THR C 75 24.65 -17.76 -22.16
N VAL C 76 24.40 -16.56 -21.67
CA VAL C 76 24.13 -15.38 -22.49
C VAL C 76 25.28 -15.05 -23.42
N PHE C 77 26.52 -15.29 -23.02
CA PHE C 77 27.71 -15.00 -23.80
C PHE C 77 28.17 -16.18 -24.65
N LYS C 78 27.44 -17.28 -24.70
CA LYS C 78 27.88 -18.40 -25.54
C LYS C 78 27.76 -18.03 -27.00
N SER C 79 28.91 -17.99 -27.70
CA SER C 79 28.92 -17.52 -29.10
C SER C 79 27.75 -18.12 -29.86
N GLY C 80 27.01 -17.28 -30.60
CA GLY C 80 25.85 -17.74 -31.33
C GLY C 80 24.56 -17.62 -30.53
N GLU C 81 24.61 -17.68 -29.21
CA GLU C 81 23.40 -17.62 -28.40
C GLU C 81 22.62 -16.34 -28.63
N LYS C 82 21.32 -16.52 -28.87
CA LYS C 82 20.42 -15.37 -29.10
C LYS C 82 19.45 -15.18 -27.93
N THR C 83 19.42 -14.00 -27.37
CA THR C 83 18.62 -13.72 -26.17
C THR C 83 17.74 -12.50 -26.39
N PRO C 84 16.46 -12.64 -26.11
CA PRO C 84 15.49 -11.58 -26.15
C PRO C 84 15.84 -10.54 -25.08
N VAL C 85 15.71 -9.26 -25.35
CA VAL C 85 16.01 -8.22 -24.39
C VAL C 85 14.83 -7.24 -24.32
N PHE C 86 14.75 -6.56 -23.18
CA PHE C 86 13.87 -5.45 -22.95
C PHE C 86 14.79 -4.31 -22.55
N VAL C 87 14.76 -3.17 -23.21
CA VAL C 87 15.58 -2.03 -22.85
C VAL C 87 14.75 -0.84 -22.41
N ARG C 88 15.17 -0.18 -21.34
CA ARG C 88 14.53 1.05 -20.87
C ARG C 88 15.61 2.12 -20.84
N PHE C 89 15.35 3.22 -21.58
CA PHE C 89 16.24 4.37 -21.62
C PHE C 89 15.61 5.46 -20.76
N SER C 90 16.38 6.34 -20.18
CA SER C 90 15.82 7.36 -19.30
C SER C 90 16.69 8.52 -18.96
N SER C 91 16.11 9.51 -18.30
CA SER C 91 16.77 10.68 -17.74
C SER C 91 16.90 10.36 -16.25
N VAL C 92 17.42 11.19 -15.40
CA VAL C 92 17.64 10.76 -14.01
C VAL C 92 16.88 11.54 -12.96
N VAL C 93 17.04 12.86 -13.00
CA VAL C 93 16.55 13.70 -11.91
C VAL C 93 15.07 14.01 -11.90
N HIS C 94 14.48 14.26 -13.05
CA HIS C 94 13.13 14.83 -13.05
C HIS C 94 12.01 13.81 -13.23
N GLY C 95 10.79 14.30 -13.02
N GLY C 95 10.79 14.25 -12.93
CA GLY C 95 9.56 13.55 -13.08
CA GLY C 95 9.61 13.42 -12.96
C GLY C 95 9.23 12.91 -14.41
C GLY C 95 9.15 12.99 -14.33
N ASN C 96 8.27 12.01 -14.40
N ASN C 96 8.14 12.13 -14.36
CA ASN C 96 7.82 11.25 -15.54
CA ASN C 96 7.58 11.62 -15.62
C ASN C 96 7.39 11.99 -16.78
C ASN C 96 6.92 12.78 -16.35
N HIS C 97 6.94 13.25 -16.80
N HIS C 97 7.09 12.82 -17.67
CA HIS C 97 6.67 13.93 -18.07
CA HIS C 97 6.70 13.93 -18.50
C HIS C 97 7.57 15.17 -18.26
N SER C 98 8.70 15.13 -17.57
CA SER C 98 9.68 16.22 -17.67
C SER C 98 10.27 16.24 -19.07
N PRO C 99 10.72 17.41 -19.51
CA PRO C 99 11.28 17.57 -20.85
C PRO C 99 12.51 16.69 -21.01
N GLU C 100 12.59 15.94 -22.10
CA GLU C 100 13.72 15.07 -22.40
C GLU C 100 14.96 15.88 -22.79
N THR C 101 14.90 17.20 -22.95
CA THR C 101 16.05 18.05 -23.20
C THR C 101 16.74 18.50 -21.94
N LEU C 102 16.26 18.21 -20.71
CA LEU C 102 16.93 18.69 -19.50
C LEU C 102 18.33 18.10 -19.38
N ARG C 103 19.29 18.87 -18.85
CA ARG C 103 20.66 18.32 -18.77
C ARG C 103 20.73 17.19 -17.74
N ASP C 104 21.23 16.02 -18.10
CA ASP C 104 21.37 14.91 -17.16
C ASP C 104 22.19 13.77 -17.76
N PRO C 105 22.62 12.84 -16.93
CA PRO C 105 23.11 11.53 -17.36
C PRO C 105 21.91 10.79 -17.95
N HIS C 106 22.04 9.86 -18.87
CA HIS C 106 20.91 9.15 -19.43
C HIS C 106 21.06 7.65 -19.17
N GLY C 107 20.02 6.99 -18.62
CA GLY C 107 20.09 5.60 -18.28
C GLY C 107 19.94 4.72 -19.50
N PHE C 108 20.56 3.54 -19.47
CA PHE C 108 20.49 2.55 -20.53
C PHE C 108 20.46 1.19 -19.85
N ALA C 109 19.28 0.72 -19.47
CA ALA C 109 19.12 -0.53 -18.72
C ALA C 109 18.58 -1.63 -19.62
N THR C 110 19.29 -2.74 -19.64
CA THR C 110 18.98 -3.89 -20.45
C THR C 110 18.69 -5.13 -19.62
N LYS C 111 17.46 -5.62 -19.85
CA LYS C 111 17.05 -6.84 -19.18
C LYS C 111 17.24 -8.00 -20.16
N PHE C 112 18.21 -8.88 -19.91
CA PHE C 112 18.39 -10.05 -20.79
C PHE C 112 17.60 -11.25 -20.28
N TYR C 113 16.65 -11.78 -21.05
CA TYR C 113 15.87 -12.96 -20.69
C TYR C 113 16.62 -14.23 -21.09
N THR C 114 17.70 -14.54 -20.36
CA THR C 114 18.62 -15.59 -20.72
C THR C 114 18.09 -16.96 -20.37
N ALA C 115 18.78 -17.97 -20.91
CA ALA C 115 18.50 -19.37 -20.68
C ALA C 115 18.85 -19.80 -19.26
N ASP C 116 19.54 -18.97 -18.52
CA ASP C 116 19.89 -19.30 -17.13
C ASP C 116 19.08 -18.40 -16.18
N GLY C 117 18.18 -17.59 -16.71
CA GLY C 117 17.45 -16.64 -15.86
C GLY C 117 17.64 -15.22 -16.37
N ASN C 118 16.99 -14.24 -15.71
CA ASN C 118 17.10 -12.86 -16.19
C ASN C 118 18.30 -12.12 -15.62
N TRP C 119 19.07 -11.53 -16.53
CA TRP C 119 20.22 -10.75 -16.15
C TRP C 119 20.02 -9.31 -16.56
N ASP C 120 20.12 -8.38 -15.57
CA ASP C 120 20.01 -6.99 -15.85
C ASP C 120 21.34 -6.27 -15.78
N LEU C 121 21.65 -5.61 -16.90
CA LEU C 121 22.83 -4.74 -17.00
C LEU C 121 22.30 -3.32 -16.99
N VAL C 122 22.29 -2.73 -15.80
CA VAL C 122 21.70 -1.41 -15.59
C VAL C 122 22.80 -0.37 -15.66
N GLY C 123 23.01 0.24 -16.84
CA GLY C 123 24.09 1.23 -16.97
C GLY C 123 23.61 2.62 -17.37
N ASN C 124 24.54 3.48 -17.76
CA ASN C 124 24.27 4.86 -18.15
C ASN C 124 25.13 5.19 -19.40
N ASN C 125 24.83 6.32 -20.04
CA ASN C 125 25.71 6.72 -21.16
C ASN C 125 27.00 7.19 -20.54
N PHE C 126 27.04 7.91 -19.43
CA PHE C 126 28.35 8.25 -18.83
C PHE C 126 29.04 7.02 -18.23
N PRO C 127 30.35 6.86 -18.48
CA PRO C 127 31.10 5.70 -18.05
C PRO C 127 31.48 5.70 -16.58
N THR C 128 31.37 6.85 -15.94
CA THR C 128 31.71 7.11 -14.56
C THR C 128 30.54 7.77 -13.83
N PHE C 129 30.62 7.74 -12.49
CA PHE C 129 29.58 8.30 -11.66
C PHE C 129 30.17 9.41 -10.80
N PHE C 130 29.30 10.17 -10.16
CA PHE C 130 29.66 11.32 -9.35
C PHE C 130 30.20 10.94 -7.99
N ILE C 131 29.76 9.80 -7.47
CA ILE C 131 30.21 9.35 -6.15
C ILE C 131 30.74 7.92 -6.23
N ARG C 132 31.39 7.48 -5.16
CA ARG C 132 31.98 6.15 -5.16
C ARG C 132 31.60 5.27 -3.97
N ASP C 133 30.60 5.64 -3.19
CA ASP C 133 30.12 4.80 -2.08
C ASP C 133 28.61 5.02 -2.03
N ALA C 134 27.82 3.96 -2.10
CA ALA C 134 26.36 4.07 -2.09
C ALA C 134 25.76 4.70 -0.86
N ILE C 135 26.44 4.83 0.26
CA ILE C 135 25.94 5.53 1.44
C ILE C 135 25.67 7.00 1.14
N LYS C 136 26.35 7.59 0.14
CA LYS C 136 26.08 8.96 -0.25
C LYS C 136 25.00 9.14 -1.30
N PHE C 137 24.46 8.04 -1.88
CA PHE C 137 23.46 8.18 -2.92
C PHE C 137 22.29 9.07 -2.55
N PRO C 138 21.62 8.81 -1.45
CA PRO C 138 20.45 9.62 -1.08
C PRO C 138 20.79 11.11 -0.95
N ASP C 139 21.92 11.47 -0.33
CA ASP C 139 22.38 12.83 -0.21
C ASP C 139 22.59 13.46 -1.58
N MET C 140 23.29 12.76 -2.46
CA MET C 140 23.61 13.24 -3.79
C MET C 140 22.33 13.50 -4.59
N VAL C 141 21.40 12.52 -4.50
CA VAL C 141 20.17 12.67 -5.25
C VAL C 141 19.38 13.85 -4.69
N HIS C 142 19.29 14.02 -3.38
CA HIS C 142 18.60 15.14 -2.77
C HIS C 142 19.22 16.49 -3.16
N ALA C 143 20.54 16.51 -3.33
CA ALA C 143 21.19 17.77 -3.69
C ALA C 143 20.94 18.04 -5.17
N PHE C 144 20.85 17.07 -6.04
CA PHE C 144 20.57 17.25 -7.46
C PHE C 144 19.12 17.63 -7.80
N LYS C 145 18.17 17.01 -7.07
CA LYS C 145 16.76 17.23 -7.37
C LYS C 145 16.36 18.67 -7.05
N PRO C 146 15.19 19.08 -7.51
CA PRO C 146 14.66 20.40 -7.21
C PRO C 146 14.66 20.64 -5.74
N ASP C 147 14.69 21.90 -5.30
CA ASP C 147 14.69 22.34 -3.92
C ASP C 147 13.43 21.80 -3.26
N PRO C 148 13.53 21.25 -2.07
CA PRO C 148 12.38 20.67 -1.37
C PRO C 148 11.32 21.68 -0.95
N ARG C 149 11.69 22.97 -0.95
CA ARG C 149 10.79 24.02 -0.50
C ARG C 149 9.86 24.43 -1.63
N THR C 150 10.32 24.39 -2.88
CA THR C 150 9.59 24.98 -3.99
C THR C 150 9.36 24.09 -5.19
N ASN C 151 10.06 22.96 -5.32
CA ASN C 151 9.96 22.13 -6.50
C ASN C 151 10.56 22.84 -7.73
N LEU C 152 11.47 23.78 -7.49
CA LEU C 152 12.16 24.44 -8.59
C LEU C 152 13.67 24.14 -8.58
N ASP C 153 14.23 23.91 -9.77
CA ASP C 153 15.68 23.69 -9.84
C ASP C 153 16.40 24.77 -9.05
N ASN C 154 17.48 24.40 -8.36
CA ASN C 154 18.29 25.30 -7.57
C ASN C 154 19.72 24.71 -7.53
N ASP C 155 20.55 25.10 -8.50
CA ASP C 155 21.87 24.53 -8.63
C ASP C 155 22.83 24.87 -7.52
N SER C 156 22.57 25.85 -6.66
CA SER C 156 23.48 26.12 -5.56
C SER C 156 23.49 24.98 -4.53
N ARG C 157 22.39 24.21 -4.53
CA ARG C 157 22.29 23.09 -3.58
C ARG C 157 23.27 22.00 -3.98
N ARG C 158 23.38 21.61 -5.23
CA ARG C 158 24.29 20.58 -5.69
C ARG C 158 25.74 20.99 -5.48
N PHE C 159 26.05 22.28 -5.67
CA PHE C 159 27.44 22.69 -5.47
C PHE C 159 27.79 22.90 -4.04
N ASP C 160 26.81 23.08 -3.14
CA ASP C 160 27.10 23.06 -1.71
C ASP C 160 27.53 21.60 -1.43
N PHE C 161 26.72 20.63 -1.90
CA PHE C 161 27.09 19.24 -1.62
C PHE C 161 28.40 18.88 -2.34
N PHE C 162 28.50 19.13 -3.64
CA PHE C 162 29.62 18.70 -4.44
C PHE C 162 30.93 19.38 -4.07
N SER C 163 30.88 20.48 -3.31
CA SER C 163 32.09 21.15 -2.85
C SER C 163 32.80 20.29 -1.81
N HIS C 164 32.14 19.23 -1.29
CA HIS C 164 32.74 18.34 -0.32
C HIS C 164 33.23 17.05 -1.00
N VAL C 165 32.98 16.90 -2.29
CA VAL C 165 33.13 15.73 -3.11
C VAL C 165 33.98 15.93 -4.36
N PRO C 166 35.30 15.94 -4.16
CA PRO C 166 36.26 16.14 -5.22
C PRO C 166 36.22 15.02 -6.23
N GLU C 167 35.75 13.82 -5.81
CA GLU C 167 35.62 12.67 -6.67
C GLU C 167 34.57 12.83 -7.76
N ALA C 168 33.67 13.83 -7.63
CA ALA C 168 32.67 14.08 -8.65
C ALA C 168 33.19 14.93 -9.81
N THR C 169 34.44 15.35 -9.73
CA THR C 169 34.99 16.25 -10.76
C THR C 169 34.86 15.69 -12.15
N ARG C 170 35.30 14.45 -12.40
CA ARG C 170 35.22 13.86 -13.72
C ARG C 170 33.82 13.84 -14.30
N THR C 171 32.85 13.25 -13.58
CA THR C 171 31.49 13.18 -14.17
C THR C 171 30.75 14.49 -14.23
N LEU C 172 31.02 15.49 -13.41
CA LEU C 172 30.45 16.82 -13.46
C LEU C 172 30.93 17.51 -14.76
N THR C 173 32.16 17.20 -15.13
CA THR C 173 32.72 17.61 -16.42
C THR C 173 31.93 16.97 -17.54
N LEU C 174 31.58 15.68 -17.44
CA LEU C 174 30.76 14.99 -18.39
C LEU C 174 29.33 15.58 -18.36
N LEU C 175 28.85 16.02 -17.20
CA LEU C 175 27.45 16.46 -17.15
C LEU C 175 27.25 17.80 -17.85
N TYR C 176 28.12 18.74 -17.55
CA TYR C 176 28.05 20.07 -18.11
C TYR C 176 28.58 20.20 -19.52
N SER C 177 29.14 19.14 -20.09
CA SER C 177 29.55 19.10 -21.47
C SER C 177 28.29 18.87 -22.31
N ASN C 178 28.40 18.75 -23.63
CA ASN C 178 27.25 18.48 -24.48
C ASN C 178 26.80 17.04 -24.47
N GLU C 179 27.53 16.15 -23.78
CA GLU C 179 27.09 14.77 -23.65
C GLU C 179 25.95 14.78 -22.61
N GLY C 180 25.78 15.88 -21.89
CA GLY C 180 24.68 16.06 -20.94
C GLY C 180 23.33 16.22 -21.65
N THR C 181 23.31 16.45 -22.97
CA THR C 181 22.07 16.62 -23.73
C THR C 181 22.13 15.96 -25.10
N PRO C 182 21.84 14.69 -25.13
CA PRO C 182 21.84 13.84 -26.31
C PRO C 182 20.83 14.33 -27.34
N ALA C 183 20.95 13.86 -28.58
CA ALA C 183 20.01 14.19 -29.64
C ALA C 183 18.99 13.08 -29.81
N GLY C 184 19.38 11.89 -29.36
CA GLY C 184 18.54 10.70 -29.40
C GLY C 184 19.20 9.62 -28.54
N TYR C 185 18.41 8.66 -28.05
CA TYR C 185 18.97 7.54 -27.29
C TYR C 185 19.74 6.61 -28.23
N ARG C 186 19.36 6.64 -29.51
CA ARG C 186 20.00 5.87 -30.57
C ARG C 186 21.42 6.41 -30.82
N PHE C 187 21.72 7.63 -30.45
CA PHE C 187 22.99 8.28 -30.69
C PHE C 187 23.84 8.45 -29.46
N MET C 188 23.79 7.45 -28.56
CA MET C 188 24.56 7.57 -27.32
C MET C 188 25.15 6.21 -26.98
N ASP C 189 26.26 6.16 -26.26
CA ASP C 189 26.78 4.81 -25.92
C ASP C 189 26.13 4.36 -24.62
N GLY C 190 26.42 3.14 -24.14
CA GLY C 190 25.92 2.66 -22.86
C GLY C 190 27.15 2.07 -22.13
N ASN C 191 27.25 2.27 -20.83
CA ASN C 191 28.37 1.76 -20.03
C ASN C 191 27.81 1.13 -18.76
N GLY C 192 28.47 0.06 -18.28
CA GLY C 192 28.06 -0.57 -17.04
C GLY C 192 28.58 0.21 -15.86
N VAL C 193 29.59 1.06 -16.07
CA VAL C 193 30.26 1.87 -15.09
C VAL C 193 31.17 1.03 -14.19
N HIS C 194 30.58 0.16 -13.37
CA HIS C 194 31.43 -0.66 -12.51
C HIS C 194 32.07 -1.85 -13.21
N ALA C 195 33.13 -2.37 -12.57
CA ALA C 195 33.66 -3.65 -13.02
C ALA C 195 32.71 -4.71 -12.41
N TYR C 196 32.30 -5.69 -13.16
CA TYR C 196 31.57 -6.83 -12.68
C TYR C 196 32.55 -8.01 -12.55
N LYS C 197 32.18 -9.04 -11.78
CA LYS C 197 33.12 -10.18 -11.74
C LYS C 197 32.51 -11.36 -12.48
N LEU C 198 33.21 -11.71 -13.55
CA LEU C 198 32.87 -12.87 -14.38
C LEU C 198 33.60 -14.08 -13.83
N VAL C 199 32.86 -15.18 -13.71
CA VAL C 199 33.43 -16.42 -13.15
C VAL C 199 33.23 -17.53 -14.16
N ASN C 200 34.40 -18.17 -14.47
CA ASN C 200 34.35 -19.22 -15.49
C ASN C 200 34.02 -20.56 -14.87
N ALA C 201 33.91 -21.61 -15.71
CA ALA C 201 33.56 -22.94 -15.24
C ALA C 201 34.61 -23.55 -14.29
N LYS C 202 35.85 -23.06 -14.24
CA LYS C 202 36.80 -23.55 -13.25
C LYS C 202 36.69 -22.78 -11.94
N GLY C 203 35.82 -21.76 -11.85
CA GLY C 203 35.70 -21.00 -10.60
C GLY C 203 36.62 -19.78 -10.58
N GLU C 204 37.40 -19.59 -11.64
CA GLU C 204 38.28 -18.46 -11.78
C GLU C 204 37.46 -17.18 -12.06
N VAL C 205 37.96 -16.07 -11.55
CA VAL C 205 37.39 -14.76 -11.68
C VAL C 205 38.20 -13.78 -12.51
N HIS C 206 37.49 -12.87 -13.19
CA HIS C 206 38.07 -11.75 -13.92
C HIS C 206 37.21 -10.52 -13.62
N TYR C 207 37.78 -9.34 -13.49
CA TYR C 207 37.00 -8.12 -13.29
C TYR C 207 36.80 -7.48 -14.66
N VAL C 208 35.53 -7.22 -15.00
CA VAL C 208 35.24 -6.71 -16.35
C VAL C 208 34.39 -5.46 -16.38
N LYS C 209 34.65 -4.59 -17.37
CA LYS C 209 33.80 -3.45 -17.64
C LYS C 209 33.04 -3.68 -18.96
N PHE C 210 31.76 -3.30 -19.01
CA PHE C 210 30.96 -3.47 -20.22
C PHE C 210 30.68 -2.13 -20.91
N HIS C 211 30.68 -2.14 -22.24
CA HIS C 211 30.47 -0.91 -23.01
C HIS C 211 29.62 -1.21 -24.23
N TRP C 212 28.54 -0.45 -24.39
CA TRP C 212 27.68 -0.58 -25.55
C TRP C 212 28.11 0.53 -26.53
N LYS C 213 28.67 0.08 -27.67
CA LYS C 213 29.11 1.09 -28.65
C LYS C 213 28.02 1.30 -29.69
N SER C 214 27.50 2.52 -29.81
CA SER C 214 26.43 2.82 -30.74
C SER C 214 26.91 2.70 -32.20
N LEU C 215 26.20 1.95 -33.01
CA LEU C 215 26.55 1.85 -34.43
C LEU C 215 25.90 2.92 -35.29
N GLN C 216 25.21 3.88 -34.69
CA GLN C 216 24.62 5.05 -35.29
C GLN C 216 25.51 6.26 -34.99
N GLY C 217 26.53 6.05 -34.15
CA GLY C 217 27.43 7.11 -33.79
C GLY C 217 26.86 7.92 -32.63
N ILE C 218 27.59 8.92 -32.20
CA ILE C 218 27.22 9.82 -31.12
C ILE C 218 26.76 11.15 -31.67
N LYS C 219 25.69 11.70 -31.12
CA LYS C 219 25.16 12.98 -31.59
C LYS C 219 24.56 13.70 -30.40
N ASN C 220 25.17 14.82 -30.04
CA ASN C 220 24.75 15.66 -28.94
C ASN C 220 24.15 16.96 -29.45
N LEU C 221 23.32 17.60 -28.64
CA LEU C 221 22.80 18.90 -28.98
C LEU C 221 23.60 19.94 -28.20
N ASP C 222 23.89 21.10 -28.77
CA ASP C 222 24.58 22.14 -28.01
C ASP C 222 23.51 23.02 -27.37
N PRO C 223 23.89 23.88 -26.45
CA PRO C 223 22.98 24.73 -25.72
C PRO C 223 21.90 25.36 -26.56
N LYS C 224 22.24 26.05 -27.64
CA LYS C 224 21.27 26.70 -28.51
C LYS C 224 20.32 25.70 -29.14
N GLU C 225 20.79 24.53 -29.54
CA GLU C 225 19.91 23.54 -30.14
C GLU C 225 18.96 22.97 -29.07
N VAL C 226 19.39 22.99 -27.81
CA VAL C 226 18.56 22.47 -26.72
C VAL C 226 17.30 23.31 -26.53
N ALA C 227 17.51 24.64 -26.48
CA ALA C 227 16.35 25.54 -26.32
C ALA C 227 15.44 25.46 -27.54
N GLN C 228 16.05 25.30 -28.71
CA GLN C 228 15.27 25.18 -29.94
C GLN C 228 14.37 23.96 -29.87
N VAL C 229 14.95 22.78 -29.59
CA VAL C 229 14.13 21.57 -29.53
C VAL C 229 13.08 21.65 -28.41
N GLN C 230 13.48 22.16 -27.25
CA GLN C 230 12.56 22.19 -26.10
C GLN C 230 11.33 23.04 -26.40
N SER C 231 11.53 24.15 -27.10
CA SER C 231 10.44 25.07 -27.44
C SER C 231 9.22 24.38 -28.04
N LYS C 232 9.34 23.34 -28.84
CA LYS C 232 8.30 22.59 -29.46
C LYS C 232 8.20 21.11 -29.09
N ASP C 233 9.18 20.56 -28.37
CA ASP C 233 9.13 19.13 -28.09
C ASP C 233 9.70 18.80 -26.72
N TYR C 234 8.85 18.31 -25.82
CA TYR C 234 9.31 17.92 -24.49
C TYR C 234 9.47 16.40 -24.40
N SER C 235 9.28 15.67 -25.50
CA SER C 235 9.47 14.25 -25.64
C SER C 235 10.36 13.83 -26.82
N HIS C 236 11.37 14.65 -27.09
CA HIS C 236 12.22 14.41 -28.27
C HIS C 236 12.95 13.09 -28.27
N LEU C 237 13.42 12.65 -27.08
CA LEU C 237 14.07 11.34 -27.05
C LEU C 237 13.09 10.22 -27.34
N THR C 238 11.91 10.24 -26.68
CA THR C 238 10.92 9.18 -26.94
C THR C 238 10.50 9.18 -28.38
N ASN C 239 10.12 10.34 -28.92
CA ASN C 239 9.72 10.50 -30.32
C ASN C 239 10.73 9.90 -31.28
N ASP C 240 11.98 10.31 -31.14
CA ASP C 240 13.05 9.78 -31.99
C ASP C 240 13.11 8.26 -31.94
N LEU C 241 13.18 7.66 -30.72
CA LEU C 241 13.29 6.20 -30.69
C LEU C 241 12.05 5.49 -31.15
N VAL C 242 10.86 5.86 -30.65
CA VAL C 242 9.66 5.15 -31.11
C VAL C 242 9.48 5.33 -32.62
N GLY C 243 9.67 6.54 -33.13
CA GLY C 243 9.54 6.84 -34.55
C GLY C 243 10.53 6.08 -35.43
N ALA C 244 11.77 5.97 -34.96
CA ALA C 244 12.78 5.22 -35.72
C ALA C 244 12.41 3.78 -35.83
N ILE C 245 11.88 3.18 -34.73
CA ILE C 245 11.49 1.79 -34.79
C ILE C 245 10.27 1.64 -35.69
N LYS C 246 9.37 2.64 -35.64
CA LYS C 246 8.19 2.56 -36.51
C LYS C 246 8.57 2.61 -37.99
N LYS C 247 9.57 3.39 -38.36
CA LYS C 247 10.04 3.47 -39.74
C LYS C 247 10.85 2.25 -40.15
N GLY C 248 11.34 1.47 -39.18
CA GLY C 248 12.11 0.27 -39.51
C GLY C 248 13.60 0.53 -39.41
N ASP C 249 13.98 1.67 -38.87
CA ASP C 249 15.38 2.05 -38.70
C ASP C 249 15.89 1.62 -37.33
N PHE C 250 16.06 0.33 -37.15
CA PHE C 250 16.43 -0.24 -35.85
C PHE C 250 17.83 0.07 -35.40
N PRO C 251 17.96 0.73 -34.25
CA PRO C 251 19.24 1.08 -33.67
C PRO C 251 19.96 -0.16 -33.15
N LYS C 252 21.28 -0.23 -33.34
CA LYS C 252 22.11 -1.36 -32.92
C LYS C 252 23.31 -0.88 -32.11
N TRP C 253 23.82 -1.68 -31.18
CA TRP C 253 24.97 -1.36 -30.36
C TRP C 253 25.84 -2.62 -30.29
N ASP C 254 27.17 -2.44 -30.36
CA ASP C 254 28.01 -3.63 -30.21
C ASP C 254 28.39 -3.70 -28.72
N LEU C 255 28.44 -4.89 -28.16
CA LEU C 255 28.87 -4.96 -26.74
C LEU C 255 30.35 -5.34 -26.68
N TYR C 256 31.13 -4.56 -25.97
CA TYR C 256 32.54 -4.74 -25.74
C TYR C 256 32.89 -4.94 -24.25
N VAL C 257 33.97 -5.69 -23.99
CA VAL C 257 34.42 -5.81 -22.60
C VAL C 257 35.89 -5.45 -22.42
N GLN C 258 36.24 -4.87 -21.29
CA GLN C 258 37.59 -4.59 -20.86
C GLN C 258 37.89 -5.59 -19.72
N VAL C 259 39.02 -6.29 -19.79
CA VAL C 259 39.26 -7.35 -18.79
C VAL C 259 40.49 -7.16 -17.93
N LEU C 260 40.41 -7.50 -16.65
CA LEU C 260 41.51 -7.45 -15.71
C LEU C 260 41.49 -8.67 -14.79
N LYS C 261 42.70 -9.20 -14.52
CA LYS C 261 42.83 -10.30 -13.56
C LYS C 261 42.91 -9.70 -12.16
N PRO C 262 42.47 -10.46 -11.16
CA PRO C 262 42.51 -10.02 -9.77
C PRO C 262 43.86 -9.51 -9.34
N GLU C 263 44.96 -10.18 -9.75
CA GLU C 263 46.27 -9.69 -9.32
C GLU C 263 46.72 -8.42 -10.02
N GLU C 264 45.99 -7.92 -11.01
CA GLU C 264 46.31 -6.69 -11.71
C GLU C 264 45.77 -5.46 -11.03
N LEU C 265 44.71 -5.53 -10.22
CA LEU C 265 44.11 -4.36 -9.59
C LEU C 265 45.03 -3.51 -8.72
N ALA C 266 46.00 -4.11 -8.06
CA ALA C 266 46.94 -3.43 -7.18
C ALA C 266 48.02 -2.64 -7.91
N LYS C 267 48.25 -2.89 -9.19
CA LYS C 267 49.29 -2.25 -9.95
C LYS C 267 48.99 -0.90 -10.58
N PHE C 268 47.75 -0.43 -10.52
CA PHE C 268 47.41 0.87 -11.08
C PHE C 268 47.67 1.99 -10.09
N ASP C 269 47.72 3.24 -10.55
CA ASP C 269 47.86 4.40 -9.70
C ASP C 269 46.51 4.85 -9.13
N PHE C 270 45.43 4.29 -9.63
CA PHE C 270 44.11 4.62 -9.09
C PHE C 270 43.49 3.28 -8.68
N ASP C 271 42.35 3.33 -7.99
CA ASP C 271 41.66 2.08 -7.62
C ASP C 271 40.75 1.71 -8.79
N PRO C 272 40.95 0.58 -9.41
CA PRO C 272 40.16 0.13 -10.55
C PRO C 272 38.70 -0.14 -10.18
N LEU C 273 38.39 -0.27 -8.89
CA LEU C 273 36.96 -0.48 -8.54
C LEU C 273 36.32 0.81 -8.08
N ASP C 274 36.95 1.95 -8.37
CA ASP C 274 36.41 3.27 -8.01
C ASP C 274 35.45 3.67 -9.13
N ALA C 275 34.14 3.82 -8.84
CA ALA C 275 33.16 4.13 -9.85
C ALA C 275 33.31 5.47 -10.58
N THR C 276 34.19 6.33 -10.14
CA THR C 276 34.46 7.63 -10.76
C THR C 276 35.65 7.52 -11.72
N LYS C 277 36.07 6.30 -12.06
CA LYS C 277 37.22 6.10 -12.93
C LYS C 277 36.93 5.26 -14.14
N ILE C 278 37.48 5.61 -15.30
CA ILE C 278 37.45 4.71 -16.46
C ILE C 278 38.76 3.90 -16.40
N TRP C 279 38.97 2.92 -17.26
CA TRP C 279 40.21 2.15 -17.34
C TRP C 279 40.90 2.53 -18.69
N PRO C 280 41.71 3.56 -18.64
CA PRO C 280 42.30 4.17 -19.81
C PRO C 280 43.10 3.27 -20.72
N ASP C 281 43.87 2.32 -20.18
CA ASP C 281 44.75 1.58 -21.09
C ASP C 281 44.43 0.10 -21.22
N VAL C 282 43.21 -0.29 -20.89
CA VAL C 282 42.86 -1.70 -21.07
C VAL C 282 42.11 -1.83 -22.40
N PRO C 283 42.55 -2.75 -23.23
CA PRO C 283 42.00 -3.03 -24.53
C PRO C 283 40.57 -3.57 -24.44
N GLU C 284 39.77 -3.31 -25.47
CA GLU C 284 38.39 -3.75 -25.50
C GLU C 284 38.22 -4.90 -26.48
N LYS C 285 37.31 -5.80 -26.19
CA LYS C 285 37.03 -6.95 -27.05
C LYS C 285 35.56 -7.05 -27.35
N LYS C 286 35.17 -7.24 -28.61
CA LYS C 286 33.78 -7.36 -28.97
C LYS C 286 33.20 -8.74 -28.66
N ILE C 287 32.06 -8.78 -27.95
CA ILE C 287 31.50 -10.05 -27.57
C ILE C 287 30.05 -10.23 -28.03
N GLY C 288 29.47 -9.25 -28.71
CA GLY C 288 28.10 -9.46 -29.20
C GLY C 288 27.50 -8.16 -29.70
N GLN C 289 26.27 -8.25 -30.16
CA GLN C 289 25.56 -7.09 -30.68
C GLN C 289 24.08 -7.19 -30.33
N MET C 290 23.52 -6.01 -30.09
CA MET C 290 22.11 -5.89 -29.75
C MET C 290 21.41 -5.03 -30.82
N VAL C 291 20.20 -5.43 -31.19
CA VAL C 291 19.33 -4.71 -32.10
C VAL C 291 17.96 -4.52 -31.39
N LEU C 292 17.50 -3.30 -31.35
CA LEU C 292 16.20 -2.97 -30.76
C LEU C 292 15.26 -2.65 -31.93
N ASN C 293 14.33 -3.59 -32.13
CA ASN C 293 13.43 -3.52 -33.26
C ASN C 293 11.94 -3.65 -33.01
N LYS C 294 11.51 -3.49 -31.76
CA LYS C 294 10.08 -3.57 -31.48
C LYS C 294 9.64 -2.59 -30.41
N ASN C 295 8.53 -1.90 -30.63
CA ASN C 295 8.02 -0.98 -29.63
C ASN C 295 7.13 -1.78 -28.67
N VAL C 296 6.81 -1.21 -27.51
CA VAL C 296 5.98 -1.95 -26.55
C VAL C 296 4.51 -1.96 -26.98
N ASP C 297 3.73 -2.82 -26.36
CA ASP C 297 2.29 -2.90 -26.63
C ASP C 297 1.53 -1.91 -25.74
N ASN C 298 2.02 -1.76 -24.50
CA ASN C 298 1.35 -0.83 -23.55
C ASN C 298 2.39 -0.21 -22.67
N PHE C 299 2.48 1.10 -22.60
CA PHE C 299 3.53 1.72 -21.80
C PHE C 299 3.53 1.32 -20.31
N PHE C 300 2.35 1.28 -19.67
CA PHE C 300 2.25 1.07 -18.23
C PHE C 300 2.64 -0.36 -17.88
N GLN C 301 2.02 -1.33 -18.55
CA GLN C 301 2.26 -2.73 -18.27
C GLN C 301 3.72 -3.16 -18.48
N GLU C 302 4.32 -2.56 -19.51
CA GLU C 302 5.69 -2.89 -19.84
C GLU C 302 6.72 -1.89 -19.37
N THR C 303 6.84 -0.69 -19.86
CA THR C 303 7.79 0.32 -19.51
C THR C 303 7.67 0.81 -18.06
N GLU C 304 6.44 1.01 -17.57
CA GLU C 304 6.38 1.52 -16.21
C GLU C 304 6.65 0.40 -15.20
N GLN C 305 6.09 -0.79 -15.42
CA GLN C 305 6.27 -1.87 -14.47
C GLN C 305 7.57 -2.64 -14.59
N VAL C 306 8.45 -2.38 -15.57
CA VAL C 306 9.67 -3.24 -15.62
C VAL C 306 10.55 -2.95 -14.42
N ALA C 307 11.14 -4.03 -13.89
CA ALA C 307 11.97 -3.95 -12.70
C ALA C 307 13.41 -4.40 -13.12
N MET C 308 14.21 -3.37 -13.25
CA MET C 308 15.63 -3.56 -13.60
C MET C 308 16.42 -3.51 -12.29
N ALA C 309 17.23 -4.53 -12.04
CA ALA C 309 18.08 -4.47 -10.81
C ALA C 309 19.40 -5.15 -11.00
N PRO C 310 20.50 -4.60 -10.51
CA PRO C 310 21.80 -5.24 -10.52
C PRO C 310 21.75 -6.56 -9.74
N ALA C 311 20.81 -6.80 -8.80
CA ALA C 311 20.74 -8.09 -8.12
C ALA C 311 20.24 -9.22 -9.00
N ASN C 312 19.65 -8.95 -10.15
CA ASN C 312 19.21 -9.99 -11.08
C ASN C 312 20.47 -10.47 -11.83
N LEU C 313 21.15 -11.43 -11.25
CA LEU C 313 22.39 -12.03 -11.67
C LEU C 313 22.17 -13.47 -12.08
N VAL C 314 23.03 -14.03 -12.94
CA VAL C 314 22.95 -15.44 -13.32
C VAL C 314 24.34 -16.04 -13.08
N PRO C 315 24.44 -17.35 -12.96
CA PRO C 315 25.70 -18.04 -12.78
C PRO C 315 26.70 -17.58 -13.85
N GLY C 316 27.88 -17.19 -13.39
CA GLY C 316 28.90 -16.69 -14.31
C GLY C 316 29.07 -15.18 -14.14
N ILE C 317 28.12 -14.49 -13.50
CA ILE C 317 28.21 -13.04 -13.33
C ILE C 317 27.95 -12.70 -11.86
N GLU C 318 28.80 -11.92 -11.21
CA GLU C 318 28.63 -11.51 -9.83
C GLU C 318 29.06 -10.04 -9.69
N PRO C 319 28.65 -9.38 -8.61
CA PRO C 319 29.09 -8.04 -8.31
C PRO C 319 30.59 -8.02 -7.95
N SER C 320 31.26 -6.93 -8.21
CA SER C 320 32.63 -6.73 -7.79
C SER C 320 32.51 -6.03 -6.42
N GLU C 321 33.57 -5.68 -5.75
CA GLU C 321 33.58 -4.99 -4.47
C GLU C 321 33.50 -3.48 -4.63
N ASP C 322 33.32 -2.94 -5.83
CA ASP C 322 33.03 -1.52 -6.02
C ASP C 322 31.96 -1.14 -4.98
N ARG C 323 32.29 -0.17 -4.12
CA ARG C 323 31.36 0.15 -3.01
C ARG C 323 30.08 0.84 -3.44
N LEU C 324 30.10 1.43 -4.62
CA LEU C 324 28.91 2.00 -5.21
C LEU C 324 28.01 0.86 -5.68
N LEU C 325 28.55 -0.09 -6.42
CA LEU C 325 27.75 -1.22 -6.90
C LEU C 325 27.14 -2.07 -5.79
N GLN C 326 27.88 -2.21 -4.68
CA GLN C 326 27.40 -3.04 -3.55
C GLN C 326 26.07 -2.50 -3.01
N GLY C 327 25.94 -1.19 -2.93
CA GLY C 327 24.70 -0.55 -2.48
C GLY C 327 23.58 -0.75 -3.48
N ARG C 328 23.88 -0.76 -4.78
CA ARG C 328 22.92 -0.98 -5.83
C ARG C 328 22.36 -2.39 -5.85
N VAL C 329 23.16 -3.36 -5.37
CA VAL C 329 22.69 -4.74 -5.28
C VAL C 329 21.50 -4.80 -4.31
N PHE C 330 21.42 -3.91 -3.32
CA PHE C 330 20.28 -3.92 -2.39
C PHE C 330 19.13 -3.01 -2.85
N SER C 331 19.46 -1.77 -3.24
CA SER C 331 18.48 -0.72 -3.48
C SER C 331 17.43 -0.95 -4.54
N TYR C 332 17.77 -1.55 -5.68
CA TYR C 332 16.83 -1.76 -6.76
C TYR C 332 15.76 -2.76 -6.36
N ALA C 333 16.21 -3.93 -5.86
CA ALA C 333 15.23 -4.92 -5.45
C ALA C 333 14.33 -4.34 -4.34
N ASP C 334 14.93 -3.63 -3.40
CA ASP C 334 14.19 -3.03 -2.30
C ASP C 334 13.12 -2.05 -2.72
N THR C 335 13.50 -1.07 -3.56
CA THR C 335 12.51 -0.10 -4.03
C THR C 335 11.46 -0.80 -4.89
N GLN C 336 11.77 -1.84 -5.63
CA GLN C 336 10.78 -2.54 -6.47
C GLN C 336 9.77 -3.30 -5.59
N MET C 337 10.20 -3.80 -4.43
CA MET C 337 9.22 -4.37 -3.50
C MET C 337 8.14 -3.35 -3.14
N TYR C 338 8.52 -2.09 -3.03
CA TYR C 338 7.58 -1.02 -2.71
C TYR C 338 6.81 -0.49 -3.90
N ARG C 339 7.56 -0.07 -4.92
CA ARG C 339 6.92 0.55 -6.11
C ARG C 339 6.03 -0.43 -6.84
N LEU C 340 6.37 -1.69 -6.87
CA LEU C 340 5.54 -2.67 -7.56
C LEU C 340 4.84 -3.55 -6.50
N GLY C 341 5.60 -4.08 -5.60
CA GLY C 341 5.05 -4.97 -4.57
C GLY C 341 5.88 -6.25 -4.52
N ALA C 342 5.51 -7.08 -3.53
CA ALA C 342 6.12 -8.37 -3.31
C ALA C 342 6.06 -9.27 -4.57
N ASN C 343 4.97 -9.16 -5.32
CA ASN C 343 4.82 -10.02 -6.50
C ASN C 343 5.23 -9.33 -7.82
N GLY C 344 5.97 -8.24 -7.70
CA GLY C 344 6.40 -7.52 -8.91
C GLY C 344 7.18 -8.37 -9.89
N LEU C 345 8.00 -9.32 -9.45
CA LEU C 345 8.81 -10.09 -10.40
C LEU C 345 8.02 -11.17 -11.11
N SER C 346 6.74 -11.34 -10.77
CA SER C 346 5.87 -12.27 -11.47
C SER C 346 5.05 -11.52 -12.53
N LEU C 347 5.20 -10.21 -12.69
CA LEU C 347 4.45 -9.52 -13.76
C LEU C 347 5.07 -9.90 -15.11
N PRO C 348 4.25 -10.00 -16.16
CA PRO C 348 4.69 -10.46 -17.47
C PRO C 348 6.03 -9.92 -17.94
N VAL C 349 6.32 -8.66 -17.91
CA VAL C 349 7.58 -8.06 -18.37
C VAL C 349 8.78 -8.46 -17.50
N ASN C 350 8.49 -8.88 -16.25
CA ASN C 350 9.61 -9.22 -15.38
C ASN C 350 9.86 -10.71 -15.28
N GLN C 351 8.98 -11.56 -15.76
CA GLN C 351 9.17 -12.98 -15.65
C GLN C 351 10.35 -13.48 -16.51
N PRO C 352 11.09 -14.40 -15.96
CA PRO C 352 12.15 -15.09 -16.67
C PRO C 352 11.52 -16.09 -17.65
N LYS C 353 12.34 -16.64 -18.53
CA LYS C 353 11.95 -17.58 -19.56
C LYS C 353 12.32 -18.99 -19.13
N VAL C 354 12.65 -19.16 -17.87
CA VAL C 354 12.99 -20.46 -17.27
C VAL C 354 12.03 -20.66 -16.10
N ALA C 355 11.87 -21.83 -15.53
CA ALA C 355 10.91 -21.97 -14.43
C ALA C 355 11.50 -21.36 -13.15
N VAL C 356 10.61 -20.99 -12.25
CA VAL C 356 10.98 -20.43 -10.95
C VAL C 356 10.56 -21.52 -9.96
N ASN C 357 11.44 -21.98 -9.11
CA ASN C 357 11.19 -23.06 -8.18
C ASN C 357 11.71 -22.71 -6.78
N ASN C 358 10.79 -22.29 -5.90
CA ASN C 358 11.29 -21.91 -4.56
C ASN C 358 10.12 -21.89 -3.57
N GLY C 359 10.42 -21.43 -2.35
CA GLY C 359 9.39 -21.37 -1.31
C GLY C 359 8.79 -19.99 -1.15
N ASN C 360 9.11 -19.00 -1.96
CA ASN C 360 8.58 -17.65 -1.80
C ASN C 360 7.08 -17.71 -2.06
N GLN C 361 6.24 -17.10 -1.26
CA GLN C 361 4.79 -17.23 -1.43
C GLN C 361 3.98 -16.04 -0.96
N ASP C 362 2.67 -16.13 -1.18
CA ASP C 362 1.66 -15.16 -0.74
C ASP C 362 2.05 -13.75 -1.17
N GLY C 363 1.78 -12.75 -0.33
CA GLY C 363 2.04 -11.36 -0.77
C GLY C 363 0.81 -10.82 -1.51
N ALA C 364 0.73 -9.50 -1.58
CA ALA C 364 -0.40 -8.87 -2.27
C ALA C 364 -0.51 -9.26 -3.75
N LEU C 365 -1.77 -9.56 -4.09
CA LEU C 365 -2.11 -9.91 -5.48
C LEU C 365 -1.30 -11.07 -6.01
N ASN C 366 -1.35 -12.19 -5.29
CA ASN C 366 -0.62 -13.38 -5.69
C ASN C 366 -1.45 -14.10 -6.76
N THR C 367 -0.90 -14.18 -7.98
CA THR C 367 -1.70 -14.77 -9.06
C THR C 367 -1.36 -16.21 -9.31
N GLY C 368 -0.62 -16.86 -8.43
CA GLY C 368 -0.28 -18.25 -8.65
C GLY C 368 -1.37 -19.27 -8.56
N HIS C 369 -0.96 -20.53 -8.77
CA HIS C 369 -1.83 -21.68 -8.66
C HIS C 369 -1.09 -22.81 -7.96
N THR C 370 -0.86 -22.62 -6.67
CA THR C 370 -0.12 -23.61 -5.88
C THR C 370 -0.99 -24.72 -5.41
N THR C 371 -0.54 -25.97 -5.40
CA THR C 371 -1.33 -27.07 -4.85
C THR C 371 -0.57 -27.80 -3.76
N SER C 372 0.75 -27.71 -3.75
CA SER C 372 1.59 -28.43 -2.78
C SER C 372 1.53 -27.91 -1.36
N GLY C 373 1.82 -28.77 -0.37
CA GLY C 373 1.96 -28.31 1.01
C GLY C 373 3.43 -28.00 1.36
N VAL C 374 4.32 -28.20 0.40
CA VAL C 374 5.75 -28.01 0.62
C VAL C 374 6.27 -26.69 0.09
N ASN C 375 6.28 -25.70 1.01
CA ASN C 375 6.75 -24.35 0.76
C ASN C 375 8.03 -24.07 1.56
N TYR C 376 8.72 -25.13 1.95
CA TYR C 376 9.94 -25.10 2.73
C TYR C 376 11.01 -26.00 2.12
N GLU C 377 12.27 -25.74 2.42
CA GLU C 377 13.42 -26.48 1.94
C GLU C 377 14.43 -26.50 3.10
N PRO C 378 14.98 -27.63 3.41
CA PRO C 378 14.81 -28.89 2.70
C PRO C 378 13.57 -29.68 3.02
N SER C 379 13.21 -30.65 2.12
CA SER C 379 12.07 -31.53 2.34
C SER C 379 12.48 -32.89 1.73
N ARG C 380 12.15 -34.00 2.34
CA ARG C 380 12.44 -35.29 1.68
C ARG C 380 11.24 -35.74 0.87
N LEU C 381 10.12 -35.02 0.91
CA LEU C 381 8.93 -35.32 0.17
C LEU C 381 8.95 -34.60 -1.17
N GLU C 382 9.33 -33.32 -1.14
CA GLU C 382 9.42 -32.53 -2.35
C GLU C 382 10.68 -31.70 -2.32
N PRO C 383 11.80 -32.33 -2.51
CA PRO C 383 13.08 -31.64 -2.46
C PRO C 383 13.26 -30.58 -3.51
N ARG C 384 14.05 -29.55 -3.18
CA ARG C 384 14.45 -28.48 -4.10
C ARG C 384 15.95 -28.27 -3.90
N PRO C 385 16.71 -29.18 -4.46
CA PRO C 385 18.17 -29.18 -4.29
C PRO C 385 18.85 -27.97 -4.89
N ALA C 386 19.95 -27.54 -4.24
CA ALA C 386 20.71 -26.43 -4.80
C ALA C 386 21.71 -27.02 -5.81
N ASP C 387 22.42 -26.20 -6.56
CA ASP C 387 23.43 -26.67 -7.54
C ASP C 387 24.80 -26.17 -7.07
N ASP C 388 25.66 -27.05 -6.60
CA ASP C 388 26.99 -26.77 -6.09
C ASP C 388 27.80 -25.95 -7.08
N LYS C 389 27.62 -26.16 -8.39
CA LYS C 389 28.28 -25.39 -9.42
C LYS C 389 27.93 -23.90 -9.40
N ALA C 390 26.80 -23.52 -8.80
CA ALA C 390 26.36 -22.15 -8.69
C ALA C 390 26.75 -21.48 -7.37
N ARG C 391 27.55 -22.09 -6.52
CA ARG C 391 28.00 -21.47 -5.26
C ARG C 391 28.76 -20.19 -5.57
N TYR C 392 28.72 -19.16 -4.74
CA TYR C 392 29.43 -17.93 -5.06
C TYR C 392 30.94 -18.13 -5.05
N SER C 393 31.65 -17.32 -5.83
CA SER C 393 33.13 -17.36 -5.80
C SER C 393 33.60 -16.90 -4.42
N GLU C 394 34.82 -17.25 -4.04
CA GLU C 394 35.39 -16.95 -2.74
C GLU C 394 36.47 -15.90 -2.81
N LEU C 395 36.28 -14.78 -2.14
CA LEU C 395 37.30 -13.73 -2.19
C LEU C 395 38.13 -13.73 -0.92
N PRO C 396 39.45 -13.74 -1.03
CA PRO C 396 40.34 -13.64 0.11
C PRO C 396 40.16 -12.32 0.84
N LEU C 397 40.15 -12.37 2.17
CA LEU C 397 39.95 -11.18 2.99
C LEU C 397 41.11 -10.86 3.93
N SER C 398 41.18 -9.62 4.39
CA SER C 398 42.22 -9.27 5.36
C SER C 398 41.84 -7.97 6.03
N GLY C 399 42.57 -7.54 7.03
CA GLY C 399 42.29 -6.28 7.72
C GLY C 399 41.16 -6.52 8.72
N THR C 400 40.26 -5.53 8.79
CA THR C 400 39.17 -5.59 9.76
C THR C 400 37.90 -4.98 9.17
N THR C 401 36.76 -5.20 9.86
CA THR C 401 35.56 -4.51 9.41
C THR C 401 35.90 -3.04 9.62
N GLN C 402 35.47 -2.19 8.67
CA GLN C 402 35.92 -0.81 8.77
C GLN C 402 34.98 0.17 8.08
N GLN C 403 35.16 1.43 8.40
CA GLN C 403 34.45 2.54 7.80
C GLN C 403 35.54 3.55 7.37
N ALA C 404 36.06 3.35 6.16
CA ALA C 404 37.17 4.22 5.75
C ALA C 404 37.23 4.33 4.24
N LYS C 405 37.53 5.54 3.74
CA LYS C 405 37.61 5.77 2.30
C LYS C 405 38.72 4.95 1.68
N ILE C 406 38.58 4.66 0.39
CA ILE C 406 39.63 3.95 -0.34
C ILE C 406 40.88 4.82 -0.37
N THR C 407 42.04 4.20 -0.43
CA THR C 407 43.29 4.96 -0.40
C THR C 407 43.73 5.57 -1.71
N ARG C 408 43.45 5.01 -2.90
CA ARG C 408 44.03 5.69 -4.09
C ARG C 408 42.85 6.47 -4.68
N GLU C 409 42.83 7.80 -4.56
CA GLU C 409 41.65 8.55 -5.02
C GLU C 409 41.83 9.14 -6.41
N GLN C 410 43.01 9.73 -6.67
CA GLN C 410 43.30 10.38 -7.96
C GLN C 410 42.05 11.09 -8.51
N ASN C 411 41.56 12.11 -7.81
CA ASN C 411 40.29 12.71 -8.19
C ASN C 411 40.30 13.69 -9.35
N PHE C 412 41.46 14.19 -9.79
CA PHE C 412 41.48 15.23 -10.83
C PHE C 412 42.08 14.84 -12.17
N LYS C 413 42.98 13.86 -12.19
CA LYS C 413 43.72 13.49 -13.38
C LYS C 413 42.84 13.15 -14.57
N GLN C 414 41.92 12.18 -14.43
CA GLN C 414 41.03 11.84 -15.54
C GLN C 414 40.09 12.98 -15.89
N ALA C 415 39.72 13.82 -14.93
CA ALA C 415 38.87 14.99 -15.23
C ALA C 415 39.61 15.92 -16.20
N GLY C 416 40.91 16.06 -16.01
CA GLY C 416 41.73 16.90 -16.87
C GLY C 416 41.94 16.26 -18.22
N ASP C 417 42.20 14.95 -18.29
CA ASP C 417 42.37 14.27 -19.57
C ASP C 417 41.12 14.43 -20.42
N LEU C 418 39.95 14.34 -19.77
CA LEU C 418 38.69 14.53 -20.46
C LEU C 418 38.55 15.93 -21.04
N TYR C 419 38.81 16.95 -20.24
CA TYR C 419 38.72 18.35 -20.65
C TYR C 419 39.56 18.61 -21.91
N ARG C 420 40.85 18.32 -21.77
CA ARG C 420 41.82 18.46 -22.85
C ARG C 420 41.55 17.61 -24.06
N SER C 421 40.69 16.60 -24.02
CA SER C 421 40.33 15.74 -25.12
C SER C 421 39.20 16.33 -25.97
N TYR C 422 38.59 17.40 -25.50
CA TYR C 422 37.50 18.07 -26.14
C TYR C 422 37.98 19.14 -27.14
N SER C 423 37.24 19.27 -28.23
CA SER C 423 37.49 20.27 -29.26
C SER C 423 37.28 21.65 -28.67
N ALA C 424 37.74 22.72 -29.35
CA ALA C 424 37.59 24.07 -28.80
C ALA C 424 36.14 24.48 -28.54
N LYS C 425 35.24 24.11 -29.45
CA LYS C 425 33.82 24.39 -29.35
C LYS C 425 33.22 23.57 -28.20
N GLU C 426 33.55 22.27 -28.16
CA GLU C 426 33.10 21.44 -27.04
C GLU C 426 33.56 22.05 -25.73
N LYS C 427 34.80 22.51 -25.58
CA LYS C 427 35.23 23.16 -24.36
C LYS C 427 34.48 24.44 -24.03
N THR C 428 34.17 25.24 -25.07
CA THR C 428 33.46 26.50 -24.85
C THR C 428 32.06 26.24 -24.26
N ASP C 429 31.36 25.30 -24.83
CA ASP C 429 30.01 24.94 -24.35
C ASP C 429 30.08 24.46 -22.91
N LEU C 430 31.02 23.55 -22.63
CA LEU C 430 31.20 23.06 -21.26
C LEU C 430 31.38 24.17 -20.24
N VAL C 431 32.35 25.06 -20.51
CA VAL C 431 32.71 26.16 -19.62
C VAL C 431 31.55 27.11 -19.34
N GLN C 432 30.72 27.35 -20.35
CA GLN C 432 29.59 28.27 -20.17
C GLN C 432 28.43 27.61 -19.43
N LYS C 433 28.21 26.34 -19.69
CA LYS C 433 27.09 25.63 -19.00
C LYS C 433 27.45 25.43 -17.54
N PHE C 434 28.68 24.96 -17.32
CA PHE C 434 29.09 24.76 -15.91
C PHE C 434 29.10 26.09 -15.21
N GLY C 435 29.75 27.11 -15.81
CA GLY C 435 29.85 28.41 -15.14
C GLY C 435 28.49 29.05 -14.89
N GLU C 436 27.53 28.95 -15.82
CA GLU C 436 26.22 29.53 -15.55
C GLU C 436 25.53 28.82 -14.40
N SER C 437 25.66 27.48 -14.37
CA SER C 437 25.06 26.71 -13.27
C SER C 437 25.70 27.03 -11.95
N LEU C 438 27.00 27.32 -11.89
CA LEU C 438 27.71 27.65 -10.66
C LEU C 438 27.59 29.05 -10.10
N ALA C 439 27.19 30.00 -10.94
CA ALA C 439 27.15 31.42 -10.67
C ALA C 439 26.58 31.90 -9.37
N ASP C 440 25.44 31.33 -8.93
CA ASP C 440 24.85 31.82 -7.68
C ASP C 440 25.08 30.91 -6.49
N THR C 441 26.05 29.98 -6.60
CA THR C 441 26.42 29.16 -5.43
C THR C 441 27.06 30.05 -4.40
N LEU C 442 26.98 29.70 -3.11
CA LEU C 442 27.61 30.45 -2.04
C LEU C 442 29.12 30.55 -2.39
N THR C 443 29.72 31.69 -2.05
CA THR C 443 31.11 31.94 -2.42
C THR C 443 32.11 30.87 -1.99
N GLU C 444 32.03 30.37 -0.78
CA GLU C 444 32.95 29.31 -0.31
C GLU C 444 32.82 28.07 -1.17
N SER C 445 31.63 27.49 -1.38
CA SER C 445 31.47 26.34 -2.26
C SER C 445 31.93 26.60 -3.68
N LYS C 446 31.53 27.77 -4.21
CA LYS C 446 31.88 28.12 -5.57
C LYS C 446 33.41 28.12 -5.72
N ASN C 447 34.16 28.77 -4.83
CA ASN C 447 35.62 28.79 -5.09
C ASN C 447 36.25 27.43 -4.82
N ILE C 448 35.63 26.60 -3.95
CA ILE C 448 36.13 25.23 -3.76
C ILE C 448 35.84 24.41 -4.99
N MET C 449 34.66 24.51 -5.59
CA MET C 449 34.34 23.79 -6.82
C MET C 449 35.35 24.10 -7.93
N LEU C 450 35.61 25.40 -8.04
CA LEU C 450 36.49 25.95 -9.06
C LEU C 450 37.92 25.46 -8.80
N SER C 451 38.30 25.31 -7.54
CA SER C 451 39.62 24.69 -7.28
C SER C 451 39.72 23.28 -7.81
N TYR C 452 38.63 22.47 -7.74
CA TYR C 452 38.75 21.11 -8.25
C TYR C 452 38.93 21.12 -9.74
N LEU C 453 38.20 22.05 -10.43
CA LEU C 453 38.31 22.16 -11.86
C LEU C 453 39.73 22.69 -12.20
N TYR C 454 40.19 23.63 -11.43
CA TYR C 454 41.54 24.21 -11.66
C TYR C 454 42.62 23.13 -11.53
N LYS C 455 42.50 22.31 -10.48
CA LYS C 455 43.40 21.18 -10.29
C LYS C 455 43.35 20.19 -11.44
N GLU C 456 42.17 19.95 -12.01
CA GLU C 456 42.04 19.10 -13.19
C GLU C 456 42.86 19.73 -14.34
N ASP C 457 42.52 20.96 -14.69
CA ASP C 457 43.19 21.66 -15.79
C ASP C 457 43.06 23.16 -15.54
N PRO C 458 44.19 23.84 -15.41
CA PRO C 458 44.27 25.26 -15.13
C PRO C 458 43.43 26.07 -16.10
N ASN C 459 43.35 25.71 -17.38
CA ASN C 459 42.51 26.47 -18.31
C ASN C 459 41.01 26.27 -17.98
N TYR C 460 40.66 25.04 -17.67
CA TYR C 460 39.26 24.69 -17.32
C TYR C 460 38.78 25.54 -16.17
N GLY C 461 39.52 25.50 -15.06
CA GLY C 461 39.18 26.20 -13.84
C GLY C 461 39.15 27.70 -14.02
N THR C 462 40.16 28.20 -14.77
CA THR C 462 40.22 29.63 -15.03
C THR C 462 39.03 30.11 -15.84
N ARG C 463 38.68 29.45 -16.93
CA ARG C 463 37.54 29.88 -17.71
C ARG C 463 36.20 29.75 -16.98
N VAL C 464 36.02 28.71 -16.14
CA VAL C 464 34.72 28.62 -15.42
C VAL C 464 34.66 29.65 -14.32
N ALA C 465 35.77 29.96 -13.66
CA ALA C 465 35.84 30.95 -12.61
C ALA C 465 35.40 32.35 -13.10
N GLU C 466 35.76 32.67 -14.33
CA GLU C 466 35.39 33.95 -14.94
C GLU C 466 33.89 33.99 -15.17
N VAL C 467 33.32 32.99 -15.85
CA VAL C 467 31.88 32.92 -16.10
C VAL C 467 31.09 32.90 -14.78
N ALA C 468 31.51 32.04 -13.86
CA ALA C 468 30.81 31.84 -12.60
C ALA C 468 31.08 32.94 -11.61
N LYS C 469 32.03 33.81 -11.89
CA LYS C 469 32.41 34.92 -11.03
C LYS C 469 33.00 34.51 -9.69
N GLY C 470 33.95 33.57 -9.73
CA GLY C 470 34.71 33.16 -8.55
C GLY C 470 36.00 33.98 -8.44
N ASP C 471 36.67 33.96 -7.29
CA ASP C 471 37.91 34.71 -7.09
C ASP C 471 39.12 33.91 -7.56
N LEU C 472 39.69 34.24 -8.72
CA LEU C 472 40.82 33.50 -9.27
C LEU C 472 41.97 33.26 -8.31
N SER C 473 42.38 34.19 -7.48
CA SER C 473 43.50 34.01 -6.57
C SER C 473 43.17 33.01 -5.47
N LYS C 474 41.93 33.05 -4.94
CA LYS C 474 41.52 32.07 -3.94
C LYS C 474 41.49 30.68 -4.56
N VAL C 475 41.01 30.51 -5.77
CA VAL C 475 41.00 29.22 -6.45
C VAL C 475 42.40 28.64 -6.58
N LYS C 476 43.34 29.49 -7.03
CA LYS C 476 44.72 29.02 -7.13
C LYS C 476 45.34 28.65 -5.80
N SER C 477 45.07 29.39 -4.71
CA SER C 477 45.68 28.96 -3.45
C SER C 477 45.03 27.67 -2.93
N LEU C 478 43.75 27.49 -3.18
CA LEU C 478 42.99 26.30 -2.80
C LEU C 478 43.52 25.07 -3.54
N ALA C 479 43.70 25.22 -4.83
CA ALA C 479 44.27 24.23 -5.70
C ALA C 479 45.69 23.88 -5.26
N ALA C 480 46.47 24.82 -4.72
CA ALA C 480 47.81 24.53 -4.27
C ALA C 480 47.85 23.44 -3.19
N SER C 481 46.83 23.35 -2.35
CA SER C 481 46.74 22.42 -1.24
C SER C 481 46.11 21.09 -1.61
N LEU C 482 45.57 20.95 -2.80
CA LEU C 482 44.96 19.71 -3.24
C LEU C 482 46.06 18.75 -3.71
N LYS C 483 45.85 17.46 -3.49
CA LYS C 483 46.79 16.44 -3.92
C LYS C 483 46.29 15.77 -5.20
N ASP C 484 47.20 15.55 -6.14
CA ASP C 484 46.88 14.97 -7.44
C ASP C 484 45.99 13.75 -7.38
N THR D 1 -23.35 17.33 25.41
CA THR D 1 -22.05 16.75 24.96
C THR D 1 -21.60 17.30 23.62
N ASP D 2 -20.31 17.32 23.29
CA ASP D 2 -19.84 17.78 22.03
C ASP D 2 -20.45 17.02 20.83
N THR D 3 -20.81 17.80 19.82
CA THR D 3 -21.45 17.26 18.63
C THR D 3 -20.55 16.31 17.89
N LEU D 4 -21.19 15.26 17.33
CA LEU D 4 -20.44 14.33 16.48
C LEU D 4 -20.01 15.09 15.23
N THR D 5 -18.79 14.85 14.71
CA THR D 5 -18.36 15.53 13.49
C THR D 5 -17.88 14.56 12.40
N ARG D 6 -17.66 15.09 11.21
CA ARG D 6 -17.01 14.35 10.13
C ARG D 6 -15.52 14.64 10.28
N ASP D 7 -14.67 14.01 9.47
CA ASP D 7 -13.22 14.15 9.65
C ASP D 7 -12.73 15.54 9.25
N ASN D 8 -13.53 16.37 8.54
CA ASN D 8 -13.14 17.73 8.22
C ASN D 8 -13.61 18.71 9.31
N GLY D 9 -14.22 18.23 10.37
CA GLY D 9 -14.66 19.01 11.51
C GLY D 9 -16.16 19.35 11.43
N ALA D 10 -16.78 19.17 10.29
CA ALA D 10 -18.18 19.60 10.14
C ALA D 10 -19.11 18.72 10.96
N VAL D 11 -20.02 19.41 11.69
CA VAL D 11 -20.98 18.66 12.50
C VAL D 11 -21.91 17.80 11.65
N VAL D 12 -22.33 16.70 12.26
CA VAL D 12 -23.25 15.75 11.56
C VAL D 12 -24.68 16.03 11.98
N GLY D 13 -25.65 15.95 11.05
CA GLY D 13 -27.03 16.24 11.49
C GLY D 13 -27.83 15.00 11.85
N ASP D 14 -27.53 13.84 11.30
CA ASP D 14 -28.28 12.61 11.60
C ASP D 14 -27.28 11.45 11.46
N ASN D 15 -26.96 10.77 12.54
CA ASN D 15 -26.02 9.62 12.46
C ASN D 15 -26.74 8.28 12.52
N GLN D 16 -28.09 8.29 12.46
CA GLN D 16 -28.87 7.10 12.53
C GLN D 16 -29.53 6.66 11.23
N ASN D 17 -29.71 7.59 10.30
CA ASN D 17 -30.38 7.31 9.03
C ASN D 17 -29.52 7.77 7.85
N SER D 18 -29.44 6.92 6.80
CA SER D 18 -28.75 7.34 5.60
C SER D 18 -29.71 8.27 4.83
N GLN D 19 -29.17 9.18 4.04
CA GLN D 19 -30.06 10.03 3.21
C GLN D 19 -30.62 9.22 2.04
N THR D 20 -31.96 9.16 1.86
CA THR D 20 -32.62 8.39 0.82
C THR D 20 -33.47 9.29 -0.08
N ALA D 21 -33.78 8.80 -1.26
CA ALA D 21 -34.63 9.46 -2.25
C ALA D 21 -36.09 9.03 -1.94
N GLY D 22 -36.62 9.64 -0.92
CA GLY D 22 -37.94 9.36 -0.37
C GLY D 22 -37.90 8.28 0.71
N ALA D 23 -39.03 8.04 1.35
CA ALA D 23 -39.13 7.05 2.43
C ALA D 23 -38.83 5.64 1.96
N GLN D 24 -39.26 5.27 0.78
CA GLN D 24 -39.08 3.94 0.23
C GLN D 24 -38.04 3.93 -0.89
N GLY D 25 -37.20 4.96 -0.97
CA GLY D 25 -36.24 5.01 -2.07
C GLY D 25 -34.82 4.59 -1.67
N PRO D 26 -33.97 4.54 -2.65
CA PRO D 26 -32.56 4.18 -2.56
C PRO D 26 -31.75 5.26 -1.86
N VAL D 27 -30.54 4.88 -1.44
CA VAL D 27 -29.62 5.76 -0.76
C VAL D 27 -28.87 6.62 -1.78
N LEU D 28 -28.65 7.87 -1.41
CA LEU D 28 -27.96 8.79 -2.33
C LEU D 28 -26.44 8.70 -2.23
N LEU D 29 -25.78 8.84 -3.36
CA LEU D 29 -24.30 8.87 -3.35
C LEU D 29 -23.77 10.07 -2.60
N GLN D 30 -24.49 11.21 -2.53
CA GLN D 30 -24.02 12.41 -1.90
C GLN D 30 -24.05 12.41 -0.38
N ASP D 31 -24.44 11.32 0.28
CA ASP D 31 -24.40 11.29 1.75
C ASP D 31 -22.94 11.10 2.16
N VAL D 32 -22.28 12.22 2.43
CA VAL D 32 -20.85 12.21 2.72
C VAL D 32 -20.50 11.60 4.07
N GLN D 33 -21.44 11.62 5.02
CA GLN D 33 -21.20 11.04 6.32
C GLN D 33 -21.24 9.51 6.13
N LEU D 34 -22.24 9.02 5.37
CA LEU D 34 -22.25 7.57 5.16
C LEU D 34 -20.93 7.13 4.50
N LEU D 35 -20.59 7.74 3.36
CA LEU D 35 -19.41 7.37 2.61
C LEU D 35 -18.16 7.44 3.45
N GLN D 36 -17.98 8.53 4.22
CA GLN D 36 -16.76 8.62 4.99
C GLN D 36 -16.66 7.62 6.13
N LYS D 37 -17.73 7.38 6.88
CA LYS D 37 -17.72 6.37 7.92
C LYS D 37 -17.45 4.98 7.35
N LEU D 38 -17.99 4.67 6.17
CA LEU D 38 -17.69 3.37 5.56
C LEU D 38 -16.28 3.30 4.97
N GLN D 39 -15.80 4.32 4.29
CA GLN D 39 -14.40 4.21 3.80
C GLN D 39 -13.38 4.12 4.92
N ARG D 40 -13.56 4.89 6.03
CA ARG D 40 -12.64 4.66 7.13
C ARG D 40 -12.72 3.25 7.70
N PHE D 41 -13.96 2.76 7.96
CA PHE D 41 -14.18 1.42 8.50
C PHE D 41 -13.54 0.34 7.65
N ASP D 42 -13.77 0.51 6.32
CA ASP D 42 -13.27 -0.40 5.32
C ASP D 42 -11.72 -0.44 5.26
N ARG D 43 -11.04 0.51 5.95
CA ARG D 43 -9.57 0.53 5.92
C ARG D 43 -8.91 0.42 7.30
N GLU D 44 -9.60 -0.03 8.34
CA GLU D 44 -9.05 -0.06 9.68
C GLU D 44 -7.90 -1.06 9.84
N ARG D 45 -7.98 -2.18 9.11
CA ARG D 45 -6.93 -3.20 9.33
C ARG D 45 -5.63 -3.01 8.57
N ILE D 46 -4.52 -3.40 9.19
CA ILE D 46 -3.18 -3.40 8.53
C ILE D 46 -2.69 -4.84 8.61
N PRO D 47 -1.64 -5.21 7.88
CA PRO D 47 -1.18 -6.62 7.91
C PRO D 47 -0.76 -7.02 9.30
N GLU D 48 -1.07 -8.27 9.70
CA GLU D 48 -0.58 -8.67 11.06
C GLU D 48 0.92 -8.94 10.90
N ARG D 49 1.64 -9.00 12.02
CA ARG D 49 3.05 -9.39 11.91
C ARG D 49 3.11 -10.79 11.23
N VAL D 50 4.17 -10.99 10.46
CA VAL D 50 4.32 -12.29 9.78
C VAL D 50 4.59 -13.42 10.74
N VAL D 51 5.13 -13.15 11.94
CA VAL D 51 5.27 -14.06 13.07
C VAL D 51 5.03 -13.26 14.37
N HIS D 52 4.62 -13.88 15.45
CA HIS D 52 4.30 -13.15 16.69
C HIS D 52 3.14 -12.17 16.53
N ALA D 53 2.12 -12.57 15.75
CA ALA D 53 0.98 -11.71 15.48
C ALA D 53 0.12 -11.55 16.74
N ARG D 54 0.08 -12.57 17.57
CA ARG D 54 -0.79 -12.53 18.78
C ARG D 54 0.05 -11.93 19.93
N GLY D 55 -0.32 -10.76 20.38
CA GLY D 55 0.56 -10.12 21.40
C GLY D 55 -0.21 -9.22 22.35
N THR D 56 0.48 -8.89 23.44
CA THR D 56 0.02 -8.01 24.51
C THR D 56 1.12 -6.98 24.84
N GLY D 57 0.76 -5.69 24.91
CA GLY D 57 1.76 -4.65 25.18
C GLY D 57 1.47 -4.00 26.55
N VAL D 58 2.55 -3.63 27.22
CA VAL D 58 2.46 -2.91 28.53
C VAL D 58 3.66 -1.97 28.60
N LYS D 59 3.57 -1.05 29.58
CA LYS D 59 4.65 -0.06 29.72
C LYS D 59 5.24 -0.15 31.14
N GLY D 60 6.48 0.32 31.28
CA GLY D 60 7.06 0.26 32.63
C GLY D 60 8.38 1.07 32.55
N GLU D 61 9.31 0.65 33.42
CA GLU D 61 10.57 1.35 33.49
C GLU D 61 11.67 0.32 33.87
N PHE D 62 12.86 0.66 33.39
CA PHE D 62 14.03 -0.16 33.76
C PHE D 62 15.04 0.73 34.52
N THR D 63 15.60 0.21 35.58
CA THR D 63 16.62 1.00 36.31
C THR D 63 17.90 0.17 36.39
N ALA D 64 18.99 0.71 35.89
CA ALA D 64 20.28 0.04 35.92
C ALA D 64 20.87 0.10 37.32
N SER D 65 21.67 -0.90 37.64
CA SER D 65 22.17 -0.95 39.04
C SER D 65 23.63 -1.38 39.17
N ALA D 66 24.40 -1.45 38.12
CA ALA D 66 25.79 -1.90 38.26
C ALA D 66 26.74 -1.03 37.47
N ASP D 67 28.03 -1.29 37.69
CA ASP D 67 29.05 -0.56 36.94
C ASP D 67 29.54 -1.50 35.85
N ILE D 68 28.99 -1.29 34.66
CA ILE D 68 29.46 -2.11 33.55
C ILE D 68 30.07 -1.18 32.51
N SER D 69 30.66 -0.08 32.94
CA SER D 69 31.32 0.87 32.03
C SER D 69 32.49 0.27 31.27
N ASP D 70 33.14 -0.70 31.85
CA ASP D 70 34.18 -1.53 31.32
C ASP D 70 33.69 -2.44 30.22
N LEU D 71 32.39 -2.73 30.15
CA LEU D 71 31.75 -3.53 29.12
C LEU D 71 31.07 -2.67 28.04
N SER D 72 30.29 -1.67 28.47
CA SER D 72 29.57 -0.88 27.45
C SER D 72 29.50 0.60 27.80
N LYS D 73 29.56 1.44 26.79
CA LYS D 73 29.44 2.89 27.05
C LYS D 73 27.99 3.38 27.00
N ALA D 74 27.05 2.46 26.76
CA ALA D 74 25.65 2.90 26.62
C ALA D 74 25.07 3.42 27.93
N THR D 75 24.38 4.58 27.83
CA THR D 75 23.78 5.25 28.99
C THR D 75 22.69 4.46 29.67
N VAL D 76 22.00 3.58 28.93
CA VAL D 76 20.99 2.72 29.58
C VAL D 76 21.52 1.86 30.72
N PHE D 77 22.80 1.47 30.72
CA PHE D 77 23.43 0.63 31.70
C PHE D 77 24.11 1.44 32.85
N LYS D 78 24.06 2.76 32.78
CA LYS D 78 24.73 3.54 33.86
C LYS D 78 24.00 3.43 35.18
N SER D 79 24.68 3.07 36.26
CA SER D 79 23.97 2.87 37.53
C SER D 79 23.09 4.06 37.91
N GLY D 80 21.86 3.72 38.25
CA GLY D 80 20.80 4.63 38.65
C GLY D 80 20.03 5.19 37.44
N GLU D 81 20.46 4.93 36.20
CA GLU D 81 19.72 5.53 35.06
C GLU D 81 18.38 4.79 34.98
N LYS D 82 17.31 5.57 34.90
CA LYS D 82 15.96 5.03 34.78
C LYS D 82 15.49 5.36 33.38
N THR D 83 15.18 4.33 32.61
CA THR D 83 14.76 4.46 31.21
C THR D 83 13.34 3.86 31.09
N PRO D 84 12.41 4.56 30.49
CA PRO D 84 11.07 4.05 30.28
C PRO D 84 11.17 2.93 29.24
N VAL D 85 10.25 2.00 29.32
CA VAL D 85 10.18 0.89 28.36
C VAL D 85 8.78 0.62 27.84
N PHE D 86 8.70 -0.15 26.74
CA PHE D 86 7.44 -0.61 26.20
C PHE D 86 7.76 -2.13 25.98
N VAL D 87 6.98 -2.99 26.53
CA VAL D 87 7.21 -4.43 26.35
C VAL D 87 6.04 -5.06 25.56
N ARG D 88 6.39 -5.90 24.58
CA ARG D 88 5.31 -6.61 23.86
C ARG D 88 5.64 -8.11 24.05
N PHE D 89 4.67 -8.82 24.64
CA PHE D 89 4.83 -10.25 24.86
C PHE D 89 4.04 -10.96 23.74
N SER D 90 4.35 -12.21 23.39
CA SER D 90 3.54 -12.69 22.26
C SER D 90 3.71 -14.21 22.08
N SER D 91 2.85 -14.84 21.30
CA SER D 91 3.12 -16.25 20.92
C SER D 91 3.76 -16.14 19.54
N VAL D 92 4.00 -17.22 18.79
CA VAL D 92 4.78 -17.11 17.56
C VAL D 92 4.03 -17.46 16.29
N VAL D 93 3.50 -18.68 16.24
CA VAL D 93 2.94 -19.13 14.95
C VAL D 93 1.60 -18.61 14.55
N HIS D 94 0.59 -18.64 15.41
CA HIS D 94 -0.77 -18.41 14.96
C HIS D 94 -1.16 -16.94 14.85
N GLY D 95 -2.31 -16.74 14.24
N GLY D 95 -2.30 -16.66 14.23
CA GLY D 95 -2.86 -15.42 13.99
CA GLY D 95 -2.72 -15.29 14.01
C GLY D 95 -3.12 -14.60 15.23
C GLY D 95 -3.31 -14.56 15.19
N ASN D 96 -3.71 -13.41 15.02
N ASN D 96 -3.80 -13.33 14.92
CA ASN D 96 -3.85 -12.49 16.14
CA ASN D 96 -4.35 -12.61 16.09
C ASN D 96 -4.91 -12.76 17.19
C ASN D 96 -5.67 -13.25 16.45
N HIS D 97 -5.95 -13.57 17.03
N HIS D 97 -5.93 -13.25 17.76
CA HIS D 97 -6.89 -13.90 18.06
CA HIS D 97 -7.01 -13.91 18.42
C HIS D 97 -6.87 -15.43 18.35
N SER D 98 -5.69 -15.97 18.11
CA SER D 98 -5.47 -17.42 18.37
C SER D 98 -5.35 -17.63 19.87
N PRO D 99 -5.81 -18.77 20.35
CA PRO D 99 -5.77 -19.13 21.75
C PRO D 99 -4.35 -18.97 22.26
N GLU D 100 -4.21 -18.34 23.45
CA GLU D 100 -2.91 -18.13 24.05
C GLU D 100 -2.39 -19.39 24.71
N THR D 101 -3.23 -20.41 24.73
CA THR D 101 -2.88 -21.73 25.24
C THR D 101 -2.16 -22.57 24.19
N LEU D 102 -2.06 -22.13 22.94
CA LEU D 102 -1.38 -22.98 21.92
C LEU D 102 0.11 -23.08 22.23
N ARG D 103 0.66 -24.29 22.05
CA ARG D 103 2.07 -24.52 22.30
C ARG D 103 2.98 -23.74 21.38
N ASP D 104 3.95 -23.03 21.95
CA ASP D 104 4.86 -22.18 21.17
C ASP D 104 5.88 -21.55 22.09
N PRO D 105 6.99 -21.03 21.54
CA PRO D 105 7.88 -20.21 22.31
C PRO D 105 7.09 -18.91 22.53
N HIS D 106 7.42 -18.07 23.52
CA HIS D 106 6.69 -16.81 23.66
C HIS D 106 7.71 -15.67 23.55
N GLY D 107 7.32 -14.58 22.85
CA GLY D 107 8.21 -13.44 22.65
C GLY D 107 8.20 -12.51 23.87
N PHE D 108 9.30 -11.83 24.02
CA PHE D 108 9.51 -10.91 25.18
C PHE D 108 10.41 -9.81 24.62
N ALA D 109 9.80 -8.81 23.99
CA ALA D 109 10.50 -7.74 23.30
C ALA D 109 10.41 -6.44 24.11
N THR D 110 11.56 -5.82 24.38
CA THR D 110 11.58 -4.61 25.23
C THR D 110 12.16 -3.46 24.43
N LYS D 111 11.41 -2.38 24.29
CA LYS D 111 11.87 -1.19 23.63
C LYS D 111 12.36 -0.25 24.77
N PHE D 112 13.67 0.00 24.80
CA PHE D 112 14.13 0.91 25.85
C PHE D 112 14.17 2.30 25.23
N TYR D 113 13.49 3.29 25.79
CA TYR D 113 13.56 4.65 25.26
C TYR D 113 14.74 5.37 25.95
N THR D 114 15.94 5.03 25.51
CA THR D 114 17.13 5.53 26.23
C THR D 114 17.51 6.95 25.86
N ALA D 115 18.45 7.48 26.69
CA ALA D 115 18.88 8.87 26.45
C ALA D 115 19.81 8.95 25.27
N ASP D 116 20.27 7.86 24.67
CA ASP D 116 21.09 7.81 23.49
C ASP D 116 20.24 7.35 22.28
N GLY D 117 18.96 7.14 22.46
CA GLY D 117 18.14 6.66 21.32
C GLY D 117 17.39 5.38 21.76
N ASN D 118 16.54 4.87 20.83
CA ASN D 118 15.79 3.67 21.23
C ASN D 118 16.60 2.42 20.96
N TRP D 119 16.73 1.58 21.97
CA TRP D 119 17.35 0.27 21.86
C TRP D 119 16.25 -0.79 22.09
N ASP D 120 16.18 -1.72 21.11
CA ASP D 120 15.25 -2.84 21.31
C ASP D 120 15.98 -4.14 21.64
N LEU D 121 15.50 -4.82 22.64
CA LEU D 121 16.07 -6.14 23.02
C LEU D 121 14.90 -7.12 22.76
N VAL D 122 15.03 -7.74 21.57
CA VAL D 122 13.91 -8.57 21.11
C VAL D 122 14.22 -10.03 21.40
N GLY D 123 13.67 -10.52 22.48
CA GLY D 123 13.98 -11.84 23.02
C GLY D 123 12.79 -12.76 23.05
N ASN D 124 13.00 -13.93 23.67
CA ASN D 124 11.99 -14.93 23.85
C ASN D 124 12.19 -15.59 25.22
N ASN D 125 11.19 -16.31 25.70
CA ASN D 125 11.31 -17.07 26.91
C ASN D 125 12.34 -18.16 26.71
N PHE D 126 12.42 -18.87 25.58
CA PHE D 126 13.44 -19.88 25.38
C PHE D 126 14.81 -19.25 25.14
N PRO D 127 15.85 -19.76 25.76
CA PRO D 127 17.21 -19.16 25.61
C PRO D 127 17.91 -19.61 24.37
N THR D 128 17.34 -20.61 23.64
CA THR D 128 17.98 -21.06 22.41
C THR D 128 16.92 -21.08 21.32
N PHE D 129 17.39 -21.13 20.08
CA PHE D 129 16.46 -21.16 18.94
C PHE D 129 16.61 -22.45 18.14
N PHE D 130 15.74 -22.70 17.18
CA PHE D 130 15.72 -23.98 16.46
C PHE D 130 16.72 -24.04 15.30
N ILE D 131 17.17 -22.94 14.78
CA ILE D 131 18.12 -22.91 13.67
C ILE D 131 19.25 -21.95 13.99
N ARG D 132 20.30 -22.00 13.16
CA ARG D 132 21.44 -21.13 13.47
C ARG D 132 21.81 -20.22 12.32
N ASP D 133 21.02 -20.11 11.25
CA ASP D 133 21.40 -19.25 10.12
C ASP D 133 20.11 -18.62 9.64
N ALA D 134 20.01 -17.31 9.49
CA ALA D 134 18.77 -16.66 9.09
C ALA D 134 18.27 -17.00 7.69
N ILE D 135 19.12 -17.57 6.86
CA ILE D 135 18.72 -18.00 5.51
C ILE D 135 17.68 -19.11 5.58
N LYS D 136 17.57 -19.85 6.67
CA LYS D 136 16.54 -20.85 6.87
C LYS D 136 15.29 -20.35 7.59
N PHE D 137 15.24 -19.07 8.05
CA PHE D 137 14.04 -18.68 8.81
C PHE D 137 12.75 -18.77 8.04
N PRO D 138 12.66 -18.33 6.80
CA PRO D 138 11.43 -18.42 6.00
C PRO D 138 11.04 -19.90 5.88
N ASP D 139 11.99 -20.82 5.65
CA ASP D 139 11.72 -22.26 5.55
C ASP D 139 11.14 -22.81 6.80
N MET D 140 11.79 -22.46 7.95
CA MET D 140 11.37 -22.92 9.25
C MET D 140 9.98 -22.45 9.58
N VAL D 141 9.71 -21.15 9.45
CA VAL D 141 8.39 -20.62 9.73
C VAL D 141 7.34 -21.31 8.79
N HIS D 142 7.63 -21.41 7.50
CA HIS D 142 6.67 -22.10 6.62
C HIS D 142 6.40 -23.51 7.11
N ALA D 143 7.40 -24.29 7.54
CA ALA D 143 7.14 -25.62 8.06
C ALA D 143 6.36 -25.63 9.35
N PHE D 144 6.61 -24.69 10.28
CA PHE D 144 5.85 -24.61 11.52
C PHE D 144 4.43 -24.14 11.40
N LYS D 145 4.17 -23.17 10.51
CA LYS D 145 2.81 -22.63 10.33
C LYS D 145 1.80 -23.65 9.81
N PRO D 146 0.53 -23.39 9.91
CA PRO D 146 -0.52 -24.27 9.39
C PRO D 146 -0.26 -24.61 7.94
N ASP D 147 -0.77 -25.74 7.52
CA ASP D 147 -0.57 -26.23 6.13
C ASP D 147 -1.13 -25.22 5.16
N PRO D 148 -0.44 -24.86 4.10
CA PRO D 148 -0.84 -23.85 3.13
C PRO D 148 -2.05 -24.27 2.32
N ARG D 149 -2.33 -25.58 2.30
CA ARG D 149 -3.53 -26.02 1.56
C ARG D 149 -4.78 -25.81 2.40
N THR D 150 -4.72 -25.83 3.72
CA THR D 150 -5.94 -25.86 4.53
C THR D 150 -6.06 -24.87 5.67
N ASN D 151 -4.98 -24.26 6.06
CA ASN D 151 -4.99 -23.40 7.28
C ASN D 151 -5.23 -24.24 8.51
N LEU D 152 -4.89 -25.53 8.53
CA LEU D 152 -4.97 -26.38 9.69
C LEU D 152 -3.56 -26.85 10.09
N ASP D 153 -3.38 -27.09 11.39
CA ASP D 153 -2.08 -27.55 11.89
C ASP D 153 -1.86 -28.95 11.32
N ASN D 154 -0.65 -29.21 10.89
CA ASN D 154 -0.22 -30.47 10.30
C ASN D 154 1.27 -30.62 10.65
N ASP D 155 1.50 -31.13 11.85
CA ASP D 155 2.88 -31.30 12.33
C ASP D 155 3.76 -32.22 11.54
N SER D 156 3.23 -33.05 10.61
CA SER D 156 4.15 -33.83 9.76
C SER D 156 5.07 -32.94 8.93
N ARG D 157 4.63 -31.71 8.63
CA ARG D 157 5.43 -30.78 7.86
C ARG D 157 6.63 -30.26 8.63
N ARG D 158 6.50 -29.87 9.90
CA ARG D 158 7.71 -29.39 10.61
C ARG D 158 8.73 -30.50 10.82
N PHE D 159 8.25 -31.76 10.90
CA PHE D 159 9.21 -32.86 11.10
C PHE D 159 9.88 -33.32 9.83
N ASP D 160 9.25 -33.13 8.67
CA ASP D 160 9.92 -33.28 7.38
C ASP D 160 11.04 -32.25 7.36
N PHE D 161 10.80 -30.95 7.62
CA PHE D 161 11.92 -30.02 7.60
C PHE D 161 12.97 -30.35 8.67
N PHE D 162 12.54 -30.50 9.91
CA PHE D 162 13.46 -30.66 11.05
C PHE D 162 14.23 -31.96 11.00
N SER D 163 13.85 -32.99 10.20
CA SER D 163 14.66 -34.17 10.09
C SER D 163 15.96 -33.81 9.39
N HIS D 164 16.10 -32.68 8.72
CA HIS D 164 17.34 -32.25 8.10
C HIS D 164 18.13 -31.31 9.01
N VAL D 165 17.56 -31.03 10.19
CA VAL D 165 18.09 -29.97 11.08
C VAL D 165 18.32 -30.48 12.49
N PRO D 166 19.40 -31.24 12.70
CA PRO D 166 19.76 -31.82 14.00
C PRO D 166 20.01 -30.75 15.04
N GLU D 167 20.40 -29.55 14.60
CA GLU D 167 20.64 -28.43 15.57
C GLU D 167 19.36 -28.00 16.26
N ALA D 168 18.16 -28.31 15.76
CA ALA D 168 16.91 -27.95 16.42
C ALA D 168 16.59 -28.78 17.64
N THR D 169 17.40 -29.81 17.92
CA THR D 169 17.03 -30.80 18.92
C THR D 169 16.85 -30.16 20.29
N ARG D 170 17.74 -29.30 20.73
CA ARG D 170 17.58 -28.68 22.07
C ARG D 170 16.31 -27.83 22.16
N THR D 171 16.04 -26.97 21.16
CA THR D 171 14.87 -26.08 21.30
C THR D 171 13.56 -26.81 21.10
N LEU D 172 13.52 -27.89 20.30
CA LEU D 172 12.28 -28.67 20.22
C LEU D 172 12.02 -29.34 21.55
N THR D 173 13.07 -29.70 22.28
CA THR D 173 12.90 -30.21 23.65
C THR D 173 12.22 -29.17 24.55
N LEU D 174 12.56 -27.89 24.48
CA LEU D 174 11.80 -26.83 25.18
C LEU D 174 10.39 -26.74 24.67
N LEU D 175 10.19 -26.65 23.34
CA LEU D 175 8.85 -26.47 22.81
C LEU D 175 7.85 -27.50 23.30
N TYR D 176 8.26 -28.78 23.32
CA TYR D 176 7.29 -29.84 23.66
C TYR D 176 7.23 -30.12 25.14
N SER D 177 8.11 -29.47 25.91
CA SER D 177 8.00 -29.53 27.37
C SER D 177 6.85 -28.61 27.82
N ASN D 178 6.56 -28.53 29.12
CA ASN D 178 5.52 -27.62 29.63
C ASN D 178 6.00 -26.16 29.57
N GLU D 179 7.27 -25.92 29.21
CA GLU D 179 7.70 -24.54 29.01
C GLU D 179 7.00 -23.96 27.77
N GLY D 180 6.48 -24.82 26.91
CA GLY D 180 5.74 -24.39 25.75
C GLY D 180 4.38 -23.82 26.04
N THR D 181 3.82 -23.99 27.26
CA THR D 181 2.51 -23.49 27.62
C THR D 181 2.53 -22.81 28.98
N PRO D 182 2.99 -21.58 29.04
CA PRO D 182 3.07 -20.82 30.29
C PRO D 182 1.71 -20.53 30.89
N ALA D 183 1.68 -20.33 32.21
CA ALA D 183 0.50 -19.92 32.96
C ALA D 183 0.33 -18.39 32.87
N GLY D 184 1.36 -17.61 32.55
CA GLY D 184 1.17 -16.15 32.40
C GLY D 184 2.51 -15.60 31.87
N TYR D 185 2.52 -14.47 31.19
CA TYR D 185 3.80 -13.87 30.79
C TYR D 185 4.57 -13.36 32.05
N ARG D 186 3.85 -13.13 33.16
CA ARG D 186 4.53 -12.72 34.40
C ARG D 186 5.32 -13.89 34.98
N PHE D 187 5.09 -15.14 34.58
CA PHE D 187 5.69 -16.30 35.15
C PHE D 187 6.63 -17.01 34.16
N MET D 188 7.35 -16.19 33.38
CA MET D 188 8.30 -16.76 32.43
C MET D 188 9.50 -15.83 32.41
N ASP D 189 10.65 -16.40 32.05
CA ASP D 189 11.86 -15.58 31.95
C ASP D 189 11.90 -15.04 30.52
N GLY D 190 12.93 -14.22 30.27
CA GLY D 190 13.19 -13.68 28.93
C GLY D 190 14.67 -13.84 28.66
N ASN D 191 15.05 -14.04 27.38
CA ASN D 191 16.44 -14.23 27.01
C ASN D 191 16.68 -13.53 25.69
N GLY D 192 17.88 -12.99 25.52
CA GLY D 192 18.20 -12.32 24.28
C GLY D 192 18.46 -13.37 23.19
N VAL D 193 18.79 -14.58 23.63
CA VAL D 193 19.23 -15.71 22.83
C VAL D 193 20.68 -15.49 22.34
N HIS D 194 20.89 -14.55 21.44
CA HIS D 194 22.24 -14.35 20.94
C HIS D 194 23.19 -13.68 21.92
N ALA D 195 24.46 -13.79 21.54
CA ALA D 195 25.49 -12.95 22.15
C ALA D 195 25.40 -11.64 21.35
N TYR D 196 25.37 -10.53 22.08
CA TYR D 196 25.45 -9.20 21.52
C TYR D 196 26.88 -8.72 21.80
N LYS D 197 27.32 -7.74 21.07
CA LYS D 197 28.67 -7.21 21.22
C LYS D 197 28.62 -5.87 21.96
N LEU D 198 29.06 -5.83 23.20
CA LEU D 198 29.08 -4.55 23.95
C LEU D 198 30.42 -3.83 23.68
N VAL D 199 30.35 -2.53 23.48
CA VAL D 199 31.61 -1.83 23.15
C VAL D 199 31.82 -0.68 24.10
N ASN D 200 33.01 -0.65 24.74
CA ASN D 200 33.27 0.37 25.75
C ASN D 200 33.86 1.65 25.14
N ALA D 201 34.16 2.63 26.01
CA ALA D 201 34.65 3.93 25.55
C ALA D 201 36.05 3.85 24.96
N LYS D 202 36.81 2.80 25.26
CA LYS D 202 38.10 2.57 24.61
C LYS D 202 38.01 1.78 23.33
N GLY D 203 36.81 1.37 22.88
CA GLY D 203 36.65 0.64 21.63
C GLY D 203 36.81 -0.87 21.72
N GLU D 204 36.99 -1.40 22.90
CA GLU D 204 37.17 -2.78 23.25
C GLU D 204 35.77 -3.45 23.29
N VAL D 205 35.78 -4.70 22.89
CA VAL D 205 34.50 -5.42 22.80
C VAL D 205 34.39 -6.55 23.77
N HIS D 206 33.15 -6.83 24.21
CA HIS D 206 32.84 -8.01 24.99
C HIS D 206 31.63 -8.71 24.33
N TYR D 207 31.57 -10.05 24.39
CA TYR D 207 30.39 -10.71 23.83
C TYR D 207 29.51 -11.03 25.03
N VAL D 208 28.23 -10.64 24.99
CA VAL D 208 27.39 -10.76 26.18
C VAL D 208 26.04 -11.35 25.93
N LYS D 209 25.52 -12.17 26.80
CA LYS D 209 24.16 -12.70 26.68
C LYS D 209 23.27 -12.09 27.75
N PHE D 210 22.00 -11.82 27.45
CA PHE D 210 21.12 -11.14 28.40
C PHE D 210 20.02 -12.07 28.87
N HIS D 211 19.68 -12.04 30.13
CA HIS D 211 18.61 -12.88 30.68
C HIS D 211 17.72 -12.07 31.59
N TRP D 212 16.41 -12.11 31.38
CA TRP D 212 15.46 -11.48 32.28
C TRP D 212 15.02 -12.59 33.25
N LYS D 213 15.26 -12.45 34.54
CA LYS D 213 14.86 -13.43 35.55
C LYS D 213 13.56 -12.98 36.19
N SER D 214 12.52 -13.78 36.03
CA SER D 214 11.23 -13.42 36.61
C SER D 214 11.32 -13.38 38.14
N LEU D 215 10.94 -12.26 38.73
CA LEU D 215 10.85 -12.23 40.19
C LEU D 215 9.50 -12.79 40.65
N GLN D 216 8.61 -13.22 39.76
CA GLN D 216 7.36 -13.88 40.14
C GLN D 216 7.51 -15.40 40.17
N GLY D 217 8.60 -15.94 39.71
CA GLY D 217 8.93 -17.34 39.55
C GLY D 217 8.46 -17.88 38.18
N ILE D 218 8.70 -19.15 37.91
CA ILE D 218 8.24 -19.77 36.66
C ILE D 218 7.00 -20.58 36.93
N LYS D 219 5.96 -20.42 36.12
CA LYS D 219 4.76 -21.23 36.29
C LYS D 219 4.25 -21.68 34.91
N ASN D 220 4.20 -22.96 34.69
CA ASN D 220 3.66 -23.48 33.43
C ASN D 220 2.39 -24.30 33.61
N LEU D 221 1.64 -24.47 32.50
CA LEU D 221 0.49 -25.34 32.51
C LEU D 221 0.88 -26.73 31.98
N ASP D 222 0.27 -27.79 32.51
CA ASP D 222 0.54 -29.15 31.98
C ASP D 222 -0.56 -29.41 30.98
N PRO D 223 -0.49 -30.41 30.14
CA PRO D 223 -1.46 -30.58 29.05
C PRO D 223 -2.91 -30.67 29.45
N LYS D 224 -3.19 -31.27 30.61
CA LYS D 224 -4.59 -31.30 31.10
C LYS D 224 -5.03 -29.93 31.60
N GLU D 225 -4.13 -29.15 32.18
CA GLU D 225 -4.45 -27.80 32.61
C GLU D 225 -4.64 -26.89 31.39
N VAL D 226 -3.81 -27.14 30.37
CA VAL D 226 -3.98 -26.36 29.15
C VAL D 226 -5.41 -26.53 28.61
N ALA D 227 -5.90 -27.76 28.52
CA ALA D 227 -7.24 -28.04 27.99
C ALA D 227 -8.34 -27.42 28.83
N GLN D 228 -8.22 -27.43 30.15
CA GLN D 228 -9.18 -26.79 31.06
C GLN D 228 -9.24 -25.30 30.86
N VAL D 229 -8.07 -24.64 30.78
CA VAL D 229 -8.03 -23.18 30.54
C VAL D 229 -8.61 -22.88 29.16
N GLN D 230 -8.15 -23.54 28.11
CA GLN D 230 -8.59 -23.31 26.76
C GLN D 230 -10.11 -23.47 26.62
N SER D 231 -10.72 -24.31 27.43
CA SER D 231 -12.17 -24.51 27.31
C SER D 231 -12.99 -23.25 27.54
N LYS D 232 -12.53 -22.33 28.39
CA LYS D 232 -13.27 -21.11 28.67
C LYS D 232 -12.50 -19.81 28.37
N ASP D 233 -11.19 -19.88 28.14
CA ASP D 233 -10.45 -18.59 27.95
C ASP D 233 -9.44 -18.73 26.83
N TYR D 234 -9.63 -18.01 25.73
CA TYR D 234 -8.64 -18.15 24.66
C TYR D 234 -7.69 -16.96 24.76
N SER D 235 -7.79 -16.20 25.86
CA SER D 235 -6.83 -15.06 25.98
C SER D 235 -6.30 -15.05 27.43
N HIS D 236 -5.90 -16.21 27.93
CA HIS D 236 -5.45 -16.26 29.36
C HIS D 236 -4.16 -15.51 29.63
N LEU D 237 -3.21 -15.39 28.68
CA LEU D 237 -2.01 -14.65 28.97
C LEU D 237 -2.30 -13.15 29.05
N THR D 238 -3.13 -12.64 28.16
CA THR D 238 -3.48 -11.22 28.12
C THR D 238 -4.31 -10.89 29.36
N ASN D 239 -5.31 -11.75 29.65
CA ASN D 239 -6.11 -11.48 30.84
C ASN D 239 -5.24 -11.43 32.11
N ASP D 240 -4.34 -12.39 32.23
CA ASP D 240 -3.47 -12.47 33.41
C ASP D 240 -2.64 -11.19 33.59
N LEU D 241 -2.01 -10.73 32.53
CA LEU D 241 -1.12 -9.58 32.62
C LEU D 241 -1.83 -8.25 32.82
N VAL D 242 -2.84 -7.97 31.98
CA VAL D 242 -3.62 -6.74 32.08
C VAL D 242 -4.31 -6.69 33.46
N GLY D 243 -4.91 -7.81 33.83
CA GLY D 243 -5.61 -7.94 35.13
C GLY D 243 -4.64 -7.69 36.30
N ALA D 244 -3.46 -8.29 36.28
CA ALA D 244 -2.46 -8.07 37.32
C ALA D 244 -2.11 -6.60 37.45
N ILE D 245 -1.81 -5.92 36.34
CA ILE D 245 -1.45 -4.52 36.36
C ILE D 245 -2.64 -3.67 36.85
N LYS D 246 -3.87 -4.04 36.52
CA LYS D 246 -5.01 -3.29 37.06
C LYS D 246 -5.13 -3.40 38.58
N LYS D 247 -4.72 -4.53 39.14
CA LYS D 247 -4.78 -4.75 40.57
C LYS D 247 -3.56 -4.18 41.30
N GLY D 248 -2.60 -3.60 40.60
CA GLY D 248 -1.40 -3.03 41.14
C GLY D 248 -0.32 -4.05 41.47
N ASP D 249 -0.46 -5.26 40.96
CA ASP D 249 0.52 -6.32 41.21
C ASP D 249 1.52 -6.33 40.05
N PHE D 250 2.40 -5.35 40.04
CA PHE D 250 3.32 -5.16 38.93
C PHE D 250 4.40 -6.21 38.84
N PRO D 251 4.52 -6.88 37.71
CA PRO D 251 5.53 -7.93 37.55
C PRO D 251 6.88 -7.26 37.32
N LYS D 252 7.90 -7.95 37.79
CA LYS D 252 9.27 -7.49 37.69
C LYS D 252 10.20 -8.60 37.24
N TRP D 253 11.28 -8.17 36.58
CA TRP D 253 12.36 -9.02 36.12
C TRP D 253 13.72 -8.34 36.36
N ASP D 254 14.64 -9.14 36.90
CA ASP D 254 16.00 -8.64 37.09
C ASP D 254 16.76 -8.92 35.83
N LEU D 255 17.58 -7.96 35.36
CA LEU D 255 18.36 -8.24 34.16
C LEU D 255 19.76 -8.75 34.47
N TYR D 256 20.17 -9.87 33.86
CA TYR D 256 21.51 -10.40 34.11
C TYR D 256 22.32 -10.51 32.84
N VAL D 257 23.64 -10.43 32.94
CA VAL D 257 24.47 -10.56 31.75
C VAL D 257 25.49 -11.70 31.97
N GLN D 258 25.83 -12.44 30.92
CA GLN D 258 26.94 -13.37 30.98
C GLN D 258 27.96 -12.82 29.98
N VAL D 259 29.24 -12.76 30.33
CA VAL D 259 30.24 -12.10 29.49
C VAL D 259 31.44 -12.89 29.03
N LEU D 260 31.80 -12.86 27.75
CA LEU D 260 33.06 -13.44 27.29
C LEU D 260 33.87 -12.40 26.51
N LYS D 261 35.21 -12.50 26.58
CA LYS D 261 36.12 -11.69 25.79
C LYS D 261 36.25 -12.40 24.43
N PRO D 262 36.61 -11.66 23.40
CA PRO D 262 36.74 -12.16 22.05
C PRO D 262 37.72 -13.35 21.99
N GLU D 263 38.81 -13.29 22.74
CA GLU D 263 39.78 -14.37 22.72
C GLU D 263 39.29 -15.64 23.41
N GLU D 264 38.22 -15.62 24.19
CA GLU D 264 37.72 -16.86 24.77
C GLU D 264 36.81 -17.61 23.81
N LEU D 265 36.29 -17.02 22.75
CA LEU D 265 35.38 -17.72 21.85
C LEU D 265 35.90 -19.02 21.28
N ALA D 266 37.13 -19.07 20.76
CA ALA D 266 37.63 -20.32 20.18
C ALA D 266 37.97 -21.44 21.14
N LYS D 267 37.95 -21.23 22.46
CA LYS D 267 38.36 -22.27 23.40
C LYS D 267 37.29 -23.33 23.65
N PHE D 268 36.02 -23.02 23.44
CA PHE D 268 34.95 -23.96 23.75
C PHE D 268 34.79 -25.10 22.77
N ASP D 269 34.04 -26.13 23.20
CA ASP D 269 33.81 -27.31 22.37
C ASP D 269 32.61 -27.11 21.45
N PHE D 270 31.85 -26.04 21.73
CA PHE D 270 30.75 -25.64 20.86
C PHE D 270 31.11 -24.21 20.41
N ASP D 271 30.34 -23.67 19.48
CA ASP D 271 30.59 -22.28 19.04
C ASP D 271 29.74 -21.39 19.90
N PRO D 272 30.30 -20.46 20.67
CA PRO D 272 29.55 -19.58 21.53
C PRO D 272 28.61 -18.65 20.77
N LEU D 273 28.78 -18.45 19.47
CA LEU D 273 27.82 -17.63 18.72
C LEU D 273 26.77 -18.43 17.96
N ASP D 274 26.60 -19.71 18.32
CA ASP D 274 25.61 -20.61 17.73
C ASP D 274 24.33 -20.31 18.52
N ALA D 275 23.26 -19.82 17.91
CA ALA D 275 22.00 -19.52 18.59
C ALA D 275 21.23 -20.72 19.13
N THR D 276 21.72 -21.97 18.89
CA THR D 276 21.10 -23.16 19.42
C THR D 276 21.79 -23.58 20.74
N LYS D 277 22.65 -22.72 21.29
CA LYS D 277 23.40 -23.07 22.50
C LYS D 277 23.27 -22.06 23.64
N ILE D 278 23.16 -22.57 24.85
CA ILE D 278 23.32 -21.78 26.04
C ILE D 278 24.83 -21.78 26.40
N TRP D 279 25.23 -20.93 27.34
CA TRP D 279 26.61 -20.88 27.87
C TRP D 279 26.57 -21.44 29.29
N PRO D 280 26.75 -22.73 29.44
CA PRO D 280 26.52 -23.41 30.69
C PRO D 280 27.38 -22.95 31.85
N ASP D 281 28.65 -22.61 31.66
CA ASP D 281 29.38 -22.34 32.93
C ASP D 281 29.84 -20.89 33.08
N VAL D 282 29.27 -19.97 32.31
CA VAL D 282 29.72 -18.58 32.46
C VAL D 282 28.85 -17.92 33.52
N PRO D 283 29.42 -17.37 34.55
CA PRO D 283 28.67 -16.75 35.62
C PRO D 283 27.80 -15.60 35.13
N GLU D 284 26.69 -15.37 35.86
CA GLU D 284 25.81 -14.25 35.52
C GLU D 284 26.02 -13.12 36.52
N LYS D 285 25.85 -11.90 36.05
CA LYS D 285 25.98 -10.68 36.83
C LYS D 285 24.73 -9.79 36.66
N LYS D 286 24.16 -9.34 37.77
CA LYS D 286 22.94 -8.54 37.71
C LYS D 286 23.27 -7.10 37.34
N ILE D 287 22.50 -6.56 36.39
CA ILE D 287 22.77 -5.20 35.97
C ILE D 287 21.58 -4.27 36.05
N GLY D 288 20.40 -4.75 36.45
CA GLY D 288 19.24 -3.86 36.49
C GLY D 288 17.97 -4.63 36.83
N GLN D 289 16.90 -3.88 36.88
CA GLN D 289 15.56 -4.39 37.17
C GLN D 289 14.51 -3.61 36.39
N MET D 290 13.57 -4.33 35.76
CA MET D 290 12.47 -3.72 35.04
C MET D 290 11.16 -4.05 35.76
N VAL D 291 10.23 -3.13 35.83
CA VAL D 291 8.92 -3.32 36.41
C VAL D 291 7.95 -2.86 35.30
N LEU D 292 6.92 -3.65 35.06
CA LEU D 292 5.90 -3.28 34.08
C LEU D 292 4.66 -2.90 34.93
N ASN D 293 4.32 -1.62 34.83
CA ASN D 293 3.25 -1.16 35.72
C ASN D 293 2.17 -0.32 35.08
N LYS D 294 2.05 -0.34 33.77
CA LYS D 294 1.00 0.47 33.17
C LYS D 294 0.42 -0.25 31.94
N ASN D 295 -0.91 -0.31 31.89
CA ASN D 295 -1.51 -0.80 30.63
C ASN D 295 -1.49 0.24 29.54
N VAL D 296 -1.62 -0.19 28.27
CA VAL D 296 -1.77 0.73 27.17
C VAL D 296 -3.09 1.49 27.15
N ASP D 297 -3.13 2.60 26.45
CA ASP D 297 -4.37 3.39 26.30
C ASP D 297 -5.24 2.91 25.13
N ASN D 298 -4.54 2.50 24.06
CA ASN D 298 -5.24 2.02 22.86
C ASN D 298 -4.44 0.90 22.20
N PHE D 299 -5.07 -0.27 22.10
CA PHE D 299 -4.36 -1.46 21.61
C PHE D 299 -3.76 -1.24 20.23
N PHE D 300 -4.58 -0.70 19.31
CA PHE D 300 -4.05 -0.56 17.95
C PHE D 300 -2.92 0.44 17.86
N GLN D 301 -3.14 1.65 18.47
CA GLN D 301 -2.07 2.65 18.29
C GLN D 301 -0.76 2.30 18.98
N GLU D 302 -0.81 1.54 20.05
CA GLU D 302 0.40 1.18 20.79
C GLU D 302 0.84 -0.25 20.52
N THR D 303 0.15 -1.26 20.98
CA THR D 303 0.56 -2.66 20.82
C THR D 303 0.63 -3.12 19.36
N GLU D 304 -0.37 -2.77 18.53
CA GLU D 304 -0.32 -3.26 17.15
C GLU D 304 0.74 -2.48 16.40
N GLN D 305 0.85 -1.15 16.63
CA GLN D 305 1.82 -0.39 15.79
C GLN D 305 3.27 -0.33 16.26
N VAL D 306 3.61 -0.85 17.42
CA VAL D 306 4.97 -0.84 17.93
C VAL D 306 5.92 -1.62 17.01
N ALA D 307 7.04 -1.06 16.70
CA ALA D 307 8.05 -1.64 15.80
C ALA D 307 9.27 -2.02 16.61
N MET D 308 9.40 -3.29 16.97
CA MET D 308 10.58 -3.80 17.70
C MET D 308 11.60 -4.29 16.67
N ALA D 309 12.85 -3.87 16.75
CA ALA D 309 13.81 -4.35 15.74
C ALA D 309 15.21 -4.43 16.31
N PRO D 310 15.93 -5.51 16.19
CA PRO D 310 17.32 -5.60 16.68
C PRO D 310 18.20 -4.55 16.03
N ALA D 311 17.84 -3.96 14.89
CA ALA D 311 18.57 -2.91 14.21
C ALA D 311 18.52 -1.60 15.02
N ASN D 312 17.52 -1.48 15.92
CA ASN D 312 17.47 -0.25 16.74
C ASN D 312 18.50 -0.35 17.87
N LEU D 313 19.72 0.10 17.58
CA LEU D 313 20.86 0.01 18.48
C LEU D 313 21.39 1.42 18.85
N VAL D 314 22.09 1.49 19.96
CA VAL D 314 22.71 2.72 20.44
C VAL D 314 24.23 2.44 20.55
N PRO D 315 25.04 3.46 20.47
CA PRO D 315 26.49 3.33 20.49
C PRO D 315 26.88 2.63 21.77
N GLY D 316 27.63 1.53 21.63
CA GLY D 316 27.98 0.78 22.88
C GLY D 316 27.34 -0.62 22.80
N ILE D 317 26.40 -0.77 21.84
CA ILE D 317 25.73 -2.08 21.65
C ILE D 317 25.66 -2.38 20.15
N GLU D 318 26.20 -3.53 19.78
CA GLU D 318 26.23 -3.95 18.40
C GLU D 318 25.89 -5.43 18.31
N PRO D 319 25.54 -5.87 17.10
CA PRO D 319 25.31 -7.27 16.84
C PRO D 319 26.62 -8.06 16.89
N SER D 320 26.52 -9.32 17.28
CA SER D 320 27.69 -10.19 17.16
C SER D 320 27.59 -10.78 15.74
N GLU D 321 28.53 -11.66 15.46
CA GLU D 321 28.53 -12.37 14.18
C GLU D 321 27.68 -13.63 14.23
N ASP D 322 26.84 -13.83 15.24
CA ASP D 322 25.88 -14.96 15.21
C ASP D 322 25.13 -14.83 13.89
N ARG D 323 25.15 -15.83 13.01
CA ARG D 323 24.52 -15.78 11.72
C ARG D 323 22.99 -15.71 11.77
N LEU D 324 22.38 -16.05 12.89
CA LEU D 324 20.93 -15.91 13.00
C LEU D 324 20.60 -14.44 13.26
N LEU D 325 21.34 -13.87 14.22
CA LEU D 325 21.17 -12.46 14.54
C LEU D 325 21.45 -11.54 13.38
N GLN D 326 22.48 -11.82 12.58
CA GLN D 326 22.82 -11.05 11.40
C GLN D 326 21.60 -10.90 10.51
N GLY D 327 20.80 -11.93 10.19
CA GLY D 327 19.63 -11.66 9.33
C GLY D 327 18.54 -10.90 10.03
N ARG D 328 18.44 -11.04 11.37
CA ARG D 328 17.48 -10.28 12.14
C ARG D 328 17.74 -8.79 12.09
N VAL D 329 18.99 -8.38 11.91
CA VAL D 329 19.35 -6.96 11.79
C VAL D 329 18.71 -6.37 10.57
N PHE D 330 18.49 -7.13 9.49
CA PHE D 330 17.78 -6.65 8.32
C PHE D 330 16.26 -6.81 8.36
N SER D 331 15.78 -7.99 8.69
CA SER D 331 14.39 -8.41 8.56
C SER D 331 13.33 -7.60 9.26
N TYR D 332 13.57 -7.19 10.49
CA TYR D 332 12.53 -6.46 11.24
C TYR D 332 12.31 -5.06 10.71
N ALA D 333 13.40 -4.32 10.44
CA ALA D 333 13.23 -2.99 9.83
C ALA D 333 12.61 -3.14 8.46
N ASP D 334 12.99 -4.18 7.72
CA ASP D 334 12.42 -4.35 6.37
C ASP D 334 10.95 -4.64 6.48
N THR D 335 10.54 -5.63 7.26
CA THR D 335 9.09 -5.94 7.34
C THR D 335 8.33 -4.71 7.84
N GLN D 336 8.88 -3.93 8.78
CA GLN D 336 8.20 -2.75 9.31
C GLN D 336 8.03 -1.61 8.30
N MET D 337 8.88 -1.47 7.30
CA MET D 337 8.69 -0.55 6.18
C MET D 337 7.41 -0.97 5.41
N TYR D 338 7.12 -2.31 5.37
CA TYR D 338 5.89 -2.72 4.69
C TYR D 338 4.70 -2.70 5.64
N ARG D 339 4.82 -3.27 6.84
CA ARG D 339 3.65 -3.44 7.74
C ARG D 339 3.08 -2.09 8.19
N LEU D 340 4.01 -1.21 8.53
CA LEU D 340 3.69 0.14 8.96
C LEU D 340 3.84 1.10 7.79
N GLY D 341 5.05 1.21 7.24
CA GLY D 341 5.30 2.21 6.17
C GLY D 341 6.67 2.84 6.41
N ALA D 342 7.17 3.58 5.43
CA ALA D 342 8.44 4.31 5.58
C ALA D 342 8.39 5.26 6.77
N ASN D 343 7.22 5.84 7.12
CA ASN D 343 7.18 6.74 8.28
C ASN D 343 6.79 6.07 9.59
N GLY D 344 6.91 4.74 9.68
CA GLY D 344 6.49 3.96 10.85
C GLY D 344 7.26 4.36 12.11
N LEU D 345 8.55 4.75 11.95
CA LEU D 345 9.31 5.08 13.14
C LEU D 345 8.91 6.43 13.72
N SER D 346 8.09 7.22 13.02
CA SER D 346 7.62 8.49 13.53
C SER D 346 6.29 8.42 14.29
N LEU D 347 5.71 7.23 14.38
CA LEU D 347 4.47 7.10 15.17
C LEU D 347 4.83 7.24 16.64
N PRO D 348 3.95 7.78 17.46
CA PRO D 348 4.13 8.08 18.85
C PRO D 348 4.81 6.97 19.64
N VAL D 349 4.31 5.73 19.50
CA VAL D 349 4.94 4.64 20.30
C VAL D 349 6.36 4.32 19.84
N ASN D 350 6.73 4.62 18.59
CA ASN D 350 8.05 4.30 18.09
C ASN D 350 9.06 5.46 18.20
N GLN D 351 8.60 6.66 18.50
CA GLN D 351 9.53 7.79 18.53
C GLN D 351 10.50 7.70 19.70
N PRO D 352 11.74 8.13 19.46
CA PRO D 352 12.73 8.15 20.50
C PRO D 352 12.44 9.35 21.41
N LYS D 353 13.04 9.43 22.58
CA LYS D 353 12.89 10.54 23.49
C LYS D 353 14.05 11.52 23.36
N VAL D 354 14.76 11.50 22.26
CA VAL D 354 15.84 12.37 21.89
C VAL D 354 15.52 12.89 20.49
N ALA D 355 16.20 13.93 20.05
CA ALA D 355 16.06 14.57 18.76
C ALA D 355 16.45 13.64 17.62
N VAL D 356 15.76 13.70 16.50
CA VAL D 356 16.09 12.93 15.30
C VAL D 356 16.55 14.01 14.31
N ASN D 357 17.66 13.83 13.62
CA ASN D 357 18.14 14.87 12.72
C ASN D 357 18.86 14.25 11.55
N ASN D 358 18.24 14.13 10.37
CA ASN D 358 18.87 13.50 9.23
C ASN D 358 18.22 13.96 7.96
N GLY D 359 18.52 13.38 6.83
CA GLY D 359 18.00 13.77 5.53
C GLY D 359 16.94 12.83 5.00
N ASN D 360 16.48 11.88 5.82
CA ASN D 360 15.42 10.98 5.37
C ASN D 360 14.11 11.75 5.25
N GLN D 361 13.40 11.56 4.13
CA GLN D 361 12.21 12.39 3.95
C GLN D 361 11.06 11.72 3.20
N ASP D 362 9.99 12.54 3.12
CA ASP D 362 8.85 12.16 2.30
C ASP D 362 8.29 10.80 2.75
N GLY D 363 7.82 10.03 1.79
CA GLY D 363 7.20 8.74 2.12
C GLY D 363 5.74 8.94 2.52
N ALA D 364 4.98 7.84 2.48
CA ALA D 364 3.54 7.96 2.80
C ALA D 364 3.24 8.46 4.20
N LEU D 365 2.28 9.40 4.29
CA LEU D 365 1.76 10.04 5.46
C LEU D 365 2.84 10.68 6.29
N ASN D 366 3.54 11.59 5.60
CA ASN D 366 4.61 12.30 6.32
C ASN D 366 4.03 13.39 7.20
N THR D 367 4.19 13.32 8.50
CA THR D 367 3.53 14.29 9.38
C THR D 367 4.45 15.40 9.88
N GLY D 368 5.62 15.59 9.26
CA GLY D 368 6.60 16.53 9.73
C GLY D 368 6.26 17.98 9.32
N HIS D 369 7.14 18.83 9.81
CA HIS D 369 7.03 20.25 9.50
C HIS D 369 8.44 20.72 9.08
N THR D 370 8.83 20.42 7.86
CA THR D 370 10.19 20.78 7.40
C THR D 370 10.22 22.18 6.81
N THR D 371 11.29 22.97 7.07
CA THR D 371 11.38 24.29 6.48
C THR D 371 12.69 24.44 5.68
N SER D 372 13.69 23.66 6.05
CA SER D 372 14.99 23.80 5.38
C SER D 372 15.00 23.34 3.95
N GLY D 373 16.00 23.79 3.17
CA GLY D 373 16.21 23.35 1.80
C GLY D 373 17.38 22.34 1.80
N VAL D 374 17.95 22.08 2.96
CA VAL D 374 19.09 21.17 3.07
C VAL D 374 18.65 19.79 3.60
N ASN D 375 18.38 18.91 2.65
CA ASN D 375 18.05 17.52 3.00
C ASN D 375 19.18 16.59 2.55
N TYR D 376 20.42 17.12 2.46
CA TYR D 376 21.61 16.38 2.08
C TYR D 376 22.75 16.70 3.07
N GLU D 377 23.71 15.78 3.12
CA GLU D 377 24.88 15.89 3.99
C GLU D 377 26.02 15.27 3.16
N PRO D 378 27.14 15.96 3.15
CA PRO D 378 27.40 17.16 3.89
C PRO D 378 26.95 18.45 3.22
N SER D 379 26.85 19.46 4.06
CA SER D 379 26.47 20.81 3.67
C SER D 379 27.29 21.82 4.47
N ARG D 380 27.72 22.91 3.82
CA ARG D 380 28.45 23.92 4.59
C ARG D 380 27.46 25.01 5.02
N LEU D 381 26.23 24.91 4.51
CA LEU D 381 25.18 25.87 4.86
C LEU D 381 24.43 25.41 6.09
N GLU D 382 24.09 24.09 6.10
CA GLU D 382 23.44 23.54 7.29
C GLU D 382 24.03 22.16 7.61
N PRO D 383 25.19 22.19 8.28
CA PRO D 383 25.92 20.99 8.60
C PRO D 383 25.22 20.08 9.58
N ARG D 384 25.44 18.77 9.42
CA ARG D 384 24.94 17.74 10.35
C ARG D 384 26.12 16.78 10.53
N PRO D 385 27.07 17.15 11.35
CA PRO D 385 28.27 16.37 11.60
C PRO D 385 28.04 15.01 12.26
N ALA D 386 28.83 14.04 11.82
CA ALA D 386 28.83 12.74 12.53
C ALA D 386 29.58 12.88 13.83
N ASP D 387 29.48 11.86 14.68
CA ASP D 387 30.16 11.84 15.99
C ASP D 387 31.22 10.76 15.92
N ASP D 388 32.51 11.10 15.80
CA ASP D 388 33.54 10.07 15.67
C ASP D 388 33.58 9.05 16.78
N LYS D 389 33.08 9.30 17.97
CA LYS D 389 33.00 8.34 19.07
C LYS D 389 31.95 7.28 18.78
N ALA D 390 31.10 7.49 17.76
CA ALA D 390 30.05 6.51 17.48
C ALA D 390 30.41 5.60 16.32
N ARG D 391 31.66 5.58 15.87
CA ARG D 391 32.04 4.72 14.76
C ARG D 391 31.91 3.27 15.22
N TYR D 392 31.59 2.37 14.32
CA TYR D 392 31.44 0.95 14.72
C TYR D 392 32.78 0.37 15.22
N SER D 393 32.75 -0.68 16.00
CA SER D 393 33.96 -1.38 16.45
C SER D 393 34.56 -2.10 15.24
N GLU D 394 35.87 -2.36 15.23
CA GLU D 394 36.55 -3.04 14.14
C GLU D 394 36.90 -4.49 14.47
N LEU D 395 36.34 -5.39 13.66
CA LEU D 395 36.56 -6.84 13.91
C LEU D 395 37.58 -7.36 12.92
N PRO D 396 38.61 -8.03 13.37
CA PRO D 396 39.64 -8.59 12.51
C PRO D 396 39.05 -9.72 11.69
N LEU D 397 39.46 -9.82 10.43
CA LEU D 397 38.99 -10.78 9.46
C LEU D 397 40.08 -11.72 8.98
N SER D 398 39.65 -12.89 8.49
CA SER D 398 40.62 -13.82 7.91
C SER D 398 39.84 -14.80 7.04
N GLY D 399 40.50 -15.58 6.22
CA GLY D 399 39.82 -16.55 5.39
C GLY D 399 39.32 -15.90 4.10
N THR D 400 38.17 -16.36 3.61
CA THR D 400 37.61 -15.82 2.38
C THR D 400 36.11 -15.61 2.57
N THR D 401 35.52 -14.93 1.59
CA THR D 401 34.03 -14.87 1.61
C THR D 401 33.62 -16.33 1.45
N GLN D 402 32.54 -16.82 2.09
CA GLN D 402 32.25 -18.22 2.01
C GLN D 402 30.78 -18.53 2.33
N GLN D 403 30.42 -19.72 1.95
CA GLN D 403 29.07 -20.28 2.23
C GLN D 403 29.29 -21.66 2.84
N ALA D 404 29.49 -21.72 4.16
CA ALA D 404 29.80 -23.01 4.80
C ALA D 404 29.32 -22.99 6.22
N LYS D 405 28.79 -24.12 6.69
CA LYS D 405 28.28 -24.17 8.05
C LYS D 405 29.38 -24.01 9.09
N ILE D 406 28.96 -23.66 10.30
CA ILE D 406 29.98 -23.51 11.36
C ILE D 406 30.63 -24.86 11.66
N THR D 407 31.89 -24.83 12.11
CA THR D 407 32.54 -26.12 12.34
C THR D 407 32.28 -26.83 13.63
N ARG D 408 31.93 -26.25 14.76
CA ARG D 408 31.74 -27.10 15.96
C ARG D 408 30.23 -27.17 16.17
N GLU D 409 29.49 -28.20 15.85
CA GLU D 409 28.04 -28.08 16.02
C GLU D 409 27.51 -28.57 17.35
N GLN D 410 28.05 -29.67 17.89
CA GLN D 410 27.53 -30.24 19.15
C GLN D 410 26.01 -30.19 19.23
N ASN D 411 25.33 -30.93 18.33
CA ASN D 411 23.87 -30.74 18.26
C ASN D 411 23.09 -31.47 19.32
N PHE D 412 23.66 -32.44 20.04
CA PHE D 412 22.81 -33.24 20.93
C PHE D 412 23.17 -33.13 22.41
N LYS D 413 24.34 -32.64 22.82
CA LYS D 413 24.73 -32.62 24.24
C LYS D 413 23.84 -31.78 25.14
N GLN D 414 23.64 -30.50 24.79
CA GLN D 414 22.81 -29.63 25.64
C GLN D 414 21.38 -30.09 25.68
N ALA D 415 20.84 -30.68 24.58
CA ALA D 415 19.46 -31.20 24.63
C ALA D 415 19.35 -32.33 25.65
N GLY D 416 20.38 -33.19 25.64
CA GLY D 416 20.41 -34.30 26.60
C GLY D 416 20.45 -33.76 28.02
N ASP D 417 21.35 -32.80 28.27
CA ASP D 417 21.41 -32.21 29.63
C ASP D 417 20.09 -31.55 30.02
N LEU D 418 19.40 -30.86 29.09
CA LEU D 418 18.09 -30.30 29.45
C LEU D 418 17.07 -31.37 29.78
N TYR D 419 17.02 -32.45 28.95
CA TYR D 419 16.10 -33.55 29.21
C TYR D 419 16.34 -34.09 30.63
N ARG D 420 17.60 -34.39 30.94
CA ARG D 420 17.95 -34.96 32.24
C ARG D 420 17.70 -34.06 33.45
N SER D 421 17.61 -32.77 33.25
CA SER D 421 17.34 -31.75 34.27
C SER D 421 15.86 -31.75 34.63
N TYR D 422 14.99 -32.30 33.76
CA TYR D 422 13.55 -32.30 34.03
C TYR D 422 13.14 -33.27 35.11
N SER D 423 12.09 -32.88 35.86
CA SER D 423 11.56 -33.81 36.88
C SER D 423 10.93 -34.99 36.17
N ALA D 424 10.58 -36.06 36.88
CA ALA D 424 9.89 -37.19 36.25
C ALA D 424 8.60 -36.71 35.55
N LYS D 425 7.78 -35.92 36.22
CA LYS D 425 6.52 -35.44 35.65
C LYS D 425 6.77 -34.56 34.42
N GLU D 426 7.82 -33.74 34.47
CA GLU D 426 8.12 -32.93 33.30
C GLU D 426 8.51 -33.82 32.13
N LYS D 427 9.33 -34.84 32.36
CA LYS D 427 9.73 -35.71 31.25
C LYS D 427 8.52 -36.40 30.65
N THR D 428 7.63 -36.89 31.49
CA THR D 428 6.43 -37.56 31.02
C THR D 428 5.62 -36.68 30.10
N ASP D 429 5.38 -35.44 30.50
CA ASP D 429 4.59 -34.53 29.64
C ASP D 429 5.30 -34.22 28.35
N LEU D 430 6.63 -34.05 28.39
CA LEU D 430 7.40 -33.77 27.17
C LEU D 430 7.34 -34.97 26.19
N VAL D 431 7.53 -36.16 26.73
CA VAL D 431 7.51 -37.37 25.90
C VAL D 431 6.16 -37.58 25.24
N GLN D 432 5.07 -37.41 25.94
CA GLN D 432 3.73 -37.63 25.37
C GLN D 432 3.37 -36.53 24.38
N LYS D 433 3.75 -35.29 24.69
CA LYS D 433 3.45 -34.20 23.75
C LYS D 433 4.28 -34.28 22.50
N PHE D 434 5.59 -34.55 22.62
CA PHE D 434 6.41 -34.67 21.41
C PHE D 434 5.92 -35.86 20.58
N GLY D 435 5.71 -36.99 21.30
CA GLY D 435 5.31 -38.20 20.53
C GLY D 435 4.00 -38.03 19.81
N GLU D 436 3.03 -37.37 20.45
CA GLU D 436 1.72 -37.17 19.81
C GLU D 436 1.86 -36.32 18.58
N SER D 437 2.72 -35.31 18.66
CA SER D 437 2.99 -34.40 17.56
C SER D 437 3.71 -35.07 16.39
N LEU D 438 4.55 -36.07 16.64
CA LEU D 438 5.35 -36.72 15.64
C LEU D 438 4.69 -37.96 15.06
N ALA D 439 3.60 -38.41 15.69
CA ALA D 439 3.03 -39.72 15.32
C ALA D 439 2.65 -39.85 13.88
N ASP D 440 2.22 -38.80 13.13
CA ASP D 440 1.90 -39.18 11.75
C ASP D 440 2.87 -38.59 10.74
N THR D 441 4.10 -38.37 11.19
CA THR D 441 5.15 -37.93 10.25
C THR D 441 5.55 -39.07 9.31
N LEU D 442 6.02 -38.75 8.12
CA LEU D 442 6.45 -39.82 7.19
C LEU D 442 7.52 -40.63 7.91
N THR D 443 7.55 -41.94 7.68
CA THR D 443 8.42 -42.87 8.39
C THR D 443 9.89 -42.47 8.32
N GLU D 444 10.40 -42.12 7.16
CA GLU D 444 11.83 -41.79 7.12
C GLU D 444 12.11 -40.59 8.02
N SER D 445 11.43 -39.47 7.85
CA SER D 445 11.68 -38.32 8.73
C SER D 445 11.45 -38.69 10.18
N LYS D 446 10.43 -39.44 10.54
CA LYS D 446 10.08 -39.82 11.90
C LYS D 446 11.24 -40.54 12.62
N ASN D 447 11.84 -41.53 11.94
CA ASN D 447 12.96 -42.26 12.56
C ASN D 447 14.21 -41.40 12.63
N ILE D 448 14.42 -40.52 11.67
CA ILE D 448 15.56 -39.59 11.79
C ILE D 448 15.31 -38.65 12.97
N MET D 449 14.11 -38.05 13.12
CA MET D 449 13.90 -37.16 14.30
C MET D 449 14.16 -37.91 15.60
N LEU D 450 13.63 -39.13 15.66
CA LEU D 450 13.77 -39.93 16.87
C LEU D 450 15.23 -40.31 17.12
N SER D 451 16.06 -40.48 16.08
CA SER D 451 17.48 -40.71 16.29
C SER D 451 18.16 -39.54 16.98
N TYR D 452 17.73 -38.30 16.67
CA TYR D 452 18.29 -37.15 17.35
C TYR D 452 17.92 -37.13 18.82
N LEU D 453 16.68 -37.44 19.18
CA LEU D 453 16.26 -37.48 20.56
C LEU D 453 16.99 -38.63 21.30
N TYR D 454 17.17 -39.76 20.66
CA TYR D 454 17.91 -40.88 21.29
C TYR D 454 19.36 -40.56 21.55
N LYS D 455 19.98 -39.82 20.63
CA LYS D 455 21.41 -39.44 20.74
C LYS D 455 21.49 -38.41 21.88
N GLU D 456 20.48 -37.55 22.03
CA GLU D 456 20.46 -36.64 23.19
C GLU D 456 20.37 -37.43 24.52
N ASP D 457 19.47 -38.41 24.59
CA ASP D 457 19.36 -39.30 25.78
C ASP D 457 18.55 -40.51 25.38
N PRO D 458 19.02 -41.73 25.62
CA PRO D 458 18.36 -42.95 25.20
C PRO D 458 16.98 -43.12 25.80
N ASN D 459 16.71 -42.59 26.99
CA ASN D 459 15.39 -42.72 27.61
C ASN D 459 14.40 -41.81 26.87
N TYR D 460 14.88 -40.59 26.58
CA TYR D 460 14.08 -39.61 25.83
C TYR D 460 13.65 -40.23 24.49
N GLY D 461 14.63 -40.58 23.69
CA GLY D 461 14.33 -41.16 22.35
C GLY D 461 13.48 -42.41 22.39
N THR D 462 13.74 -43.32 23.33
CA THR D 462 13.02 -44.59 23.41
C THR D 462 11.57 -44.26 23.74
N ARG D 463 11.31 -43.39 24.71
CA ARG D 463 9.93 -43.13 25.07
C ARG D 463 9.20 -42.37 23.97
N VAL D 464 9.85 -41.40 23.32
CA VAL D 464 9.07 -40.69 22.25
C VAL D 464 8.85 -41.65 21.07
N ALA D 465 9.83 -42.52 20.80
CA ALA D 465 9.69 -43.49 19.71
C ALA D 465 8.55 -44.49 19.97
N GLU D 466 8.22 -44.79 21.21
CA GLU D 466 7.05 -45.62 21.52
C GLU D 466 5.74 -44.85 21.27
N VAL D 467 5.62 -43.64 21.77
CA VAL D 467 4.43 -42.80 21.57
C VAL D 467 4.16 -42.54 20.10
N ALA D 468 5.20 -42.18 19.31
CA ALA D 468 5.10 -41.85 17.92
C ALA D 468 5.06 -43.08 16.96
N LYS D 469 5.26 -44.23 17.53
CA LYS D 469 5.33 -45.48 16.76
C LYS D 469 6.43 -45.46 15.70
N GLY D 470 7.63 -45.11 16.13
CA GLY D 470 8.78 -45.15 15.24
C GLY D 470 9.38 -46.58 15.36
N ASP D 471 10.44 -46.85 14.61
CA ASP D 471 11.04 -48.20 14.59
C ASP D 471 12.32 -48.16 15.41
N LEU D 472 12.24 -48.67 16.63
CA LEU D 472 13.35 -48.53 17.58
C LEU D 472 14.66 -49.04 17.09
N SER D 473 14.72 -50.20 16.39
CA SER D 473 15.98 -50.69 15.88
C SER D 473 16.57 -49.74 14.84
N LYS D 474 15.76 -49.13 13.98
CA LYS D 474 16.26 -48.18 12.99
C LYS D 474 16.71 -46.91 13.73
N VAL D 475 15.94 -46.51 14.74
CA VAL D 475 16.33 -45.32 15.54
C VAL D 475 17.72 -45.51 16.14
N LYS D 476 17.98 -46.66 16.77
CA LYS D 476 19.29 -46.92 17.37
C LYS D 476 20.40 -47.00 16.34
N SER D 477 20.15 -47.61 15.19
CA SER D 477 21.26 -47.70 14.21
C SER D 477 21.56 -46.37 13.55
N LEU D 478 20.57 -45.53 13.30
CA LEU D 478 20.76 -44.17 12.87
C LEU D 478 21.50 -43.39 13.97
N ALA D 479 21.11 -43.52 15.22
CA ALA D 479 21.78 -42.78 16.30
C ALA D 479 23.25 -43.12 16.43
N ALA D 480 23.60 -44.39 16.22
CA ALA D 480 24.99 -44.85 16.28
C ALA D 480 25.93 -44.12 15.35
N SER D 481 25.47 -43.63 14.20
CA SER D 481 26.28 -42.89 13.25
C SER D 481 26.34 -41.39 13.52
N LEU D 482 25.45 -40.91 14.37
CA LEU D 482 25.47 -39.48 14.70
C LEU D 482 26.70 -39.16 15.52
N LYS D 483 27.34 -38.04 15.22
CA LYS D 483 28.55 -37.64 15.96
C LYS D 483 28.16 -36.66 17.05
N ASP D 484 28.83 -36.73 18.18
CA ASP D 484 28.56 -35.83 19.30
C ASP D 484 28.72 -34.42 18.75
#